data_1OD2
#
_entry.id   1OD2
#
_cell.length_a   92.870
_cell.length_b   138.130
_cell.length_c   101.400
_cell.angle_alpha   90.00
_cell.angle_beta   114.42
_cell.angle_gamma   90.00
#
_symmetry.space_group_name_H-M   'P 1 21 1'
#
loop_
_entity.id
_entity.type
_entity.pdbx_description
1 polymer 'ACETYL-COENZYME A CARBOXYLASE'
2 non-polymer 'ACETYL COENZYME *A'
3 non-polymer ADENINE
4 water water
#
_entity_poly.entity_id   1
_entity_poly.type   'polypeptide(L)'
_entity_poly.pdbx_seq_one_letter_code
;IKDPQTGAPVPLRALINNVSGYVIKTE(MSE)YTEVKNAKGEWVFKSLGKPGS(MSE)HLRPIATPYPVKEWLQPKRYKA
HL(MSE)GTTYVYDFPELFRQASSSQWKNFSADVKLTDDFFISNELIEDENGELTEVEREPGANAIG(MSE)VAFKITVK
TPEYPRGRQFVVVANDITFKIGSFGPQEDEFFNKVTEYARKRGIPRIYLAANSGARIG(MSE)AEEIVPLFQVAWNDAAN
PDKGFQYLYLTSEG(MSE)ETLKKFDKENSVLTERTVINGEERFVIKTIIGSEDGLGVECLRGSGLIAGATSRAYHDIFT
ITLVTCRSVGIGAYLVRLGQRAIQVEGQPIILTGAPAINK(MSE)LGREVYTSNLQLGGTQI(MSE)YNNGVSHLTAVDD
LAGVEKIVEW(MSE)SYVPAKRN(MSE)PVPILETKDTWDRPVDFTPTNDETYDVRW(MSE)IEGRETESGFEYGLFDKG
SFFETLSGWAKGVVVGRARLGGIPLGVIGVETRTVENLIPADPANPNSAETLIQEPGQVWHPNSAFKTAQAINDFNNGEQ
LP(MSE)(MSE)ILANWRGFSGGQRD(MSE)FNEVLKYGSFIVDALVDYKQPIIIYIPPTGELRGGSWVVVDPTINADQ
(MSE)E(MSE)YADVNARAGVLEPQG(MSE)VGIKFRREKLLDT(MSE)NRLDDKYRELRSQLSNKSLAPEVHQQISKQL
ADRERELLPIYGQISLQFADLHDRSSR(MSE)VAKGVISKELEWTEARRFFFWRLRRRLNEEYLIKRLSHQVGEASRLEK
IARIRSWYPASVDHEDDRQVATWIEENYKTLDDKLKGLKLESFAQDLAKKIRSDHDNAIDGLSEVIK(MSE)LSTDDKEK
LLKTLK
;
_entity_poly.pdbx_strand_id   A,B
#
# COMPACT_ATOMS: atom_id res chain seq x y z
N ALA A 56 -32.97 -17.50 -44.87
CA ALA A 56 -32.80 -17.92 -43.45
C ALA A 56 -31.31 -17.87 -43.18
N THR A 57 -30.82 -16.66 -42.94
CA THR A 57 -29.41 -16.43 -42.67
C THR A 57 -28.59 -17.02 -43.81
N PRO A 58 -27.96 -16.15 -44.60
CA PRO A 58 -27.15 -16.62 -45.71
C PRO A 58 -25.96 -17.46 -45.27
N TYR A 59 -25.69 -17.50 -43.97
CA TYR A 59 -24.57 -18.25 -43.43
C TYR A 59 -24.94 -19.06 -42.19
N PRO A 60 -24.09 -20.01 -41.79
CA PRO A 60 -24.30 -20.86 -40.61
C PRO A 60 -24.56 -20.10 -39.31
N VAL A 61 -25.68 -20.40 -38.64
CA VAL A 61 -25.98 -19.75 -37.37
C VAL A 61 -25.00 -20.32 -36.36
N LYS A 62 -24.09 -19.48 -35.86
CA LYS A 62 -23.07 -19.92 -34.92
C LYS A 62 -23.54 -20.20 -33.50
N GLU A 63 -24.69 -19.67 -33.15
CA GLU A 63 -25.25 -19.88 -31.82
C GLU A 63 -26.04 -21.17 -31.82
N TRP A 64 -26.06 -21.83 -32.97
CA TRP A 64 -26.74 -23.10 -33.11
C TRP A 64 -25.64 -24.16 -33.10
N LEU A 65 -24.63 -23.97 -33.94
CA LEU A 65 -23.51 -24.90 -34.03
C LEU A 65 -22.87 -25.12 -32.66
N GLN A 66 -22.96 -24.07 -31.85
CA GLN A 66 -22.41 -24.09 -30.50
C GLN A 66 -23.39 -23.32 -29.64
N PRO A 67 -24.22 -24.04 -28.88
CA PRO A 67 -25.20 -23.37 -28.01
C PRO A 67 -24.50 -22.55 -26.95
N LYS A 68 -23.32 -23.00 -26.53
CA LYS A 68 -22.54 -22.29 -25.53
C LYS A 68 -22.49 -20.80 -25.89
N ARG A 69 -22.22 -20.53 -27.16
CA ARG A 69 -22.14 -19.18 -27.67
C ARG A 69 -23.40 -18.39 -27.38
N TYR A 70 -24.55 -19.07 -27.48
CA TYR A 70 -25.82 -18.43 -27.20
C TYR A 70 -26.00 -18.15 -25.70
N LYS A 71 -25.57 -19.10 -24.85
CA LYS A 71 -25.68 -18.92 -23.40
C LYS A 71 -24.81 -17.73 -23.00
N ALA A 72 -23.61 -17.68 -23.56
CA ALA A 72 -22.71 -16.59 -23.29
C ALA A 72 -23.44 -15.28 -23.60
N HIS A 73 -23.91 -15.15 -24.85
CA HIS A 73 -24.65 -13.96 -25.27
C HIS A 73 -25.87 -13.74 -24.40
N LEU A 74 -26.53 -14.81 -23.97
CA LEU A 74 -27.70 -14.65 -23.12
C LEU A 74 -27.39 -14.01 -21.78
N GLY A 76 -25.18 -11.65 -21.47
CA GLY A 76 -24.62 -10.35 -21.81
C GLY A 76 -23.12 -10.23 -21.95
N THR A 77 -22.45 -11.25 -22.45
CA THR A 77 -21.01 -11.20 -22.60
C THR A 77 -20.58 -11.97 -23.84
N THR A 78 -19.31 -11.84 -24.22
CA THR A 78 -18.79 -12.52 -25.40
C THR A 78 -18.43 -13.96 -25.10
N TYR A 79 -18.62 -14.84 -26.07
CA TYR A 79 -18.31 -16.25 -25.89
C TYR A 79 -16.81 -16.31 -25.85
N VAL A 80 -16.27 -16.91 -24.81
CA VAL A 80 -14.84 -16.98 -24.64
C VAL A 80 -14.00 -17.35 -25.85
N TYR A 81 -14.46 -18.27 -26.69
CA TYR A 81 -13.63 -18.60 -27.83
C TYR A 81 -13.71 -17.56 -28.93
N ASP A 82 -14.56 -16.56 -28.70
CA ASP A 82 -14.74 -15.48 -29.66
C ASP A 82 -13.92 -14.24 -29.29
N PHE A 83 -13.22 -14.28 -28.15
CA PHE A 83 -12.39 -13.16 -27.72
C PHE A 83 -11.14 -13.01 -28.58
N PRO A 84 -10.54 -14.13 -29.00
CA PRO A 84 -9.34 -14.02 -29.84
C PRO A 84 -9.62 -13.14 -31.07
N GLU A 85 -10.74 -13.40 -31.75
CA GLU A 85 -11.16 -12.63 -32.93
C GLU A 85 -11.29 -11.15 -32.59
N LEU A 86 -11.77 -10.87 -31.39
CA LEU A 86 -11.92 -9.51 -30.90
C LEU A 86 -10.54 -8.86 -30.78
N PHE A 87 -9.51 -9.64 -30.49
CA PHE A 87 -8.16 -9.10 -30.36
C PHE A 87 -7.59 -8.90 -31.76
N ARG A 88 -8.06 -9.69 -32.72
CA ARG A 88 -7.62 -9.57 -34.13
C ARG A 88 -8.16 -8.22 -34.60
N GLN A 89 -9.48 -8.06 -34.49
CA GLN A 89 -10.17 -6.82 -34.85
C GLN A 89 -9.52 -5.57 -34.25
N ALA A 90 -9.11 -5.64 -32.98
CA ALA A 90 -8.49 -4.49 -32.31
C ALA A 90 -7.08 -4.22 -32.81
N SER A 91 -6.33 -5.29 -33.05
CA SER A 91 -4.96 -5.18 -33.55
C SER A 91 -4.98 -4.58 -34.96
N SER A 92 -6.03 -4.92 -35.69
CA SER A 92 -6.24 -4.42 -37.04
C SER A 92 -6.42 -2.90 -36.96
N SER A 93 -7.28 -2.46 -36.03
CA SER A 93 -7.54 -1.05 -35.87
C SER A 93 -6.30 -0.30 -35.45
N GLN A 94 -5.46 -0.97 -34.66
CA GLN A 94 -4.22 -0.39 -34.19
C GLN A 94 -3.44 0.09 -35.41
N TRP A 95 -3.42 -0.73 -36.46
CA TRP A 95 -2.70 -0.38 -37.68
C TRP A 95 -3.43 0.69 -38.49
N LYS A 96 -4.75 0.61 -38.56
CA LYS A 96 -5.47 1.61 -39.33
C LYS A 96 -5.15 2.97 -38.74
N ASN A 97 -5.33 3.09 -37.43
CA ASN A 97 -5.09 4.34 -36.75
C ASN A 97 -3.65 4.82 -36.76
N PHE A 98 -2.74 4.01 -37.28
CA PHE A 98 -1.33 4.39 -37.29
C PHE A 98 -0.74 4.54 -38.69
N SER A 99 -1.32 3.87 -39.67
CA SER A 99 -0.83 3.93 -41.04
C SER A 99 -1.80 3.16 -41.94
N ALA A 100 -2.88 3.84 -42.33
CA ALA A 100 -3.93 3.28 -43.17
C ALA A 100 -3.51 2.55 -44.46
N ASP A 101 -2.35 2.88 -45.00
CA ASP A 101 -1.92 2.25 -46.25
C ASP A 101 -1.22 0.91 -46.04
N VAL A 102 -1.11 0.48 -44.80
CA VAL A 102 -0.46 -0.79 -44.52
C VAL A 102 -1.44 -1.93 -44.84
N LYS A 103 -0.92 -2.95 -45.51
CA LYS A 103 -1.72 -4.11 -45.89
C LYS A 103 -1.40 -5.34 -45.03
N LEU A 104 -2.30 -5.62 -44.09
CA LEU A 104 -2.16 -6.76 -43.20
C LEU A 104 -2.51 -8.09 -43.86
N THR A 105 -1.60 -9.06 -43.75
CA THR A 105 -1.85 -10.41 -44.28
C THR A 105 -2.70 -11.10 -43.22
N ASP A 106 -2.63 -12.43 -43.15
CA ASP A 106 -3.44 -13.13 -42.13
C ASP A 106 -2.57 -13.63 -40.98
N ASP A 107 -1.27 -13.73 -41.24
CA ASP A 107 -0.29 -14.18 -40.28
C ASP A 107 0.25 -13.04 -39.42
N PHE A 108 -0.49 -11.93 -39.35
CA PHE A 108 -0.05 -10.80 -38.53
C PHE A 108 -0.58 -11.07 -37.12
N PHE A 109 -1.59 -11.92 -37.05
CA PHE A 109 -2.21 -12.26 -35.79
C PHE A 109 -2.39 -13.77 -35.64
N ILE A 110 -1.78 -14.35 -34.60
CA ILE A 110 -1.87 -15.78 -34.35
C ILE A 110 -2.27 -16.10 -32.92
N SER A 111 -3.41 -16.78 -32.77
CA SER A 111 -3.93 -17.20 -31.46
C SER A 111 -3.80 -18.74 -31.28
N ASN A 112 -3.01 -19.15 -30.29
CA ASN A 112 -2.78 -20.58 -29.99
C ASN A 112 -3.39 -21.00 -28.64
N GLU A 113 -4.42 -21.84 -28.69
CA GLU A 113 -5.06 -22.29 -27.46
C GLU A 113 -4.07 -23.13 -26.65
N LEU A 114 -4.09 -22.97 -25.32
CA LEU A 114 -3.20 -23.71 -24.46
C LEU A 114 -3.99 -24.57 -23.48
N ILE A 115 -3.70 -25.86 -23.47
CA ILE A 115 -4.37 -26.77 -22.55
C ILE A 115 -3.28 -27.64 -21.94
N GLU A 116 -3.55 -28.20 -20.77
CA GLU A 116 -2.56 -29.04 -20.13
C GLU A 116 -2.53 -30.41 -20.77
N ASP A 117 -1.35 -31.01 -20.81
CA ASP A 117 -1.21 -32.33 -21.36
C ASP A 117 -1.34 -33.27 -20.18
N GLU A 118 -0.64 -34.40 -20.22
CA GLU A 118 -0.71 -35.40 -19.16
C GLU A 118 0.16 -35.08 -17.96
N ASN A 119 1.33 -34.53 -18.20
CA ASN A 119 2.22 -34.18 -17.09
C ASN A 119 1.87 -32.78 -16.61
N GLY A 120 0.71 -32.27 -17.05
CA GLY A 120 0.25 -30.94 -16.66
C GLY A 120 0.96 -29.78 -17.35
N GLU A 121 1.73 -30.07 -18.40
CA GLU A 121 2.44 -29.03 -19.15
C GLU A 121 1.53 -28.46 -20.25
N LEU A 122 1.37 -27.14 -20.23
CA LEU A 122 0.56 -26.46 -21.23
C LEU A 122 1.19 -26.62 -22.60
N THR A 123 0.40 -27.07 -23.57
CA THR A 123 0.90 -27.23 -24.94
C THR A 123 -0.12 -26.52 -25.82
N GLU A 124 0.17 -26.45 -27.10
CA GLU A 124 -0.75 -25.81 -28.00
C GLU A 124 -1.66 -26.81 -28.70
N VAL A 125 -2.92 -26.41 -28.83
CA VAL A 125 -3.92 -27.24 -29.44
C VAL A 125 -4.89 -26.40 -30.29
N GLU A 126 -5.20 -26.89 -31.48
CA GLU A 126 -6.16 -26.22 -32.36
C GLU A 126 -7.36 -27.16 -32.23
N ARG A 127 -8.54 -26.63 -31.96
CA ARG A 127 -9.70 -27.49 -31.80
C ARG A 127 -11.03 -26.74 -31.75
N GLU A 128 -12.12 -27.43 -32.04
CA GLU A 128 -13.43 -26.81 -32.04
C GLU A 128 -13.82 -26.23 -30.69
N PRO A 129 -14.18 -24.93 -30.67
CA PRO A 129 -14.58 -24.25 -29.44
C PRO A 129 -15.78 -24.89 -28.78
N GLY A 130 -15.73 -25.00 -27.45
CA GLY A 130 -16.83 -25.60 -26.72
C GLY A 130 -16.38 -26.96 -26.24
N ALA A 131 -15.10 -27.24 -26.43
CA ALA A 131 -14.51 -28.52 -26.05
C ALA A 131 -13.69 -28.47 -24.76
N ASN A 132 -13.82 -27.38 -24.01
CA ASN A 132 -13.07 -27.26 -22.78
C ASN A 132 -13.66 -28.07 -21.64
N ALA A 133 -12.82 -28.97 -21.11
CA ALA A 133 -13.18 -29.85 -20.02
C ALA A 133 -13.30 -29.09 -18.71
N ILE A 134 -12.59 -27.97 -18.61
CA ILE A 134 -12.66 -27.16 -17.41
C ILE A 134 -13.18 -25.77 -17.82
N GLY A 135 -13.56 -24.98 -16.82
CA GLY A 135 -14.10 -23.65 -17.10
C GLY A 135 -13.12 -22.51 -17.11
N VAL A 137 -10.05 -21.11 -19.74
CA VAL A 137 -9.37 -21.30 -21.02
C VAL A 137 -8.24 -20.29 -21.16
N ALA A 138 -7.34 -20.54 -22.09
CA ALA A 138 -6.21 -19.65 -22.29
C ALA A 138 -5.71 -19.67 -23.71
N PHE A 139 -5.16 -18.55 -24.16
CA PHE A 139 -4.61 -18.46 -25.50
C PHE A 139 -3.25 -17.76 -25.47
N LYS A 140 -2.40 -18.13 -26.41
CA LYS A 140 -1.10 -17.52 -26.54
C LYS A 140 -1.16 -16.72 -27.83
N ILE A 141 -1.31 -15.41 -27.71
CA ILE A 141 -1.37 -14.58 -28.89
C ILE A 141 0.02 -14.07 -29.26
N THR A 142 0.25 -13.92 -30.55
CA THR A 142 1.52 -13.40 -31.04
C THR A 142 1.11 -12.62 -32.27
N VAL A 143 1.06 -11.30 -32.09
CA VAL A 143 0.63 -10.37 -33.13
C VAL A 143 1.67 -9.33 -33.53
N LYS A 144 1.71 -9.03 -34.82
CA LYS A 144 2.62 -8.02 -35.35
C LYS A 144 1.93 -6.68 -35.19
N THR A 145 2.50 -5.82 -34.35
CA THR A 145 1.95 -4.49 -34.08
C THR A 145 2.92 -3.40 -34.52
N PRO A 146 2.44 -2.16 -34.63
CA PRO A 146 3.25 -1.01 -35.05
C PRO A 146 4.58 -0.89 -34.31
N GLU A 147 4.55 -1.03 -32.99
CA GLU A 147 5.79 -0.93 -32.24
C GLU A 147 6.60 -2.23 -32.26
N TYR A 148 5.98 -3.30 -32.78
CA TYR A 148 6.63 -4.60 -32.89
C TYR A 148 6.28 -5.27 -34.21
N PRO A 149 6.73 -4.68 -35.32
CA PRO A 149 6.50 -5.17 -36.68
C PRO A 149 6.76 -6.67 -36.86
N ARG A 150 7.74 -7.18 -36.12
CA ARG A 150 8.08 -8.58 -36.20
C ARG A 150 7.19 -9.38 -35.24
N GLY A 151 6.33 -8.67 -34.53
CA GLY A 151 5.42 -9.30 -33.60
C GLY A 151 5.89 -9.41 -32.16
N ARG A 152 4.92 -9.42 -31.25
CA ARG A 152 5.15 -9.56 -29.81
C ARG A 152 4.14 -10.60 -29.34
N GLN A 153 4.33 -11.11 -28.13
CA GLN A 153 3.45 -12.15 -27.60
C GLN A 153 2.93 -11.89 -26.19
N PHE A 154 1.75 -12.43 -25.90
CA PHE A 154 1.13 -12.33 -24.58
C PHE A 154 0.12 -13.48 -24.41
N VAL A 155 -0.38 -13.67 -23.19
CA VAL A 155 -1.34 -14.74 -22.93
C VAL A 155 -2.65 -14.18 -22.45
N VAL A 156 -3.73 -14.85 -22.80
CA VAL A 156 -5.05 -14.43 -22.38
C VAL A 156 -5.66 -15.55 -21.55
N VAL A 157 -6.03 -15.23 -20.31
CA VAL A 157 -6.64 -16.20 -19.41
C VAL A 157 -8.08 -15.78 -19.25
N ALA A 158 -9.02 -16.71 -19.42
CA ALA A 158 -10.43 -16.35 -19.27
C ALA A 158 -11.33 -17.46 -18.75
N ASN A 159 -12.31 -17.05 -17.95
CA ASN A 159 -13.29 -17.96 -17.37
C ASN A 159 -14.28 -18.30 -18.43
N ASP A 160 -14.67 -19.56 -18.52
CA ASP A 160 -15.70 -19.93 -19.47
C ASP A 160 -16.96 -19.68 -18.63
N ILE A 161 -17.66 -18.59 -18.92
CA ILE A 161 -18.86 -18.23 -18.18
C ILE A 161 -20.02 -19.20 -18.35
N THR A 162 -19.93 -20.04 -19.38
CA THR A 162 -20.97 -21.03 -19.64
C THR A 162 -20.72 -22.30 -18.82
N PHE A 163 -19.45 -22.59 -18.55
CA PHE A 163 -19.05 -23.76 -17.76
C PHE A 163 -19.24 -23.54 -16.26
N LYS A 164 -20.28 -24.13 -15.69
CA LYS A 164 -20.55 -23.99 -14.26
C LYS A 164 -20.54 -22.53 -13.88
N ILE A 165 -21.23 -21.74 -14.70
CA ILE A 165 -21.34 -20.29 -14.51
C ILE A 165 -20.03 -19.59 -14.14
N GLY A 166 -18.94 -20.08 -14.71
CA GLY A 166 -17.65 -19.50 -14.45
C GLY A 166 -17.08 -19.68 -13.07
N SER A 167 -17.70 -20.54 -12.25
CA SER A 167 -17.21 -20.78 -10.90
C SER A 167 -15.75 -21.25 -10.89
N PHE A 168 -15.03 -20.93 -9.81
CA PHE A 168 -13.63 -21.33 -9.66
C PHE A 168 -13.50 -22.62 -8.86
N GLY A 169 -13.13 -23.69 -9.55
CA GLY A 169 -12.96 -24.98 -8.91
C GLY A 169 -11.48 -25.30 -8.88
N PRO A 170 -11.06 -26.34 -8.15
CA PRO A 170 -9.66 -26.69 -8.09
C PRO A 170 -8.98 -26.71 -9.46
N GLN A 171 -9.66 -27.29 -10.44
CA GLN A 171 -9.08 -27.38 -11.77
C GLN A 171 -8.97 -26.05 -12.49
N GLU A 172 -9.98 -25.20 -12.38
CA GLU A 172 -9.86 -23.91 -13.03
C GLU A 172 -8.73 -23.17 -12.36
N ASP A 173 -8.70 -23.26 -11.03
CA ASP A 173 -7.68 -22.59 -10.24
C ASP A 173 -6.26 -23.02 -10.60
N GLU A 174 -5.98 -24.32 -10.55
CA GLU A 174 -4.63 -24.79 -10.84
C GLU A 174 -4.23 -24.44 -12.28
N PHE A 175 -5.21 -24.39 -13.18
CA PHE A 175 -4.95 -24.04 -14.56
C PHE A 175 -4.61 -22.56 -14.67
N PHE A 176 -5.38 -21.73 -13.97
CA PHE A 176 -5.16 -20.30 -13.95
C PHE A 176 -3.77 -20.04 -13.38
N ASN A 177 -3.36 -20.81 -12.39
CA ASN A 177 -2.05 -20.63 -11.79
C ASN A 177 -0.99 -21.08 -12.77
N LYS A 178 -1.20 -22.24 -13.35
CA LYS A 178 -0.27 -22.81 -14.32
C LYS A 178 0.00 -21.84 -15.48
N VAL A 179 -1.03 -21.09 -15.88
CA VAL A 179 -0.91 -20.14 -16.98
C VAL A 179 -0.12 -18.89 -16.60
N THR A 180 -0.34 -18.42 -15.38
CA THR A 180 0.35 -17.25 -14.88
C THR A 180 1.85 -17.46 -14.85
N GLU A 181 2.26 -18.65 -14.41
CA GLU A 181 3.69 -18.98 -14.32
C GLU A 181 4.25 -19.21 -15.70
N TYR A 182 3.37 -19.50 -16.66
CA TYR A 182 3.79 -19.73 -18.03
C TYR A 182 4.25 -18.39 -18.58
N ALA A 183 3.45 -17.36 -18.33
CA ALA A 183 3.74 -16.02 -18.78
C ALA A 183 4.95 -15.47 -18.04
N ARG A 184 4.93 -15.61 -16.71
CA ARG A 184 6.02 -15.14 -15.88
C ARG A 184 7.37 -15.72 -16.26
N LYS A 185 7.42 -17.01 -16.56
CA LYS A 185 8.69 -17.60 -16.91
C LYS A 185 9.18 -17.03 -18.25
N ARG A 186 8.23 -16.62 -19.09
CA ARG A 186 8.57 -16.07 -20.40
C ARG A 186 8.71 -14.56 -20.41
N GLY A 187 8.15 -13.91 -19.39
CA GLY A 187 8.23 -12.47 -19.29
C GLY A 187 7.25 -11.73 -20.15
N ILE A 188 6.24 -12.42 -20.64
CA ILE A 188 5.24 -11.76 -21.48
C ILE A 188 4.01 -11.36 -20.66
N PRO A 189 3.23 -10.38 -21.16
CA PRO A 189 2.03 -9.94 -20.43
C PRO A 189 1.01 -11.04 -20.20
N ARG A 190 0.21 -10.87 -19.15
CA ARG A 190 -0.81 -11.83 -18.83
C ARG A 190 -2.13 -11.10 -18.76
N ILE A 191 -2.96 -11.32 -19.75
CA ILE A 191 -4.28 -10.68 -19.81
C ILE A 191 -5.30 -11.62 -19.19
N TYR A 192 -6.20 -11.06 -18.40
CA TYR A 192 -7.23 -11.85 -17.75
C TYR A 192 -8.60 -11.29 -18.06
N LEU A 193 -9.44 -12.11 -18.68
CA LEU A 193 -10.81 -11.71 -18.99
C LEU A 193 -11.63 -12.36 -17.89
N ALA A 194 -12.25 -11.55 -17.06
CA ALA A 194 -13.02 -12.07 -15.93
C ALA A 194 -14.53 -12.03 -16.12
N ALA A 195 -15.15 -13.20 -15.95
CA ALA A 195 -16.59 -13.39 -16.07
C ALA A 195 -16.83 -14.66 -15.28
N ASN A 196 -17.17 -14.49 -14.01
CA ASN A 196 -17.32 -15.62 -13.14
C ASN A 196 -18.37 -15.46 -12.10
N SER A 197 -18.57 -16.52 -11.34
CA SER A 197 -19.53 -16.54 -10.27
C SER A 197 -18.82 -16.83 -8.96
N GLY A 198 -17.49 -16.77 -8.98
CA GLY A 198 -16.71 -17.01 -7.78
C GLY A 198 -16.33 -18.44 -7.50
N ALA A 199 -15.97 -18.70 -6.25
CA ALA A 199 -15.58 -20.04 -5.82
C ALA A 199 -16.75 -20.97 -6.05
N ARG A 200 -16.45 -22.23 -6.40
CA ARG A 200 -17.47 -23.23 -6.67
C ARG A 200 -18.04 -23.82 -5.38
N ILE A 201 -19.36 -23.79 -5.27
CA ILE A 201 -20.04 -24.30 -4.08
C ILE A 201 -20.83 -25.56 -4.38
N GLY A 202 -21.16 -26.30 -3.33
CA GLY A 202 -21.91 -27.53 -3.53
C GLY A 202 -22.06 -28.34 -2.27
N ALA A 204 -23.05 -32.63 -0.94
CA ALA A 204 -23.05 -34.02 -1.40
C ALA A 204 -24.47 -34.38 -1.78
N GLU A 205 -24.75 -34.45 -3.08
CA GLU A 205 -26.10 -34.77 -3.49
C GLU A 205 -26.48 -36.24 -3.28
N GLU A 206 -25.52 -37.05 -2.84
CA GLU A 206 -25.78 -38.47 -2.61
C GLU A 206 -26.34 -38.69 -1.23
N ILE A 207 -26.01 -37.79 -0.30
CA ILE A 207 -26.51 -37.92 1.06
C ILE A 207 -27.89 -37.31 1.15
N VAL A 208 -28.25 -36.48 0.18
CA VAL A 208 -29.55 -35.83 0.19
C VAL A 208 -30.70 -36.83 0.10
N PRO A 209 -30.70 -37.67 -0.94
CA PRO A 209 -31.80 -38.63 -1.05
C PRO A 209 -31.87 -39.68 0.06
N LEU A 210 -30.91 -39.72 0.96
CA LEU A 210 -31.00 -40.77 1.96
C LEU A 210 -30.60 -40.51 3.41
N PHE A 211 -30.79 -39.29 3.90
CA PHE A 211 -30.43 -39.02 5.30
C PHE A 211 -31.69 -39.11 6.15
N GLN A 212 -31.51 -39.29 7.46
CA GLN A 212 -32.64 -39.41 8.36
C GLN A 212 -32.59 -38.37 9.46
N VAL A 213 -33.67 -38.26 10.21
CA VAL A 213 -33.74 -37.29 11.29
C VAL A 213 -34.15 -37.88 12.63
N ALA A 214 -33.17 -37.93 13.54
CA ALA A 214 -33.43 -38.41 14.88
C ALA A 214 -34.29 -37.37 15.58
N TRP A 215 -35.60 -37.42 15.32
CA TRP A 215 -36.54 -36.48 15.91
C TRP A 215 -36.57 -36.58 17.44
N ASN A 216 -37.01 -35.51 18.09
CA ASN A 216 -37.12 -35.53 19.54
C ASN A 216 -38.43 -36.26 19.81
N ASP A 217 -39.44 -35.94 19.00
CA ASP A 217 -40.76 -36.54 19.10
C ASP A 217 -41.26 -36.82 17.68
N ALA A 218 -41.01 -38.04 17.19
CA ALA A 218 -41.42 -38.41 15.83
C ALA A 218 -42.78 -37.88 15.41
N ALA A 219 -43.79 -38.09 16.25
CA ALA A 219 -45.15 -37.62 15.96
C ALA A 219 -45.32 -36.10 16.09
N ASN A 220 -44.21 -35.38 16.07
CA ASN A 220 -44.22 -33.92 16.15
C ASN A 220 -42.85 -33.35 15.80
N PRO A 221 -42.46 -33.44 14.51
CA PRO A 221 -41.18 -32.94 14.03
C PRO A 221 -40.90 -31.52 14.51
N ASP A 222 -41.95 -30.74 14.66
CA ASP A 222 -41.77 -29.37 15.12
C ASP A 222 -40.93 -29.32 16.39
N LYS A 223 -41.08 -30.32 17.24
CA LYS A 223 -40.33 -30.37 18.50
C LYS A 223 -38.83 -30.43 18.28
N GLY A 224 -38.43 -30.72 17.04
CA GLY A 224 -37.01 -30.75 16.74
C GLY A 224 -36.37 -32.11 16.55
N PHE A 225 -35.06 -32.10 16.38
CA PHE A 225 -34.29 -33.31 16.18
C PHE A 225 -33.00 -33.30 16.98
N GLN A 226 -32.24 -34.39 16.88
CA GLN A 226 -31.02 -34.57 17.65
C GLN A 226 -29.79 -34.85 16.83
N TYR A 227 -29.98 -35.28 15.59
CA TYR A 227 -28.85 -35.58 14.70
C TYR A 227 -29.38 -36.25 13.46
N LEU A 228 -28.60 -36.21 12.40
CA LEU A 228 -29.00 -36.84 11.15
C LEU A 228 -28.18 -38.12 11.06
N TYR A 229 -28.66 -39.11 10.33
CA TYR A 229 -27.92 -40.37 10.20
C TYR A 229 -28.37 -41.15 8.99
N LEU A 230 -27.73 -42.30 8.80
CA LEU A 230 -28.05 -43.18 7.69
C LEU A 230 -28.39 -44.54 8.25
N THR A 231 -29.22 -45.29 7.52
CA THR A 231 -29.62 -46.63 7.91
C THR A 231 -28.63 -47.61 7.25
N SER A 232 -28.56 -48.83 7.75
CA SER A 232 -27.67 -49.79 7.13
C SER A 232 -27.95 -49.74 5.63
N GLU A 233 -29.22 -49.57 5.29
CA GLU A 233 -29.63 -49.51 3.88
C GLU A 233 -28.80 -48.39 3.23
N GLY A 234 -28.97 -47.18 3.74
CA GLY A 234 -28.22 -46.05 3.22
C GLY A 234 -26.72 -46.32 3.30
N GLU A 236 -25.33 -48.88 2.99
CA GLU A 236 -25.01 -49.88 1.96
C GLU A 236 -25.15 -49.26 0.56
N THR A 237 -26.22 -48.48 0.40
CA THR A 237 -26.50 -47.79 -0.86
C THR A 237 -25.27 -47.04 -1.35
N LEU A 238 -24.40 -46.61 -0.43
CA LEU A 238 -23.19 -45.87 -0.81
C LEU A 238 -22.14 -46.76 -1.44
N LYS A 239 -21.91 -47.92 -0.86
CA LYS A 239 -20.91 -48.80 -1.43
C LYS A 239 -21.38 -49.44 -2.75
N LYS A 240 -22.69 -49.58 -2.94
CA LYS A 240 -23.19 -50.18 -4.17
C LYS A 240 -22.80 -49.23 -5.33
N PHE A 241 -21.87 -48.33 -5.03
CA PHE A 241 -21.37 -47.35 -5.98
C PHE A 241 -19.97 -46.87 -5.55
N ASP A 242 -19.51 -47.37 -4.41
CA ASP A 242 -18.19 -47.03 -3.91
C ASP A 242 -18.10 -45.55 -3.57
N LYS A 243 -18.75 -45.17 -2.47
CA LYS A 243 -18.80 -43.81 -1.97
C LYS A 243 -18.89 -43.79 -0.46
N GLU A 244 -18.03 -44.55 0.22
CA GLU A 244 -18.02 -44.61 1.68
C GLU A 244 -17.43 -43.32 2.25
N ASN A 245 -16.36 -42.84 1.60
CA ASN A 245 -15.68 -41.61 2.01
C ASN A 245 -16.67 -40.46 2.05
N SER A 246 -17.74 -40.56 1.26
CA SER A 246 -18.73 -39.51 1.22
C SER A 246 -19.19 -39.09 2.61
N VAL A 247 -18.92 -39.92 3.60
CA VAL A 247 -19.34 -39.61 4.97
C VAL A 247 -18.47 -40.18 6.07
N LEU A 248 -18.58 -39.58 7.25
CA LEU A 248 -17.85 -40.01 8.43
C LEU A 248 -18.92 -40.26 9.47
N THR A 249 -19.24 -41.54 9.68
CA THR A 249 -20.28 -41.92 10.62
C THR A 249 -19.78 -42.48 11.93
N GLU A 250 -20.71 -43.03 12.69
CA GLU A 250 -20.42 -43.66 13.97
C GLU A 250 -21.58 -44.56 14.35
N ARG A 251 -21.32 -45.87 14.23
CA ARG A 251 -22.30 -46.92 14.51
C ARG A 251 -23.17 -46.68 15.71
N THR A 252 -24.28 -47.40 15.75
CA THR A 252 -25.24 -47.29 16.85
C THR A 252 -26.50 -48.09 16.57
N VAL A 253 -27.18 -48.48 17.64
CA VAL A 253 -28.43 -49.22 17.52
C VAL A 253 -29.39 -48.63 18.52
N ILE A 254 -30.68 -48.89 18.32
CA ILE A 254 -31.71 -48.36 19.19
C ILE A 254 -32.83 -49.33 19.51
N ASN A 255 -34.03 -48.75 19.66
CA ASN A 255 -35.26 -49.47 19.97
C ASN A 255 -35.54 -50.58 18.96
N GLY A 256 -34.49 -51.03 18.27
CA GLY A 256 -34.65 -52.10 17.30
C GLY A 256 -34.04 -51.88 15.92
N GLU A 257 -33.08 -50.96 15.81
CA GLU A 257 -32.48 -50.69 14.50
C GLU A 257 -31.06 -50.09 14.49
N GLU A 258 -30.45 -50.15 13.32
CA GLU A 258 -29.10 -49.61 13.09
C GLU A 258 -29.21 -48.09 13.00
N ARG A 259 -28.15 -47.42 13.41
CA ARG A 259 -28.08 -45.97 13.37
C ARG A 259 -26.64 -45.54 13.21
N PHE A 260 -26.32 -45.01 12.03
CA PHE A 260 -24.97 -44.52 11.76
C PHE A 260 -25.08 -42.99 11.72
N VAL A 261 -24.72 -42.35 12.82
CA VAL A 261 -24.80 -40.89 12.89
C VAL A 261 -23.72 -40.23 12.05
N ILE A 262 -24.14 -39.24 11.26
CA ILE A 262 -23.22 -38.50 10.40
C ILE A 262 -22.45 -37.48 11.25
N LYS A 263 -21.13 -37.58 11.22
CA LYS A 263 -20.28 -36.67 11.98
C LYS A 263 -19.71 -35.59 11.07
N THR A 264 -19.60 -35.91 9.79
CA THR A 264 -19.09 -34.97 8.81
C THR A 264 -19.41 -35.43 7.39
N ILE A 265 -20.15 -34.61 6.66
CA ILE A 265 -20.48 -34.91 5.27
C ILE A 265 -19.30 -34.40 4.46
N ILE A 266 -18.73 -35.27 3.63
CA ILE A 266 -17.58 -34.90 2.81
C ILE A 266 -17.87 -34.85 1.33
N GLY A 267 -18.67 -35.78 0.83
CA GLY A 267 -18.99 -35.79 -0.58
C GLY A 267 -17.96 -36.46 -1.45
N SER A 268 -18.45 -37.25 -2.40
CA SER A 268 -17.60 -37.98 -3.32
C SER A 268 -17.11 -37.06 -4.43
N GLU A 269 -17.91 -36.04 -4.73
CA GLU A 269 -17.59 -35.06 -5.77
C GLU A 269 -16.58 -34.02 -5.27
N ASP A 270 -15.69 -33.58 -6.15
CA ASP A 270 -14.67 -32.58 -5.80
C ASP A 270 -15.15 -31.17 -6.19
N GLY A 271 -14.83 -30.17 -5.37
CA GLY A 271 -15.23 -28.81 -5.68
C GLY A 271 -16.45 -28.32 -4.92
N LEU A 272 -16.59 -28.69 -3.65
CA LEU A 272 -17.73 -28.27 -2.84
C LEU A 272 -17.46 -27.10 -1.90
N GLY A 273 -16.26 -27.05 -1.33
CA GLY A 273 -15.96 -25.97 -0.40
C GLY A 273 -14.51 -25.53 -0.27
N VAL A 274 -13.98 -25.66 0.93
CA VAL A 274 -12.63 -25.23 1.24
C VAL A 274 -11.56 -25.61 0.24
N GLU A 275 -11.73 -26.72 -0.46
CA GLU A 275 -10.71 -27.10 -1.43
C GLU A 275 -10.67 -26.04 -2.52
N CYS A 276 -11.80 -25.38 -2.74
CA CYS A 276 -11.88 -24.31 -3.72
C CYS A 276 -11.27 -23.05 -3.10
N LEU A 277 -11.61 -22.79 -1.85
CA LEU A 277 -11.05 -21.66 -1.13
C LEU A 277 -9.50 -21.75 -1.23
N ARG A 278 -8.99 -22.96 -1.01
CA ARG A 278 -7.56 -23.25 -1.09
C ARG A 278 -7.04 -22.79 -2.45
N GLY A 279 -7.87 -22.98 -3.46
CA GLY A 279 -7.51 -22.61 -4.81
C GLY A 279 -7.60 -21.14 -5.09
N SER A 280 -8.42 -20.43 -4.33
CA SER A 280 -8.56 -19.00 -4.50
C SER A 280 -7.24 -18.38 -4.06
N GLY A 281 -6.76 -18.83 -2.90
CA GLY A 281 -5.51 -18.34 -2.35
C GLY A 281 -4.29 -18.66 -3.19
N LEU A 282 -4.31 -19.79 -3.89
CA LEU A 282 -3.15 -20.12 -4.71
C LEU A 282 -3.02 -19.09 -5.81
N ILE A 283 -4.16 -18.69 -6.38
CA ILE A 283 -4.14 -17.72 -7.47
C ILE A 283 -4.14 -16.26 -7.04
N ALA A 284 -4.55 -15.98 -5.79
CA ALA A 284 -4.53 -14.62 -5.28
C ALA A 284 -3.07 -14.17 -5.12
N GLY A 285 -2.26 -15.06 -4.58
CA GLY A 285 -0.87 -14.78 -4.36
C GLY A 285 -0.06 -14.89 -5.63
N ALA A 286 -0.56 -15.68 -6.57
CA ALA A 286 0.12 -15.89 -7.83
C ALA A 286 0.04 -14.62 -8.69
N THR A 287 -1.11 -13.95 -8.64
CA THR A 287 -1.35 -12.73 -9.38
C THR A 287 -0.57 -11.63 -8.68
N SER A 288 -0.67 -11.65 -7.36
CA SER A 288 0.04 -10.70 -6.51
C SER A 288 1.50 -10.66 -6.90
N ARG A 289 2.06 -11.83 -7.13
CA ARG A 289 3.47 -11.96 -7.51
C ARG A 289 3.71 -11.52 -8.94
N ALA A 290 2.79 -11.91 -9.84
CA ALA A 290 2.89 -11.59 -11.26
C ALA A 290 2.95 -10.08 -11.52
N TYR A 291 2.17 -9.33 -10.77
CA TYR A 291 2.13 -7.90 -10.94
C TYR A 291 3.50 -7.24 -10.78
N HIS A 292 4.36 -7.82 -9.95
CA HIS A 292 5.69 -7.28 -9.72
C HIS A 292 6.65 -7.88 -10.72
N ASP A 293 6.14 -8.73 -11.60
CA ASP A 293 7.01 -9.42 -12.54
C ASP A 293 6.72 -9.23 -14.03
N ILE A 294 5.45 -9.23 -14.42
CA ILE A 294 5.09 -9.04 -15.83
C ILE A 294 3.93 -8.07 -15.91
N PHE A 295 3.71 -7.52 -17.09
CA PHE A 295 2.59 -6.60 -17.26
C PHE A 295 1.32 -7.43 -17.08
N THR A 296 0.49 -7.05 -16.11
CA THR A 296 -0.75 -7.76 -15.86
C THR A 296 -1.88 -6.76 -16.11
N ILE A 297 -3.06 -7.26 -16.42
CA ILE A 297 -4.21 -6.41 -16.67
C ILE A 297 -5.46 -7.28 -16.80
N THR A 298 -6.54 -6.85 -16.16
CA THR A 298 -7.78 -7.60 -16.19
C THR A 298 -8.93 -6.80 -16.79
N LEU A 299 -9.75 -7.47 -17.59
CA LEU A 299 -10.92 -6.87 -18.21
C LEU A 299 -12.13 -7.59 -17.63
N VAL A 300 -13.05 -6.86 -17.03
CA VAL A 300 -14.24 -7.46 -16.45
C VAL A 300 -15.36 -7.45 -17.48
N THR A 301 -15.70 -8.64 -17.99
CA THR A 301 -16.68 -8.79 -19.06
C THR A 301 -18.11 -9.17 -18.73
N CYS A 302 -18.36 -9.73 -17.56
CA CYS A 302 -19.74 -10.07 -17.22
C CYS A 302 -19.97 -9.73 -15.77
N ARG A 303 -18.98 -10.07 -14.95
CA ARG A 303 -19.01 -9.83 -13.52
C ARG A 303 -17.88 -10.62 -12.90
N SER A 304 -17.49 -10.22 -11.69
CA SER A 304 -16.44 -10.89 -10.95
C SER A 304 -16.88 -10.93 -9.50
N VAL A 305 -16.86 -12.13 -8.93
CA VAL A 305 -17.29 -12.32 -7.56
C VAL A 305 -16.23 -13.08 -6.74
N GLY A 306 -16.06 -12.73 -5.46
CA GLY A 306 -15.08 -13.42 -4.64
C GLY A 306 -13.65 -13.28 -5.10
N ILE A 307 -12.95 -14.37 -5.38
CA ILE A 307 -11.57 -14.22 -5.83
C ILE A 307 -11.62 -13.47 -7.13
N GLY A 308 -12.83 -13.40 -7.71
CA GLY A 308 -13.03 -12.69 -8.97
C GLY A 308 -12.75 -11.21 -8.78
N ALA A 309 -13.36 -10.63 -7.75
CA ALA A 309 -13.15 -9.23 -7.45
C ALA A 309 -11.73 -9.02 -6.90
N TYR A 310 -11.15 -10.06 -6.31
CA TYR A 310 -9.81 -9.94 -5.77
C TYR A 310 -8.71 -10.15 -6.79
N LEU A 311 -9.01 -10.87 -7.85
CA LEU A 311 -8.00 -11.08 -8.87
C LEU A 311 -7.91 -9.83 -9.74
N VAL A 312 -9.03 -9.15 -9.93
CA VAL A 312 -9.04 -7.92 -10.73
C VAL A 312 -8.14 -6.89 -10.05
N ARG A 313 -8.29 -6.73 -8.74
CA ARG A 313 -7.49 -5.80 -7.97
C ARG A 313 -6.02 -6.22 -7.89
N LEU A 314 -5.75 -7.46 -7.51
CA LEU A 314 -4.38 -7.95 -7.41
C LEU A 314 -3.60 -7.75 -8.70
N GLY A 315 -4.29 -7.78 -9.83
CA GLY A 315 -3.62 -7.57 -11.09
C GLY A 315 -3.45 -6.09 -11.32
N GLN A 316 -3.98 -5.32 -10.39
CA GLN A 316 -3.98 -3.85 -10.39
C GLN A 316 -4.71 -3.20 -11.56
N ARG A 317 -4.05 -3.07 -12.70
CA ARG A 317 -4.65 -2.47 -13.88
C ARG A 317 -5.94 -3.22 -14.27
N ALA A 318 -7.07 -2.52 -14.26
CA ALA A 318 -8.34 -3.17 -14.59
C ALA A 318 -9.28 -2.29 -15.39
N ILE A 319 -9.90 -2.90 -16.39
CA ILE A 319 -10.85 -2.22 -17.25
C ILE A 319 -12.24 -2.82 -17.05
N GLN A 320 -13.19 -1.97 -16.67
CA GLN A 320 -14.55 -2.42 -16.40
C GLN A 320 -15.55 -2.05 -17.53
N VAL A 321 -16.25 -3.05 -18.06
CA VAL A 321 -17.25 -2.81 -19.09
C VAL A 321 -18.49 -2.39 -18.34
N GLU A 322 -19.15 -1.34 -18.80
CA GLU A 322 -20.31 -0.83 -18.08
C GLU A 322 -21.41 -1.86 -17.87
N GLY A 323 -22.03 -1.83 -16.71
CA GLY A 323 -23.08 -2.79 -16.41
C GLY A 323 -22.56 -4.09 -15.84
N GLN A 324 -21.24 -4.30 -15.91
CA GLN A 324 -20.62 -5.54 -15.39
C GLN A 324 -20.09 -5.34 -13.96
N PRO A 325 -20.82 -5.88 -12.96
CA PRO A 325 -20.41 -5.73 -11.56
C PRO A 325 -19.21 -6.53 -11.07
N ILE A 326 -18.47 -5.91 -10.13
CA ILE A 326 -17.30 -6.51 -9.49
C ILE A 326 -17.71 -6.59 -8.02
N ILE A 327 -18.15 -7.76 -7.56
CA ILE A 327 -18.62 -7.88 -6.18
C ILE A 327 -18.12 -9.04 -5.35
N LEU A 328 -18.44 -8.96 -4.08
CA LEU A 328 -18.11 -10.00 -3.13
C LEU A 328 -19.45 -10.68 -2.91
N THR A 329 -20.02 -10.58 -1.72
CA THR A 329 -21.31 -11.20 -1.50
C THR A 329 -22.39 -10.40 -2.24
N GLY A 330 -23.26 -11.08 -2.97
CA GLY A 330 -24.30 -10.41 -3.74
C GLY A 330 -25.40 -9.70 -2.95
N ALA A 331 -26.03 -8.72 -3.59
CA ALA A 331 -27.09 -7.95 -2.95
C ALA A 331 -28.20 -8.80 -2.33
N PRO A 332 -28.65 -9.85 -3.04
CA PRO A 332 -29.71 -10.64 -2.42
C PRO A 332 -29.24 -11.24 -1.10
N ALA A 333 -27.98 -11.66 -1.05
CA ALA A 333 -27.45 -12.25 0.18
C ALA A 333 -27.33 -11.20 1.27
N ILE A 334 -26.85 -10.02 0.91
CA ILE A 334 -26.72 -8.96 1.90
C ILE A 334 -28.10 -8.62 2.45
N ASN A 335 -29.08 -8.41 1.57
CA ASN A 335 -30.44 -8.07 2.02
C ASN A 335 -30.92 -9.03 3.10
N LYS A 336 -30.93 -10.33 2.81
CA LYS A 336 -31.39 -11.29 3.80
C LYS A 336 -30.59 -11.16 5.09
N LEU A 338 -29.08 -8.61 6.29
CA LEU A 338 -29.56 -7.43 7.00
C LEU A 338 -31.06 -7.43 7.26
N GLY A 339 -31.73 -8.54 6.92
CA GLY A 339 -33.16 -8.62 7.14
C GLY A 339 -33.94 -7.43 6.59
N ARG A 340 -33.66 -7.04 5.35
CA ARG A 340 -34.35 -5.90 4.74
C ARG A 340 -34.02 -5.83 3.24
N GLU A 341 -34.84 -5.15 2.46
CA GLU A 341 -34.56 -5.04 1.02
C GLU A 341 -33.82 -3.73 0.74
N VAL A 342 -32.62 -3.66 1.31
CA VAL A 342 -31.72 -2.52 1.23
C VAL A 342 -31.16 -2.25 -0.15
N TYR A 343 -30.55 -3.23 -0.81
CA TYR A 343 -30.00 -3.00 -2.14
C TYR A 343 -30.93 -3.60 -3.19
N THR A 344 -31.00 -2.98 -4.38
CA THR A 344 -31.89 -3.45 -5.46
C THR A 344 -31.16 -4.02 -6.67
N SER A 345 -29.84 -3.89 -6.69
CA SER A 345 -29.04 -4.38 -7.81
C SER A 345 -27.58 -4.48 -7.41
N ASN A 346 -26.86 -5.44 -7.99
CA ASN A 346 -25.46 -5.58 -7.66
C ASN A 346 -24.68 -4.33 -8.07
N LEU A 347 -25.18 -3.59 -9.05
CA LEU A 347 -24.51 -2.40 -9.52
C LEU A 347 -24.32 -1.40 -8.38
N GLN A 348 -25.22 -1.44 -7.41
CA GLN A 348 -25.11 -0.53 -6.28
C GLN A 348 -23.91 -0.91 -5.44
N LEU A 349 -23.44 -2.15 -5.59
CA LEU A 349 -22.30 -2.63 -4.82
C LEU A 349 -20.98 -2.57 -5.58
N GLY A 350 -20.98 -3.07 -6.80
CA GLY A 350 -19.76 -3.10 -7.57
C GLY A 350 -19.90 -2.58 -8.99
N GLY A 351 -20.85 -1.69 -9.21
CA GLY A 351 -21.02 -1.14 -10.53
C GLY A 351 -19.92 -0.16 -10.88
N THR A 352 -20.01 0.43 -12.06
CA THR A 352 -19.01 1.39 -12.49
C THR A 352 -18.93 2.67 -11.62
N GLN A 353 -20.06 3.14 -11.11
CA GLN A 353 -20.03 4.36 -10.29
C GLN A 353 -19.30 4.13 -8.98
N ILE A 354 -18.94 2.88 -8.71
CA ILE A 354 -18.22 2.57 -7.50
C ILE A 354 -16.75 2.32 -7.84
N TYR A 356 -14.98 2.64 -10.46
CA TYR A 356 -14.30 3.62 -11.30
C TYR A 356 -14.03 4.90 -10.54
N ASN A 357 -15.00 5.34 -9.75
CA ASN A 357 -14.86 6.54 -8.92
C ASN A 357 -13.94 6.19 -7.75
N ASN A 358 -13.81 4.90 -7.52
CA ASN A 358 -13.04 4.34 -6.43
C ASN A 358 -11.57 4.17 -6.77
N GLY A 359 -11.27 3.89 -8.03
CA GLY A 359 -9.89 3.69 -8.40
C GLY A 359 -9.57 2.21 -8.61
N VAL A 360 -10.53 1.34 -8.32
CA VAL A 360 -10.30 -0.08 -8.53
C VAL A 360 -10.26 -0.35 -10.02
N SER A 361 -11.12 0.32 -10.77
CA SER A 361 -11.14 0.13 -12.23
C SER A 361 -10.48 1.34 -12.84
N HIS A 362 -9.36 1.12 -13.52
CA HIS A 362 -8.61 2.23 -14.09
C HIS A 362 -9.32 2.84 -15.27
N LEU A 363 -10.19 2.06 -15.91
CA LEU A 363 -10.93 2.53 -17.07
C LEU A 363 -12.25 1.80 -17.18
N THR A 364 -13.15 2.35 -18.00
CA THR A 364 -14.43 1.74 -18.26
C THR A 364 -14.60 1.70 -19.77
N ALA A 365 -15.33 0.69 -20.25
CA ALA A 365 -15.57 0.52 -21.69
C ALA A 365 -17.07 0.25 -21.94
N VAL A 366 -17.61 0.84 -23.02
CA VAL A 366 -19.03 0.65 -23.35
C VAL A 366 -19.42 -0.78 -23.70
N ASP A 367 -18.49 -1.56 -24.25
CA ASP A 367 -18.75 -2.95 -24.59
C ASP A 367 -17.43 -3.74 -24.63
N ASP A 368 -17.53 -5.06 -24.74
CA ASP A 368 -16.34 -5.93 -24.75
C ASP A 368 -15.27 -5.59 -25.78
N LEU A 369 -15.67 -5.11 -26.95
CA LEU A 369 -14.69 -4.79 -27.97
C LEU A 369 -13.96 -3.51 -27.60
N ALA A 370 -14.71 -2.53 -27.12
CA ALA A 370 -14.14 -1.28 -26.71
C ALA A 370 -13.09 -1.56 -25.63
N GLY A 371 -13.45 -2.43 -24.69
CA GLY A 371 -12.54 -2.76 -23.62
C GLY A 371 -11.30 -3.48 -24.11
N VAL A 372 -11.43 -4.24 -25.18
CA VAL A 372 -10.29 -4.96 -25.72
C VAL A 372 -9.35 -4.01 -26.42
N GLU A 373 -9.92 -3.04 -27.13
CA GLU A 373 -9.13 -2.07 -27.85
C GLU A 373 -8.32 -1.24 -26.85
N LYS A 374 -8.85 -1.07 -25.64
CA LYS A 374 -8.17 -0.33 -24.58
C LYS A 374 -7.00 -1.12 -23.99
N ILE A 375 -7.08 -2.44 -24.03
CA ILE A 375 -6.01 -3.27 -23.52
C ILE A 375 -4.87 -3.22 -24.53
N VAL A 376 -5.22 -3.29 -25.80
CA VAL A 376 -4.26 -3.26 -26.90
C VAL A 376 -3.52 -1.92 -26.95
N GLU A 377 -4.26 -0.85 -26.70
CA GLU A 377 -3.70 0.50 -26.69
C GLU A 377 -2.74 0.65 -25.53
N TRP A 378 -3.13 0.13 -24.38
CA TRP A 378 -2.32 0.20 -23.19
C TRP A 378 -0.99 -0.54 -23.41
N SER A 380 0.68 -0.98 -26.11
CA SER A 380 1.58 -0.34 -27.06
C SER A 380 2.70 0.45 -26.38
N TYR A 381 2.49 0.77 -25.11
CA TYR A 381 3.46 1.51 -24.32
C TYR A 381 4.43 0.59 -23.59
N VAL A 382 3.99 -0.61 -23.27
CA VAL A 382 4.78 -1.58 -22.54
C VAL A 382 5.74 -2.39 -23.39
N PRO A 383 6.84 -2.87 -22.82
CA PRO A 383 7.82 -3.68 -23.56
C PRO A 383 7.24 -5.05 -23.97
N ALA A 384 7.79 -5.65 -25.01
CA ALA A 384 7.30 -6.95 -25.48
C ALA A 384 7.37 -8.02 -24.39
N LYS A 385 8.47 -8.04 -23.66
CA LYS A 385 8.67 -8.98 -22.56
C LYS A 385 9.56 -8.29 -21.54
N ARG A 386 9.52 -8.77 -20.31
CA ARG A 386 10.32 -8.25 -19.21
C ARG A 386 11.78 -7.91 -19.56
N ASN A 387 12.22 -6.74 -19.13
CA ASN A 387 13.59 -6.30 -19.36
C ASN A 387 13.97 -6.04 -20.81
N PRO A 389 13.91 -3.09 -23.98
CA PRO A 389 13.79 -1.63 -24.11
C PRO A 389 12.36 -1.19 -24.38
N VAL A 390 11.98 0.00 -23.91
CA VAL A 390 10.64 0.51 -24.14
C VAL A 390 10.35 0.65 -25.62
N PRO A 391 9.12 0.31 -26.04
CA PRO A 391 8.65 0.37 -27.43
C PRO A 391 8.60 1.79 -28.01
N ILE A 392 9.64 2.13 -28.76
CA ILE A 392 9.78 3.43 -29.38
C ILE A 392 9.02 3.48 -30.71
N LEU A 393 7.93 4.26 -30.75
CA LEU A 393 7.11 4.37 -31.95
C LEU A 393 7.03 5.83 -32.44
N GLU A 394 7.90 6.19 -33.38
CA GLU A 394 7.93 7.56 -33.90
C GLU A 394 6.67 7.92 -34.67
N THR A 395 5.96 8.94 -34.19
CA THR A 395 4.73 9.41 -34.80
C THR A 395 5.09 10.46 -35.84
N LYS A 396 4.12 11.27 -36.26
CA LYS A 396 4.40 12.32 -37.22
C LYS A 396 4.81 13.62 -36.53
N ASP A 397 4.62 13.66 -35.21
CA ASP A 397 4.95 14.85 -34.44
C ASP A 397 6.42 14.86 -33.98
N THR A 398 7.31 15.23 -34.88
CA THR A 398 8.75 15.29 -34.57
C THR A 398 9.05 15.90 -33.21
N TRP A 399 10.22 15.57 -32.67
CA TRP A 399 10.65 16.08 -31.38
C TRP A 399 11.19 17.49 -31.52
N ASP A 400 11.81 17.78 -32.67
CA ASP A 400 12.40 19.10 -32.90
C ASP A 400 11.38 20.19 -33.19
N ARG A 401 10.78 20.70 -32.13
CA ARG A 401 9.80 21.76 -32.27
C ARG A 401 9.62 22.44 -30.93
N PRO A 402 8.94 23.59 -30.90
CA PRO A 402 8.71 24.31 -29.65
C PRO A 402 7.48 23.72 -29.01
N VAL A 403 7.13 24.20 -27.82
CA VAL A 403 5.95 23.76 -27.11
C VAL A 403 5.02 24.95 -27.26
N ASP A 404 3.86 24.75 -27.87
CA ASP A 404 2.92 25.83 -28.10
C ASP A 404 2.16 26.29 -26.86
N PHE A 405 1.11 25.56 -26.47
CA PHE A 405 0.35 25.99 -25.30
C PHE A 405 1.24 26.29 -24.10
N THR A 406 0.98 27.42 -23.46
CA THR A 406 1.74 27.83 -22.29
C THR A 406 0.80 28.39 -21.24
N PRO A 407 0.96 27.98 -19.99
CA PRO A 407 0.03 28.51 -18.98
C PRO A 407 0.30 29.99 -18.67
N THR A 408 -0.64 30.61 -17.97
CA THR A 408 -0.51 32.00 -17.56
C THR A 408 -1.00 32.05 -16.13
N ASN A 409 -0.25 32.69 -15.24
CA ASN A 409 -0.66 32.78 -13.85
C ASN A 409 -1.89 33.64 -13.69
N ASP A 410 -2.92 33.39 -14.51
CA ASP A 410 -4.15 34.15 -14.43
C ASP A 410 -5.31 33.22 -14.73
N GLU A 411 -5.56 33.05 -16.04
CA GLU A 411 -6.62 32.19 -16.52
C GLU A 411 -6.33 30.76 -16.14
N THR A 412 -7.39 30.02 -15.81
CA THR A 412 -7.26 28.63 -15.44
C THR A 412 -7.01 27.84 -16.71
N TYR A 413 -6.51 26.62 -16.54
CA TYR A 413 -6.22 25.78 -17.69
C TYR A 413 -6.36 24.32 -17.31
N ASP A 414 -6.48 23.46 -18.33
CA ASP A 414 -6.55 22.02 -18.10
C ASP A 414 -5.10 21.58 -18.27
N VAL A 415 -4.59 20.87 -17.28
CA VAL A 415 -3.21 20.43 -17.35
C VAL A 415 -2.95 19.50 -18.52
N ARG A 416 -4.02 18.94 -19.10
CA ARG A 416 -3.84 18.02 -20.22
C ARG A 416 -3.35 18.77 -21.44
N TRP A 417 -3.70 20.05 -21.52
CA TRP A 417 -3.27 20.87 -22.64
C TRP A 417 -1.76 20.92 -22.69
N ILE A 419 0.21 18.81 -21.46
CA ILE A 419 0.59 17.44 -21.75
C ILE A 419 0.53 17.08 -23.21
N GLU A 420 -0.65 17.20 -23.82
CA GLU A 420 -0.80 16.82 -25.22
C GLU A 420 -1.11 17.93 -26.23
N GLY A 421 -1.56 19.07 -25.74
CA GLY A 421 -1.86 20.15 -26.65
C GLY A 421 -3.30 20.58 -26.57
N ARG A 422 -3.61 21.63 -27.31
CA ARG A 422 -4.95 22.17 -27.32
C ARG A 422 -5.44 22.36 -28.75
N GLU A 423 -6.72 22.09 -28.97
CA GLU A 423 -7.32 22.25 -30.29
C GLU A 423 -8.01 23.63 -30.31
N THR A 424 -7.22 24.68 -30.36
CA THR A 424 -7.73 26.06 -30.36
C THR A 424 -8.59 26.39 -31.59
N GLU A 425 -9.47 27.38 -31.43
CA GLU A 425 -10.34 27.77 -32.53
C GLU A 425 -9.56 28.38 -33.69
N SER A 426 -8.23 28.37 -33.59
CA SER A 426 -7.39 28.94 -34.64
C SER A 426 -6.19 28.06 -34.98
N GLY A 427 -6.32 26.76 -34.71
CA GLY A 427 -5.22 25.86 -35.01
C GLY A 427 -4.90 24.93 -33.85
N PHE A 428 -3.78 24.22 -33.96
CA PHE A 428 -3.41 23.32 -32.89
C PHE A 428 -2.15 23.75 -32.15
N GLU A 429 -2.28 23.93 -30.84
CA GLU A 429 -1.14 24.30 -29.99
C GLU A 429 -0.56 22.99 -29.51
N TYR A 430 0.65 22.67 -29.92
CA TYR A 430 1.26 21.42 -29.48
C TYR A 430 1.66 21.52 -28.02
N GLY A 431 1.57 20.40 -27.32
CA GLY A 431 1.96 20.37 -25.92
C GLY A 431 3.38 19.84 -25.75
N LEU A 432 3.69 19.39 -24.54
CA LEU A 432 5.00 18.85 -24.22
C LEU A 432 5.22 17.53 -24.95
N PHE A 433 4.20 16.68 -24.94
CA PHE A 433 4.29 15.37 -25.57
C PHE A 433 3.63 15.21 -26.95
N ASP A 434 4.01 14.13 -27.63
CA ASP A 434 3.50 13.81 -28.96
C ASP A 434 2.00 13.98 -29.08
N LYS A 435 1.58 14.55 -30.21
CA LYS A 435 0.18 14.79 -30.49
C LYS A 435 -0.65 13.51 -30.43
N GLY A 436 -1.73 13.56 -29.66
CA GLY A 436 -2.60 12.42 -29.51
C GLY A 436 -1.97 11.19 -28.87
N SER A 437 -0.92 11.37 -28.04
CA SER A 437 -0.27 10.22 -27.42
C SER A 437 -0.63 9.97 -25.96
N PHE A 438 -1.22 10.96 -25.31
CA PHE A 438 -1.58 10.81 -23.91
C PHE A 438 -2.70 9.79 -23.76
N PHE A 439 -2.48 8.81 -22.88
CA PHE A 439 -3.45 7.75 -22.62
C PHE A 439 -3.76 7.79 -21.13
N GLU A 440 -4.71 8.64 -20.74
CA GLU A 440 -5.05 8.76 -19.33
C GLU A 440 -5.56 7.48 -18.70
N THR A 441 -5.39 7.36 -17.39
CA THR A 441 -5.80 6.19 -16.65
C THR A 441 -6.26 6.58 -15.24
N LEU A 442 -7.13 5.79 -14.65
CA LEU A 442 -7.64 6.11 -13.31
C LEU A 442 -8.36 7.44 -13.35
N SER A 443 -8.92 7.75 -14.52
CA SER A 443 -9.59 9.02 -14.76
C SER A 443 -10.81 9.36 -13.93
N GLY A 444 -11.43 8.37 -13.29
CA GLY A 444 -12.62 8.66 -12.49
C GLY A 444 -12.39 8.76 -11.00
N TRP A 445 -11.13 8.66 -10.58
CA TRP A 445 -10.79 8.70 -9.16
C TRP A 445 -9.69 9.71 -8.85
N ALA A 446 -9.79 10.32 -7.67
CA ALA A 446 -8.81 11.32 -7.20
C ALA A 446 -8.36 12.22 -8.35
N LYS A 447 -9.31 12.97 -8.89
CA LYS A 447 -9.06 13.87 -10.04
C LYS A 447 -8.09 15.03 -9.80
N GLY A 448 -7.58 15.12 -8.56
CA GLY A 448 -6.61 16.15 -8.23
C GLY A 448 -5.37 15.90 -9.03
N VAL A 449 -5.09 14.62 -9.27
CA VAL A 449 -3.92 14.26 -10.06
C VAL A 449 -4.36 13.77 -11.43
N VAL A 450 -3.46 13.87 -12.40
CA VAL A 450 -3.72 13.41 -13.76
C VAL A 450 -2.61 12.46 -14.19
N VAL A 451 -2.92 11.16 -14.25
CA VAL A 451 -1.94 10.17 -14.63
C VAL A 451 -2.29 9.51 -15.94
N GLY A 452 -1.27 9.07 -16.67
CA GLY A 452 -1.48 8.40 -17.94
C GLY A 452 -0.15 8.07 -18.60
N ARG A 453 -0.22 7.40 -19.75
CA ARG A 453 0.99 7.06 -20.48
C ARG A 453 1.10 8.09 -21.61
N ALA A 454 2.28 8.22 -22.19
CA ALA A 454 2.47 9.15 -23.27
C ALA A 454 3.73 8.84 -24.04
N ARG A 455 3.93 9.56 -25.12
CA ARG A 455 5.12 9.40 -25.92
C ARG A 455 5.75 10.77 -26.10
N LEU A 456 7.07 10.79 -26.01
CA LEU A 456 7.85 12.00 -26.13
C LEU A 456 8.83 11.74 -27.26
N GLY A 457 8.48 12.19 -28.45
CA GLY A 457 9.37 11.96 -29.58
C GLY A 457 9.42 10.49 -29.92
N GLY A 458 8.36 9.78 -29.56
CA GLY A 458 8.25 8.36 -29.85
C GLY A 458 8.57 7.46 -28.67
N ILE A 459 9.13 8.07 -27.62
CA ILE A 459 9.50 7.33 -26.43
C ILE A 459 8.34 7.24 -25.46
N PRO A 460 8.04 6.02 -24.98
CA PRO A 460 6.94 5.80 -24.05
C PRO A 460 7.39 6.18 -22.64
N LEU A 461 6.48 6.77 -21.87
CA LEU A 461 6.80 7.14 -20.49
C LEU A 461 5.52 7.41 -19.73
N GLY A 462 5.59 7.28 -18.42
CA GLY A 462 4.43 7.55 -17.58
C GLY A 462 4.45 9.03 -17.28
N VAL A 463 3.28 9.65 -17.21
CA VAL A 463 3.16 11.08 -16.96
C VAL A 463 2.15 11.38 -15.87
N ILE A 464 2.56 12.22 -14.92
CA ILE A 464 1.70 12.62 -13.81
C ILE A 464 1.65 14.14 -13.78
N GLY A 465 0.45 14.68 -13.86
CA GLY A 465 0.30 16.13 -13.84
C GLY A 465 -0.62 16.51 -12.72
N VAL A 466 -0.74 17.81 -12.45
CA VAL A 466 -1.60 18.27 -11.37
C VAL A 466 -2.78 19.02 -11.95
N GLU A 467 -3.98 18.75 -11.43
CA GLU A 467 -5.17 19.44 -11.90
C GLU A 467 -5.35 20.71 -11.08
N THR A 468 -5.18 21.84 -11.76
CA THR A 468 -5.29 23.13 -11.10
C THR A 468 -6.72 23.52 -10.74
N ARG A 469 -7.70 22.92 -11.41
CA ARG A 469 -9.09 23.26 -11.11
C ARG A 469 -9.70 22.46 -9.95
N THR A 470 -10.51 23.13 -9.15
CA THR A 470 -11.16 22.50 -8.02
C THR A 470 -12.05 21.35 -8.47
N VAL A 471 -11.91 20.21 -7.83
CA VAL A 471 -12.68 19.04 -8.17
C VAL A 471 -13.90 18.94 -7.26
N GLU A 472 -15.07 18.69 -7.84
CA GLU A 472 -16.28 18.54 -7.03
C GLU A 472 -16.50 17.05 -6.89
N ASN A 473 -15.92 16.44 -5.87
CA ASN A 473 -16.10 15.03 -5.67
C ASN A 473 -17.45 14.82 -4.99
N LEU A 474 -18.38 14.21 -5.71
CA LEU A 474 -19.72 13.97 -5.18
C LEU A 474 -19.95 12.53 -4.66
N ILE A 475 -20.05 12.39 -3.34
CA ILE A 475 -20.25 11.09 -2.71
C ILE A 475 -21.72 10.69 -2.63
N PRO A 476 -22.09 9.53 -3.21
CA PRO A 476 -23.47 9.02 -3.22
C PRO A 476 -23.89 8.52 -1.85
N ALA A 477 -25.14 8.78 -1.47
CA ALA A 477 -25.65 8.34 -0.18
C ALA A 477 -25.61 6.81 -0.01
N ASP A 478 -25.43 6.37 1.22
CA ASP A 478 -25.38 4.95 1.58
C ASP A 478 -26.80 4.41 1.83
N PRO A 479 -27.29 3.54 0.95
CA PRO A 479 -28.64 2.96 1.07
C PRO A 479 -28.92 2.27 2.39
N ALA A 480 -27.87 1.73 3.02
CA ALA A 480 -28.00 1.02 4.28
C ALA A 480 -28.27 1.93 5.47
N ASN A 481 -28.11 3.23 5.27
CA ASN A 481 -28.34 4.18 6.34
C ASN A 481 -29.51 5.08 6.00
N PRO A 482 -30.71 4.75 6.52
CA PRO A 482 -31.93 5.52 6.27
C PRO A 482 -31.76 7.04 6.27
N ASN A 483 -30.84 7.54 7.07
CA ASN A 483 -30.62 8.98 7.09
C ASN A 483 -29.23 9.37 6.62
N SER A 484 -28.82 8.77 5.51
CA SER A 484 -27.52 9.05 4.90
C SER A 484 -27.77 10.14 3.84
N ALA A 485 -26.85 11.10 3.73
CA ALA A 485 -27.04 12.18 2.77
C ALA A 485 -26.00 12.30 1.68
N GLU A 486 -26.46 12.50 0.44
CA GLU A 486 -25.55 12.68 -0.69
C GLU A 486 -24.68 13.82 -0.18
N THR A 487 -23.38 13.73 -0.40
CA THR A 487 -22.48 14.78 0.08
C THR A 487 -21.40 15.14 -0.94
N LEU A 488 -21.08 16.44 -1.01
CA LEU A 488 -20.10 16.94 -1.98
C LEU A 488 -18.81 17.44 -1.37
N ILE A 489 -17.70 16.81 -1.74
CA ILE A 489 -16.40 17.20 -1.21
C ILE A 489 -15.65 18.02 -2.24
N GLN A 490 -15.21 19.20 -1.84
CA GLN A 490 -14.48 20.06 -2.75
C GLN A 490 -12.98 19.99 -2.54
N GLU A 491 -12.28 19.43 -3.53
CA GLU A 491 -10.85 19.25 -3.47
C GLU A 491 -10.08 20.34 -4.21
N PRO A 492 -9.48 21.29 -3.45
CA PRO A 492 -8.70 22.40 -3.99
C PRO A 492 -7.55 21.95 -4.87
N GLY A 493 -7.37 22.65 -5.99
CA GLY A 493 -6.30 22.32 -6.91
C GLY A 493 -4.92 22.50 -6.33
N GLN A 494 -3.95 21.83 -6.93
CA GLN A 494 -2.55 21.89 -6.52
C GLN A 494 -2.28 21.44 -5.08
N VAL A 495 -3.17 20.63 -4.53
CA VAL A 495 -3.00 20.15 -3.16
C VAL A 495 -3.27 18.66 -3.04
N TRP A 496 -2.33 17.93 -2.46
CA TRP A 496 -2.54 16.50 -2.29
C TRP A 496 -3.52 16.23 -1.16
N HIS A 497 -4.44 15.32 -1.42
CA HIS A 497 -5.41 14.91 -0.43
C HIS A 497 -5.14 13.42 -0.30
N PRO A 498 -5.77 12.76 0.67
CA PRO A 498 -5.54 11.33 0.84
C PRO A 498 -5.69 10.55 -0.46
N ASN A 499 -6.74 10.85 -1.22
CA ASN A 499 -6.98 10.14 -2.47
C ASN A 499 -5.99 10.45 -3.58
N SER A 500 -5.62 11.72 -3.73
CA SER A 500 -4.66 12.08 -4.78
C SER A 500 -3.24 11.61 -4.45
N ALA A 501 -2.90 11.52 -3.18
CA ALA A 501 -1.56 11.05 -2.81
C ALA A 501 -1.49 9.57 -3.13
N PHE A 502 -2.51 8.82 -2.70
CA PHE A 502 -2.62 7.40 -2.95
C PHE A 502 -2.61 7.16 -4.46
N LYS A 503 -3.34 7.99 -5.19
CA LYS A 503 -3.38 7.83 -6.64
C LYS A 503 -1.99 8.01 -7.25
N THR A 504 -1.27 9.01 -6.78
CA THR A 504 0.07 9.29 -7.26
C THR A 504 0.95 8.08 -7.00
N ALA A 505 0.85 7.55 -5.78
CA ALA A 505 1.63 6.39 -5.38
C ALA A 505 1.32 5.21 -6.31
N GLN A 506 0.02 4.97 -6.49
CA GLN A 506 -0.44 3.90 -7.35
C GLN A 506 0.18 4.01 -8.73
N ALA A 507 0.12 5.20 -9.30
CA ALA A 507 0.64 5.42 -10.63
C ALA A 507 2.13 5.18 -10.72
N ILE A 508 2.90 5.70 -9.79
CA ILE A 508 4.34 5.49 -9.83
C ILE A 508 4.60 3.99 -9.83
N ASN A 509 3.91 3.29 -8.93
CA ASN A 509 4.08 1.84 -8.84
C ASN A 509 3.68 1.06 -10.11
N ASP A 510 2.60 1.48 -10.78
CA ASP A 510 2.16 0.78 -11.98
C ASP A 510 3.07 1.04 -13.18
N PHE A 511 3.74 2.19 -13.21
CA PHE A 511 4.65 2.50 -14.31
C PHE A 511 5.90 1.65 -14.13
N ASN A 512 6.21 1.40 -12.87
CA ASN A 512 7.40 0.67 -12.49
C ASN A 512 7.38 -0.86 -12.62
N ASN A 513 6.45 -1.49 -11.91
CA ASN A 513 6.37 -2.95 -11.90
C ASN A 513 6.30 -3.81 -13.15
N GLY A 514 5.28 -3.64 -14.00
CA GLY A 514 5.26 -4.50 -15.16
C GLY A 514 5.62 -3.78 -16.44
N GLU A 515 5.23 -2.51 -16.49
CA GLU A 515 5.47 -1.66 -17.63
C GLU A 515 6.94 -1.30 -17.76
N GLN A 516 7.66 -1.23 -16.64
CA GLN A 516 9.09 -0.88 -16.65
C GLN A 516 9.32 0.37 -17.48
N LEU A 517 8.64 1.43 -17.08
CA LEU A 517 8.71 2.69 -17.81
C LEU A 517 9.38 3.89 -17.17
N PRO A 518 9.84 4.81 -18.01
CA PRO A 518 10.48 6.02 -17.53
C PRO A 518 9.25 6.81 -17.05
N ILE A 521 7.22 13.72 -13.87
CA ILE A 521 6.21 14.28 -13.00
C ILE A 521 6.28 15.78 -13.14
N LEU A 522 5.18 16.39 -13.59
CA LEU A 522 5.15 17.82 -13.68
C LEU A 522 4.70 18.26 -12.30
N ALA A 523 5.65 18.29 -11.37
CA ALA A 523 5.39 18.64 -9.97
C ALA A 523 4.90 20.07 -9.77
N ASN A 524 3.71 20.21 -9.21
CA ASN A 524 3.11 21.50 -8.99
C ASN A 524 2.10 21.40 -7.86
N TRP A 525 2.61 21.17 -6.65
CA TRP A 525 1.78 21.03 -5.47
C TRP A 525 2.14 22.08 -4.45
N ARG A 526 1.14 22.66 -3.81
CA ARG A 526 1.41 23.66 -2.78
C ARG A 526 1.53 22.90 -1.45
N GLY A 527 1.40 21.58 -1.52
CA GLY A 527 1.50 20.76 -0.32
C GLY A 527 0.36 19.77 -0.09
N PHE A 528 0.26 19.29 1.13
CA PHE A 528 -0.77 18.34 1.49
C PHE A 528 -1.83 19.10 2.27
N SER A 529 -3.03 18.58 2.30
CA SER A 529 -4.06 19.22 3.06
C SER A 529 -3.75 18.83 4.49
N GLY A 530 -3.62 19.81 5.36
CA GLY A 530 -3.31 19.52 6.75
C GLY A 530 -4.50 19.69 7.68
N GLY A 531 -5.65 20.04 7.12
CA GLY A 531 -6.84 20.21 7.95
C GLY A 531 -7.17 18.93 8.71
N GLN A 532 -8.10 19.04 9.66
CA GLN A 532 -8.48 17.89 10.48
C GLN A 532 -8.94 16.68 9.69
N ARG A 533 -9.99 16.87 8.90
CA ARG A 533 -10.58 15.81 8.09
C ARG A 533 -9.56 14.94 7.34
N ASP A 534 -8.67 15.58 6.59
CA ASP A 534 -7.69 14.86 5.81
C ASP A 534 -6.55 14.24 6.63
N PHE A 536 -7.17 13.10 9.59
CA PHE A 536 -7.90 12.02 10.19
C PHE A 536 -8.05 10.89 9.17
N ASN A 537 -7.98 11.25 7.90
CA ASN A 537 -8.12 10.28 6.83
C ASN A 537 -6.76 9.77 6.38
N GLU A 538 -5.76 10.04 7.22
CA GLU A 538 -4.42 9.55 7.00
C GLU A 538 -3.67 9.97 5.75
N VAL A 539 -3.76 11.24 5.40
CA VAL A 539 -3.05 11.74 4.24
C VAL A 539 -1.54 11.51 4.45
N LEU A 540 -1.12 11.36 5.70
CA LEU A 540 0.29 11.12 6.00
C LEU A 540 0.76 9.76 5.53
N LYS A 541 -0.14 8.78 5.59
CA LYS A 541 0.18 7.42 5.17
C LYS A 541 0.29 7.36 3.66
N TYR A 542 -0.74 7.83 2.97
CA TYR A 542 -0.72 7.78 1.51
C TYR A 542 0.41 8.66 0.98
N GLY A 543 0.74 9.71 1.72
CA GLY A 543 1.82 10.59 1.29
C GLY A 543 3.14 9.86 1.38
N SER A 544 3.30 9.02 2.41
CA SER A 544 4.51 8.26 2.57
C SER A 544 4.65 7.23 1.48
N PHE A 545 3.53 6.66 1.05
CA PHE A 545 3.57 5.64 0.00
C PHE A 545 4.34 6.17 -1.18
N ILE A 546 4.21 7.46 -1.45
CA ILE A 546 4.91 8.10 -2.56
C ILE A 546 6.40 7.85 -2.50
N VAL A 547 6.97 8.02 -1.32
CA VAL A 547 8.39 7.82 -1.11
C VAL A 547 8.78 6.36 -1.36
N ASP A 548 7.99 5.43 -0.82
CA ASP A 548 8.27 4.01 -1.01
C ASP A 548 8.26 3.68 -2.52
N ALA A 549 7.31 4.25 -3.25
CA ALA A 549 7.22 4.01 -4.69
C ALA A 549 8.44 4.52 -5.44
N LEU A 550 8.92 5.71 -5.10
CA LEU A 550 10.09 6.26 -5.78
C LEU A 550 11.36 5.50 -5.42
N VAL A 551 11.46 5.04 -4.18
CA VAL A 551 12.64 4.30 -3.78
C VAL A 551 12.72 3.01 -4.61
N ASP A 552 11.55 2.43 -4.86
CA ASP A 552 11.42 1.18 -5.61
C ASP A 552 11.57 1.29 -7.14
N TYR A 553 11.35 2.48 -7.68
CA TYR A 553 11.45 2.74 -9.12
C TYR A 553 12.78 2.32 -9.80
N LYS A 554 12.70 1.60 -10.92
CA LYS A 554 13.90 1.14 -11.63
C LYS A 554 14.23 1.80 -12.95
N GLN A 555 13.42 2.75 -13.38
CA GLN A 555 13.70 3.41 -14.65
C GLN A 555 13.91 4.91 -14.41
N PRO A 556 14.51 5.62 -15.37
CA PRO A 556 14.74 7.07 -15.22
C PRO A 556 13.51 7.86 -14.81
N ILE A 557 13.70 8.82 -13.91
CA ILE A 557 12.62 9.70 -13.45
C ILE A 557 12.99 11.16 -13.66
N ILE A 558 12.06 11.94 -14.17
CA ILE A 558 12.30 13.34 -14.37
C ILE A 558 11.26 14.12 -13.59
N ILE A 559 11.70 14.94 -12.64
CA ILE A 559 10.74 15.75 -11.89
C ILE A 559 10.89 17.12 -12.52
N TYR A 560 9.79 17.86 -12.67
CA TYR A 560 9.89 19.15 -13.34
C TYR A 560 8.80 20.14 -12.99
N ILE A 561 9.17 21.20 -12.31
CA ILE A 561 8.21 22.23 -11.93
C ILE A 561 7.97 23.02 -13.22
N PRO A 562 6.72 22.98 -13.73
CA PRO A 562 6.41 23.70 -14.96
C PRO A 562 6.22 25.18 -14.70
N PRO A 563 6.21 25.99 -15.77
CA PRO A 563 6.04 27.44 -15.79
C PRO A 563 5.30 28.06 -14.60
N THR A 564 4.01 28.28 -14.75
CA THR A 564 3.24 28.90 -13.68
C THR A 564 3.18 28.08 -12.40
N GLY A 565 3.94 26.99 -12.35
CA GLY A 565 3.90 26.12 -11.19
C GLY A 565 4.75 26.49 -9.99
N GLU A 566 4.71 25.61 -9.01
CA GLU A 566 5.43 25.77 -7.76
C GLU A 566 5.41 24.44 -7.03
N LEU A 567 6.36 24.25 -6.12
CA LEU A 567 6.45 23.03 -5.33
C LEU A 567 6.92 23.49 -3.94
N ARG A 568 6.02 23.51 -2.96
CA ARG A 568 6.31 23.97 -1.59
C ARG A 568 6.68 22.90 -0.56
N GLY A 569 6.76 23.33 0.70
CA GLY A 569 7.12 22.46 1.81
C GLY A 569 6.84 20.97 1.72
N GLY A 570 5.73 20.55 2.31
CA GLY A 570 5.36 19.13 2.32
C GLY A 570 5.47 18.42 0.99
N SER A 571 5.09 19.10 -0.08
CA SER A 571 5.13 18.51 -1.39
C SER A 571 6.54 18.22 -1.90
N TRP A 572 7.50 19.09 -1.60
CA TRP A 572 8.86 18.90 -2.08
C TRP A 572 9.59 17.67 -1.51
N VAL A 573 9.44 17.46 -0.22
CA VAL A 573 10.10 16.34 0.42
C VAL A 573 9.82 14.98 -0.22
N VAL A 574 8.59 14.76 -0.70
CA VAL A 574 8.24 13.48 -1.30
C VAL A 574 8.70 13.27 -2.74
N VAL A 575 9.20 14.31 -3.39
CA VAL A 575 9.66 14.17 -4.77
C VAL A 575 11.10 14.57 -5.01
N ASP A 576 11.84 14.90 -3.95
CA ASP A 576 13.24 15.31 -4.10
C ASP A 576 14.14 14.20 -4.59
N PRO A 577 14.93 14.49 -5.64
CA PRO A 577 15.87 13.56 -6.27
C PRO A 577 16.61 12.68 -5.28
N THR A 578 17.03 13.25 -4.15
CA THR A 578 17.79 12.49 -3.19
C THR A 578 17.11 11.21 -2.69
N ILE A 579 15.79 11.16 -2.82
CA ILE A 579 15.06 9.99 -2.39
C ILE A 579 15.60 8.74 -3.10
N ASN A 580 15.92 8.86 -4.39
CA ASN A 580 16.44 7.77 -5.21
C ASN A 580 17.42 8.35 -6.23
N ALA A 581 18.57 8.81 -5.76
CA ALA A 581 19.59 9.43 -6.61
C ALA A 581 19.91 8.70 -7.90
N ASP A 582 19.80 7.38 -7.89
CA ASP A 582 20.11 6.58 -9.05
C ASP A 582 19.28 6.87 -10.28
N GLN A 583 17.97 7.08 -10.10
CA GLN A 583 17.09 7.31 -11.23
C GLN A 583 16.43 8.67 -11.34
N GLU A 585 16.02 12.94 -11.24
CA GLU A 585 16.65 14.22 -11.59
C GLU A 585 15.54 15.26 -11.57
N TYR A 587 14.19 19.31 -12.44
CA TYR A 587 14.38 20.51 -13.24
C TYR A 587 13.25 21.47 -12.89
N ALA A 588 13.54 22.77 -12.96
CA ALA A 588 12.55 23.80 -12.67
C ALA A 588 12.53 24.83 -13.79
N ASP A 589 11.32 25.22 -14.20
CA ASP A 589 11.15 26.20 -15.26
C ASP A 589 11.64 27.54 -14.72
N VAL A 590 12.27 28.34 -15.56
CA VAL A 590 12.75 29.63 -15.11
C VAL A 590 11.59 30.41 -14.48
N ASN A 591 10.38 30.05 -14.88
CA ASN A 591 9.21 30.72 -14.34
C ASN A 591 8.45 29.96 -13.29
N ALA A 592 9.13 29.04 -12.61
CA ALA A 592 8.48 28.29 -11.55
C ALA A 592 8.85 28.96 -10.24
N ARG A 593 8.36 28.44 -9.13
CA ARG A 593 8.69 28.98 -7.81
C ARG A 593 9.00 27.78 -6.91
N ALA A 594 9.65 28.02 -5.77
CA ALA A 594 9.99 26.95 -4.81
C ALA A 594 10.53 27.47 -3.49
N GLY A 595 10.05 26.89 -2.39
CA GLY A 595 10.48 27.28 -1.05
C GLY A 595 9.69 26.52 0.00
N VAL A 596 10.16 26.55 1.26
CA VAL A 596 9.47 25.85 2.34
C VAL A 596 8.10 26.47 2.55
N LEU A 597 8.01 27.79 2.43
CA LEU A 597 6.73 28.47 2.56
C LEU A 597 6.45 29.35 1.35
N GLU A 598 5.23 29.88 1.29
CA GLU A 598 4.82 30.79 0.21
C GLU A 598 5.06 32.18 0.79
N PRO A 599 5.25 33.20 -0.08
CA PRO A 599 5.49 34.57 0.40
C PRO A 599 4.53 35.02 1.50
N GLN A 600 3.24 34.89 1.26
CA GLN A 600 2.27 35.30 2.26
C GLN A 600 2.64 34.66 3.58
N GLY A 601 3.16 33.44 3.51
CA GLY A 601 3.54 32.73 4.73
C GLY A 601 4.92 33.09 5.25
N VAL A 603 6.47 35.76 4.90
CA VAL A 603 6.41 37.12 5.43
C VAL A 603 5.72 37.15 6.79
N GLY A 604 4.64 36.40 6.92
CA GLY A 604 3.92 36.38 8.18
C GLY A 604 4.80 35.95 9.34
N ILE A 605 6.01 35.50 9.04
CA ILE A 605 6.91 35.07 10.09
C ILE A 605 8.19 35.86 10.15
N LYS A 606 8.74 36.22 9.00
CA LYS A 606 9.98 36.96 9.04
C LYS A 606 9.99 38.35 8.42
N PHE A 607 8.81 38.94 8.25
CA PHE A 607 8.68 40.29 7.72
C PHE A 607 7.39 40.89 8.25
N ARG A 608 7.31 40.95 9.58
CA ARG A 608 6.16 41.46 10.28
C ARG A 608 6.04 42.99 10.20
N ARG A 609 5.07 43.55 10.93
CA ARG A 609 4.83 44.98 10.94
C ARG A 609 6.09 45.77 11.27
N GLU A 610 6.52 45.71 12.54
CA GLU A 610 7.71 46.41 13.02
C GLU A 610 8.80 46.46 11.96
N LYS A 611 8.96 45.36 11.24
CA LYS A 611 9.97 45.25 10.20
C LYS A 611 9.54 46.02 8.97
N LEU A 612 8.24 45.96 8.69
CA LEU A 612 7.70 46.68 7.54
C LEU A 612 7.95 48.17 7.80
N LEU A 613 7.64 48.60 9.02
CA LEU A 613 7.84 49.97 9.48
C LEU A 613 9.31 50.38 9.39
N ASP A 614 10.23 49.51 9.84
CA ASP A 614 11.65 49.84 9.74
C ASP A 614 11.98 50.17 8.29
N THR A 615 11.39 49.42 7.38
CA THR A 615 11.61 49.62 5.94
C THR A 615 10.98 50.93 5.52
N ASN A 617 10.60 53.76 7.54
CA ASN A 617 11.45 54.83 8.02
C ASN A 617 12.68 54.97 7.15
N ARG A 618 13.11 53.87 6.55
CA ARG A 618 14.27 53.89 5.69
C ARG A 618 13.98 54.28 4.23
N LEU A 619 12.81 53.92 3.72
CA LEU A 619 12.50 54.24 2.32
C LEU A 619 11.41 55.29 2.04
N ASP A 620 10.84 55.89 3.09
CA ASP A 620 9.82 56.93 2.91
C ASP A 620 10.25 58.21 3.63
N ASP A 621 10.34 59.32 2.89
CA ASP A 621 10.76 60.57 3.50
C ASP A 621 9.76 61.20 4.46
N LYS A 622 8.49 61.12 4.13
CA LYS A 622 7.48 61.71 5.01
C LYS A 622 7.41 60.96 6.35
N TYR A 623 7.37 59.63 6.30
CA TYR A 623 7.29 58.81 7.51
C TYR A 623 8.55 58.92 8.35
N ARG A 624 9.69 59.02 7.67
CA ARG A 624 10.99 59.13 8.32
C ARG A 624 11.08 60.46 9.08
N GLU A 625 11.00 61.56 8.33
CA GLU A 625 11.04 62.88 8.95
C GLU A 625 10.02 62.97 10.08
N LEU A 626 8.92 62.24 9.95
CA LEU A 626 7.92 62.27 11.01
C LEU A 626 8.44 61.50 12.23
N ARG A 627 9.13 60.39 11.99
CA ARG A 627 9.66 59.59 13.09
C ARG A 627 10.62 60.43 13.96
N SER A 628 11.55 61.13 13.31
CA SER A 628 12.53 61.98 14.00
C SER A 628 11.90 62.97 14.97
N GLN A 629 10.85 63.67 14.52
CA GLN A 629 10.18 64.65 15.36
C GLN A 629 9.65 64.02 16.66
N LEU A 630 9.33 62.74 16.61
CA LEU A 630 8.79 62.08 17.78
C LEU A 630 9.90 61.46 18.61
N SER A 631 11.12 61.49 18.08
CA SER A 631 12.23 60.91 18.81
C SER A 631 13.50 61.77 18.82
N ASN A 632 13.38 63.02 18.42
CA ASN A 632 14.55 63.91 18.41
C ASN A 632 14.41 65.08 19.36
N LYS A 633 13.18 65.36 19.79
CA LYS A 633 12.96 66.49 20.69
C LYS A 633 11.77 66.29 21.62
N SER A 634 11.86 66.80 22.84
CA SER A 634 10.77 66.69 23.80
C SER A 634 9.69 67.66 23.32
N LEU A 635 8.57 67.11 22.86
CA LEU A 635 7.48 67.94 22.35
C LEU A 635 6.38 68.08 23.40
N ALA A 636 5.58 69.15 23.27
CA ALA A 636 4.47 69.36 24.18
C ALA A 636 3.42 68.29 23.88
N PRO A 637 2.73 67.78 24.91
CA PRO A 637 1.70 66.74 24.71
C PRO A 637 0.84 66.95 23.45
N GLU A 638 0.28 68.15 23.31
CA GLU A 638 -0.56 68.52 22.17
C GLU A 638 0.16 68.33 20.84
N VAL A 639 1.46 68.58 20.82
CA VAL A 639 2.21 68.44 19.58
C VAL A 639 2.58 67.00 19.27
N HIS A 640 2.85 66.22 20.32
CA HIS A 640 3.19 64.81 20.13
C HIS A 640 1.94 64.07 19.63
N GLN A 641 0.78 64.45 20.14
CA GLN A 641 -0.46 63.82 19.71
C GLN A 641 -0.66 64.18 18.25
N GLN A 642 -0.59 65.47 17.95
CA GLN A 642 -0.74 65.96 16.59
C GLN A 642 0.17 65.21 15.61
N ILE A 643 1.37 64.84 16.05
CA ILE A 643 2.30 64.15 15.16
C ILE A 643 2.14 62.63 15.12
N SER A 644 1.72 62.04 16.23
CA SER A 644 1.50 60.61 16.26
C SER A 644 0.41 60.29 15.25
N LYS A 645 -0.60 61.14 15.21
CA LYS A 645 -1.70 60.93 14.28
C LYS A 645 -1.17 60.93 12.86
N GLN A 646 -0.33 61.91 12.53
CA GLN A 646 0.22 61.99 11.17
C GLN A 646 1.03 60.75 10.84
N LEU A 647 1.54 60.09 11.88
CA LEU A 647 2.34 58.87 11.75
C LEU A 647 1.42 57.71 11.39
N ALA A 648 0.45 57.49 12.28
CA ALA A 648 -0.52 56.42 12.09
C ALA A 648 -1.15 56.54 10.71
N ASP A 649 -1.64 57.72 10.36
CA ASP A 649 -2.27 57.89 9.05
C ASP A 649 -1.32 57.61 7.88
N ARG A 650 -0.02 57.84 8.06
CA ARG A 650 0.94 57.55 7.01
C ARG A 650 1.12 56.03 6.95
N GLU A 651 1.16 55.38 8.10
CA GLU A 651 1.28 53.93 8.15
C GLU A 651 0.04 53.34 7.50
N ARG A 652 -1.09 53.97 7.79
CA ARG A 652 -2.37 53.56 7.27
C ARG A 652 -2.54 54.01 5.83
N GLU A 653 -1.44 54.10 5.08
CA GLU A 653 -1.54 54.47 3.67
C GLU A 653 -0.41 53.86 2.85
N LEU A 654 0.73 53.64 3.48
CA LEU A 654 1.87 53.03 2.80
C LEU A 654 1.86 51.53 3.13
N LEU A 655 1.26 51.17 4.26
CA LEU A 655 1.25 49.79 4.71
C LEU A 655 0.92 48.76 3.64
N PRO A 656 -0.15 48.95 2.87
CA PRO A 656 -0.50 48.00 1.82
C PRO A 656 0.63 47.80 0.82
N ILE A 657 1.05 48.88 0.18
CA ILE A 657 2.10 48.85 -0.82
C ILE A 657 3.34 48.18 -0.23
N TYR A 658 3.66 48.54 1.01
CA TYR A 658 4.83 47.97 1.66
C TYR A 658 4.64 46.47 1.90
N GLY A 659 3.43 46.07 2.27
CA GLY A 659 3.16 44.66 2.48
C GLY A 659 3.39 43.99 1.14
N GLN A 660 3.02 44.69 0.07
CA GLN A 660 3.22 44.19 -1.28
C GLN A 660 4.71 44.05 -1.56
N ILE A 661 5.47 45.03 -1.13
CA ILE A 661 6.92 45.04 -1.34
C ILE A 661 7.59 43.86 -0.65
N SER A 662 7.13 43.52 0.55
CA SER A 662 7.71 42.41 1.30
C SER A 662 7.48 41.05 0.64
N LEU A 663 6.31 40.89 0.02
CA LEU A 663 5.97 39.65 -0.68
C LEU A 663 6.95 39.43 -1.81
N GLN A 664 7.17 40.49 -2.58
CA GLN A 664 8.10 40.42 -3.71
C GLN A 664 9.51 40.11 -3.21
N PHE A 665 9.85 40.59 -2.02
CA PHE A 665 11.16 40.33 -1.45
C PHE A 665 11.25 38.81 -1.22
N ALA A 666 10.20 38.26 -0.63
CA ALA A 666 10.12 36.85 -0.34
C ALA A 666 10.16 36.00 -1.61
N ASP A 667 9.41 36.43 -2.62
CA ASP A 667 9.32 35.73 -3.89
C ASP A 667 10.61 35.73 -4.69
N LEU A 668 11.59 36.51 -4.26
CA LEU A 668 12.84 36.54 -5.00
C LEU A 668 13.78 35.42 -4.56
N HIS A 669 13.43 34.75 -3.46
CA HIS A 669 14.25 33.64 -3.00
C HIS A 669 13.70 32.36 -3.61
N ASP A 670 12.39 32.35 -3.85
CA ASP A 670 11.67 31.23 -4.43
C ASP A 670 11.90 31.09 -5.92
N ARG A 671 13.13 31.32 -6.37
CA ARG A 671 13.42 31.26 -7.80
C ARG A 671 14.37 30.15 -8.18
N SER A 672 14.22 29.66 -9.41
CA SER A 672 15.02 28.59 -9.93
C SER A 672 16.49 28.92 -9.90
N SER A 673 16.80 30.21 -10.11
CA SER A 673 18.18 30.68 -10.12
C SER A 673 18.81 30.33 -8.77
N ARG A 674 17.99 30.37 -7.73
CA ARG A 674 18.50 30.02 -6.40
C ARG A 674 18.65 28.50 -6.33
N VAL A 676 19.50 26.52 -8.74
CA VAL A 676 20.74 26.17 -9.42
C VAL A 676 21.89 26.52 -8.50
N ALA A 677 21.78 27.69 -7.87
CA ALA A 677 22.79 28.21 -6.96
C ALA A 677 23.06 27.27 -5.79
N LYS A 678 21.99 26.78 -5.17
CA LYS A 678 22.12 25.87 -4.04
C LYS A 678 22.26 24.40 -4.43
N GLY A 679 22.36 24.12 -5.71
CA GLY A 679 22.53 22.75 -6.19
C GLY A 679 21.42 21.75 -5.88
N VAL A 680 20.18 22.23 -5.86
CA VAL A 680 19.04 21.37 -5.58
C VAL A 680 18.38 20.81 -6.83
N ILE A 681 18.65 21.39 -8.00
CA ILE A 681 18.07 20.88 -9.22
C ILE A 681 19.22 20.60 -10.19
N SER A 682 18.92 20.04 -11.34
CA SER A 682 20.00 19.77 -12.28
C SER A 682 20.14 20.97 -13.21
N LYS A 683 19.01 21.58 -13.58
CA LYS A 683 19.02 22.74 -14.48
C LYS A 683 17.70 23.51 -14.48
N GLU A 684 17.75 24.78 -14.88
CA GLU A 684 16.54 25.57 -15.02
C GLU A 684 16.30 25.53 -16.52
N LEU A 685 15.04 25.53 -16.94
CA LEU A 685 14.75 25.41 -18.35
C LEU A 685 13.72 26.38 -18.90
N GLU A 686 13.72 26.51 -20.22
CA GLU A 686 12.80 27.36 -20.96
C GLU A 686 11.65 26.45 -21.43
N TRP A 687 10.49 26.58 -20.78
CA TRP A 687 9.33 25.76 -21.14
C TRP A 687 9.21 25.42 -22.61
N THR A 688 9.05 26.41 -23.47
CA THR A 688 8.90 26.16 -24.90
C THR A 688 10.01 25.28 -25.47
N GLU A 689 11.11 25.18 -24.74
CA GLU A 689 12.23 24.36 -25.17
C GLU A 689 12.29 23.03 -24.42
N ALA A 690 11.31 22.79 -23.56
CA ALA A 690 11.29 21.56 -22.76
C ALA A 690 11.32 20.31 -23.63
N ARG A 691 10.32 20.19 -24.50
CA ARG A 691 10.23 19.05 -25.39
C ARG A 691 11.58 18.71 -25.97
N ARG A 692 12.19 19.65 -26.68
CA ARG A 692 13.49 19.40 -27.28
C ARG A 692 14.51 18.95 -26.24
N PHE A 693 14.50 19.61 -25.08
CA PHE A 693 15.46 19.28 -24.04
C PHE A 693 15.26 17.90 -23.43
N PHE A 694 14.07 17.62 -22.92
CA PHE A 694 13.80 16.33 -22.33
C PHE A 694 13.88 15.18 -23.33
N PHE A 695 13.50 15.44 -24.57
CA PHE A 695 13.59 14.39 -25.57
C PHE A 695 14.99 13.80 -25.57
N TRP A 696 16.00 14.67 -25.55
CA TRP A 696 17.38 14.18 -25.58
C TRP A 696 17.95 13.78 -24.24
N ARG A 697 17.35 14.25 -23.16
CA ARG A 697 17.85 13.89 -21.85
C ARG A 697 17.37 12.47 -21.51
N LEU A 698 16.12 12.17 -21.83
CA LEU A 698 15.53 10.85 -21.57
C LEU A 698 16.18 9.78 -22.43
N ARG A 699 16.36 10.11 -23.70
CA ARG A 699 16.96 9.21 -24.67
C ARG A 699 18.39 8.88 -24.29
N ARG A 700 19.09 9.86 -23.74
CA ARG A 700 20.47 9.66 -23.33
C ARG A 700 20.41 8.82 -22.05
N ARG A 701 19.59 9.25 -21.10
CA ARG A 701 19.45 8.55 -19.84
C ARG A 701 19.10 7.08 -20.11
N LEU A 702 18.04 6.84 -20.88
CA LEU A 702 17.62 5.48 -21.20
C LEU A 702 18.76 4.69 -21.82
N ASN A 703 19.40 5.27 -22.83
CA ASN A 703 20.51 4.62 -23.50
C ASN A 703 21.64 4.20 -22.58
N GLU A 704 21.92 5.00 -21.55
CA GLU A 704 23.00 4.69 -20.62
C GLU A 704 22.56 3.66 -19.58
N GLU A 705 21.27 3.69 -19.27
CA GLU A 705 20.71 2.77 -18.28
C GLU A 705 20.75 1.37 -18.85
N TYR A 706 20.38 1.26 -20.13
CA TYR A 706 20.38 -0.03 -20.82
C TYR A 706 21.79 -0.58 -20.81
N LEU A 707 22.78 0.31 -20.83
CA LEU A 707 24.15 -0.14 -20.83
C LEU A 707 24.60 -0.56 -19.45
N ILE A 708 24.10 0.13 -18.43
CA ILE A 708 24.48 -0.23 -17.07
C ILE A 708 23.97 -1.63 -16.76
N LYS A 709 22.67 -1.84 -16.98
CA LYS A 709 22.03 -3.12 -16.77
C LYS A 709 22.84 -4.26 -17.42
N ARG A 710 23.28 -4.08 -18.65
CA ARG A 710 24.07 -5.11 -19.32
C ARG A 710 25.36 -5.31 -18.52
N LEU A 711 26.00 -4.19 -18.20
CA LEU A 711 27.26 -4.20 -17.45
C LEU A 711 27.04 -4.60 -16.00
N SER A 712 25.95 -5.30 -15.73
CA SER A 712 25.67 -5.76 -14.37
C SER A 712 25.04 -7.17 -14.42
N HIS A 713 25.21 -7.82 -15.57
CA HIS A 713 24.72 -9.17 -15.79
C HIS A 713 25.82 -10.22 -15.71
N GLN A 714 27.08 -9.76 -15.83
CA GLN A 714 28.23 -10.67 -15.77
C GLN A 714 28.58 -11.12 -14.35
N VAL A 715 29.86 -11.09 -14.00
CA VAL A 715 30.31 -11.52 -12.68
C VAL A 715 30.51 -10.37 -11.67
N GLY A 716 31.76 -9.96 -11.49
CA GLY A 716 32.14 -8.93 -10.51
C GLY A 716 31.37 -7.63 -10.33
N GLU A 717 30.08 -7.71 -10.01
CA GLU A 717 29.28 -6.51 -9.81
C GLU A 717 30.08 -5.37 -9.19
N ALA A 718 29.97 -4.19 -9.82
CA ALA A 718 30.65 -2.98 -9.35
C ALA A 718 29.58 -1.95 -8.99
N SER A 719 30.01 -0.86 -8.39
CA SER A 719 29.07 0.19 -8.01
C SER A 719 28.52 0.76 -9.32
N ARG A 720 27.40 1.46 -9.21
CA ARG A 720 26.80 2.10 -10.34
C ARG A 720 27.89 3.00 -10.94
N LEU A 721 28.45 3.87 -10.09
CA LEU A 721 29.51 4.81 -10.46
C LEU A 721 30.54 4.23 -11.41
N GLU A 722 31.10 3.08 -11.04
CA GLU A 722 32.11 2.47 -11.88
C GLU A 722 31.52 2.06 -13.22
N LYS A 723 30.37 1.39 -13.19
CA LYS A 723 29.75 0.96 -14.44
C LYS A 723 29.57 2.21 -15.29
N ILE A 724 29.14 3.30 -14.67
CA ILE A 724 28.95 4.56 -15.39
C ILE A 724 30.29 5.09 -15.89
N ALA A 725 31.37 4.70 -15.23
CA ALA A 725 32.70 5.14 -15.65
C ALA A 725 33.10 4.31 -16.86
N ARG A 726 33.20 3.00 -16.66
CA ARG A 726 33.58 2.09 -17.72
C ARG A 726 32.84 2.48 -18.99
N ILE A 727 31.53 2.65 -18.86
CA ILE A 727 30.73 3.01 -20.02
C ILE A 727 31.17 4.30 -20.70
N ARG A 728 31.14 5.41 -19.95
CA ARG A 728 31.50 6.70 -20.51
C ARG A 728 32.93 6.89 -20.98
N SER A 729 33.77 5.88 -20.78
CA SER A 729 35.13 5.98 -21.27
C SER A 729 35.09 5.39 -22.69
N TRP A 730 33.97 4.78 -23.02
CA TRP A 730 33.83 4.18 -24.33
C TRP A 730 33.59 5.28 -25.34
N TYR A 731 33.30 6.47 -24.82
CA TYR A 731 33.03 7.62 -25.68
C TYR A 731 34.33 8.22 -26.23
N PRO A 732 34.34 8.57 -27.53
CA PRO A 732 35.49 9.17 -28.21
C PRO A 732 35.56 10.68 -27.93
N ALA A 733 36.77 11.20 -27.76
CA ALA A 733 36.97 12.63 -27.49
C ALA A 733 36.02 13.52 -28.29
N SER A 734 35.63 13.04 -29.47
CA SER A 734 34.74 13.77 -30.35
C SER A 734 33.31 13.92 -29.83
N VAL A 735 33.07 13.47 -28.60
CA VAL A 735 31.74 13.60 -28.01
C VAL A 735 31.84 13.97 -26.54
N ASP A 736 31.36 15.15 -26.19
CA ASP A 736 31.43 15.56 -24.79
C ASP A 736 30.27 15.01 -23.99
N HIS A 737 30.64 14.35 -22.90
CA HIS A 737 29.70 13.74 -21.99
C HIS A 737 28.48 14.59 -21.69
N GLU A 738 28.71 15.83 -21.28
CA GLU A 738 27.63 16.75 -20.93
C GLU A 738 26.57 16.95 -21.99
N ASP A 739 26.91 16.65 -23.24
CA ASP A 739 25.96 16.80 -24.34
C ASP A 739 25.08 15.57 -24.51
N ASP A 740 23.81 15.70 -24.12
CA ASP A 740 22.88 14.60 -24.22
C ASP A 740 22.70 14.07 -25.64
N ARG A 741 22.40 14.96 -26.57
CA ARG A 741 22.19 14.53 -27.95
C ARG A 741 23.45 13.97 -28.56
N GLN A 742 24.60 14.37 -28.03
CA GLN A 742 25.85 13.88 -28.58
C GLN A 742 26.12 12.45 -28.15
N VAL A 743 25.77 12.15 -26.90
CA VAL A 743 25.97 10.84 -26.31
C VAL A 743 24.98 9.82 -26.86
N ALA A 744 23.70 10.13 -26.76
CA ALA A 744 22.68 9.22 -27.25
C ALA A 744 23.00 8.81 -28.70
N THR A 745 23.03 9.77 -29.62
CA THR A 745 23.32 9.49 -31.00
C THR A 745 24.50 8.54 -31.09
N TRP A 746 25.48 8.80 -30.24
CA TRP A 746 26.67 7.97 -30.27
C TRP A 746 26.38 6.52 -29.92
N ILE A 747 25.83 6.31 -28.74
CA ILE A 747 25.49 4.97 -28.29
C ILE A 747 24.64 4.23 -29.33
N GLU A 748 23.63 4.89 -29.86
CA GLU A 748 22.75 4.24 -30.84
C GLU A 748 23.48 3.89 -32.13
N GLU A 749 24.30 4.81 -32.62
CA GLU A 749 25.03 4.57 -33.86
C GLU A 749 26.03 3.44 -33.73
N ASN A 750 26.28 2.96 -32.52
CA ASN A 750 27.29 1.92 -32.35
C ASN A 750 26.83 0.67 -31.58
N TYR A 751 25.52 0.53 -31.39
CA TYR A 751 24.96 -0.62 -30.67
C TYR A 751 25.66 -1.93 -31.05
N LYS A 752 25.77 -2.16 -32.35
CA LYS A 752 26.41 -3.36 -32.91
C LYS A 752 27.76 -3.53 -32.23
N THR A 753 28.63 -2.55 -32.47
CA THR A 753 29.97 -2.52 -31.89
C THR A 753 29.87 -2.72 -30.40
N LEU A 754 29.04 -1.92 -29.75
CA LEU A 754 28.87 -2.01 -28.31
C LEU A 754 28.49 -3.40 -27.86
N ASP A 755 27.47 -3.96 -28.51
CA ASP A 755 27.02 -5.29 -28.15
C ASP A 755 28.24 -6.22 -28.07
N ASP A 756 29.06 -6.17 -29.12
CA ASP A 756 30.26 -7.00 -29.17
C ASP A 756 31.11 -6.77 -27.91
N LYS A 757 31.55 -5.53 -27.72
CA LYS A 757 32.39 -5.18 -26.57
C LYS A 757 31.93 -5.73 -25.21
N LEU A 758 30.60 -5.80 -25.03
CA LEU A 758 30.02 -6.32 -23.79
C LEU A 758 30.09 -7.85 -23.72
N LYS A 759 29.64 -8.50 -24.79
CA LYS A 759 29.66 -9.96 -24.88
C LYS A 759 31.10 -10.42 -24.61
N GLY A 760 32.04 -9.78 -25.31
CA GLY A 760 33.44 -10.12 -25.15
C GLY A 760 33.91 -9.86 -23.73
N LEU A 761 33.33 -8.85 -23.10
CA LEU A 761 33.69 -8.49 -21.74
C LEU A 761 33.32 -9.67 -20.83
N LYS A 762 32.17 -10.29 -21.10
CA LYS A 762 31.74 -11.44 -20.29
C LYS A 762 32.65 -12.63 -20.55
N LEU A 763 32.94 -12.92 -21.81
CA LEU A 763 33.81 -14.04 -22.15
C LEU A 763 35.10 -14.04 -21.29
N GLU A 764 35.81 -12.91 -21.24
CA GLU A 764 37.04 -12.81 -20.45
C GLU A 764 36.79 -13.23 -19.03
N SER A 765 35.63 -12.87 -18.52
CA SER A 765 35.25 -13.24 -17.16
C SER A 765 35.07 -14.75 -17.03
N PHE A 766 33.96 -15.24 -17.58
CA PHE A 766 33.61 -16.67 -17.55
C PHE A 766 34.68 -17.55 -18.18
N ALA A 767 35.88 -17.01 -18.34
CA ALA A 767 36.99 -17.75 -18.91
C ALA A 767 38.28 -17.35 -18.20
N GLN A 768 38.20 -16.36 -17.32
CA GLN A 768 39.40 -15.95 -16.59
C GLN A 768 39.37 -16.58 -15.21
N ASP A 769 38.18 -16.62 -14.62
CA ASP A 769 37.99 -17.22 -13.30
C ASP A 769 38.24 -18.73 -13.46
N LEU A 770 38.02 -19.21 -14.68
CA LEU A 770 38.23 -20.62 -15.02
C LEU A 770 39.70 -20.85 -15.41
N ALA A 771 40.19 -20.13 -16.42
CA ALA A 771 41.59 -20.25 -16.87
C ALA A 771 42.49 -20.29 -15.64
N LYS A 772 42.19 -19.40 -14.71
CA LYS A 772 42.93 -19.39 -13.48
C LYS A 772 41.86 -19.74 -12.47
N LYS A 773 41.95 -20.97 -11.98
CA LYS A 773 41.06 -21.52 -10.95
C LYS A 773 41.91 -22.70 -10.47
N ILE A 774 43.21 -22.57 -10.77
CA ILE A 774 44.25 -23.53 -10.40
C ILE A 774 44.12 -23.96 -8.92
N ARG A 775 43.90 -23.07 -8.06
N PRO B 67 18.69 26.04 32.45
CA PRO B 67 18.80 26.95 31.27
C PRO B 67 18.22 26.17 30.09
N LYS B 68 19.10 25.53 29.31
CA LYS B 68 18.69 24.70 28.16
C LYS B 68 17.50 23.88 28.66
N ARG B 69 17.71 23.19 29.78
CA ARG B 69 16.65 22.39 30.37
C ARG B 69 15.37 23.20 30.49
N TYR B 70 15.45 24.38 31.10
CA TYR B 70 14.26 25.20 31.29
C TYR B 70 13.57 25.44 29.96
N LYS B 71 14.34 25.78 28.93
CA LYS B 71 13.80 26.00 27.61
C LYS B 71 12.95 24.78 27.22
N ALA B 72 13.62 23.64 27.11
CA ALA B 72 12.99 22.39 26.75
C ALA B 72 11.72 22.14 27.56
N HIS B 73 11.75 22.49 28.83
CA HIS B 73 10.57 22.29 29.66
C HIS B 73 9.47 23.29 29.36
N LEU B 74 9.82 24.42 28.76
CA LEU B 74 8.81 25.39 28.39
C LEU B 74 8.05 24.76 27.22
N GLY B 76 7.57 21.63 26.76
CA GLY B 76 6.73 20.52 27.19
C GLY B 76 7.42 19.20 26.92
N THR B 77 8.70 19.24 26.55
CA THR B 77 9.46 18.04 26.28
C THR B 77 10.64 17.94 27.26
N THR B 78 11.43 16.87 27.14
CA THR B 78 12.58 16.62 28.00
C THR B 78 13.86 17.04 27.29
N TYR B 79 14.81 17.60 28.04
CA TYR B 79 16.06 18.05 27.43
C TYR B 79 16.89 16.91 26.85
N VAL B 80 17.15 17.01 25.55
CA VAL B 80 17.88 16.00 24.81
C VAL B 80 18.95 15.17 25.53
N TYR B 81 19.80 15.78 26.34
CA TYR B 81 20.83 14.99 27.00
C TYR B 81 20.31 14.29 28.25
N ASP B 82 19.04 14.45 28.54
CA ASP B 82 18.44 13.80 29.70
C ASP B 82 17.68 12.53 29.31
N PHE B 83 17.67 12.16 28.03
CA PHE B 83 16.94 10.98 27.60
C PHE B 83 17.64 9.69 27.99
N PRO B 84 18.97 9.62 27.80
CA PRO B 84 19.68 8.40 28.18
C PRO B 84 19.34 8.02 29.61
N GLU B 85 19.27 9.01 30.50
CA GLU B 85 18.93 8.74 31.89
C GLU B 85 17.59 8.04 31.96
N LEU B 86 16.66 8.47 31.11
CA LEU B 86 15.33 7.87 31.08
C LEU B 86 15.39 6.44 30.55
N PHE B 87 16.22 6.19 29.55
CA PHE B 87 16.33 4.84 29.04
C PHE B 87 16.87 4.00 30.19
N ARG B 88 17.96 4.47 30.80
CA ARG B 88 18.57 3.79 31.93
C ARG B 88 17.52 3.43 32.98
N GLN B 89 16.71 4.42 33.35
CA GLN B 89 15.69 4.15 34.34
C GLN B 89 14.73 3.08 33.88
N ALA B 90 14.36 3.10 32.61
CA ALA B 90 13.42 2.13 32.08
C ALA B 90 14.04 0.74 32.02
N SER B 91 15.32 0.69 31.76
CA SER B 91 16.01 -0.59 31.69
C SER B 91 16.02 -1.24 33.06
N SER B 92 16.31 -0.46 34.09
CA SER B 92 16.35 -0.99 35.45
C SER B 92 14.98 -1.52 35.82
N SER B 93 13.96 -0.96 35.20
CA SER B 93 12.59 -1.38 35.48
C SER B 93 12.38 -2.78 34.92
N GLN B 94 12.81 -2.98 33.67
CA GLN B 94 12.68 -4.28 33.02
C GLN B 94 13.11 -5.38 33.97
N TRP B 95 14.22 -5.18 34.66
CA TRP B 95 14.70 -6.18 35.60
C TRP B 95 13.75 -6.29 36.80
N LYS B 96 13.50 -5.19 37.50
CA LYS B 96 12.61 -5.24 38.66
C LYS B 96 11.35 -5.98 38.28
N ASN B 97 10.95 -5.90 37.01
CA ASN B 97 9.76 -6.60 36.56
C ASN B 97 10.08 -8.06 36.31
N PHE B 98 11.25 -8.28 35.72
CA PHE B 98 11.73 -9.62 35.42
C PHE B 98 12.07 -10.30 36.74
N SER B 99 13.29 -10.05 37.21
CA SER B 99 13.79 -10.62 38.46
C SER B 99 14.11 -9.46 39.42
N ALA B 100 13.26 -9.24 40.42
CA ALA B 100 13.45 -8.17 41.39
C ALA B 100 14.83 -8.13 42.04
N ASP B 101 15.08 -9.11 42.90
CA ASP B 101 16.33 -9.20 43.65
C ASP B 101 17.64 -8.86 42.95
N VAL B 102 17.62 -8.69 41.64
CA VAL B 102 18.85 -8.33 40.94
C VAL B 102 19.25 -6.90 41.24
N LYS B 103 20.55 -6.66 41.31
CA LYS B 103 21.07 -5.32 41.56
C LYS B 103 22.02 -5.02 40.43
N LEU B 104 21.53 -4.27 39.46
CA LEU B 104 22.39 -3.94 38.32
C LEU B 104 23.57 -3.14 38.86
N THR B 105 24.59 -2.98 38.03
CA THR B 105 25.75 -2.20 38.41
C THR B 105 25.79 -1.06 37.39
N ASP B 106 26.28 0.10 37.81
CA ASP B 106 26.31 1.26 36.91
C ASP B 106 26.66 0.95 35.44
N ASP B 107 27.46 -0.08 35.20
CA ASP B 107 27.81 -0.36 33.82
C ASP B 107 26.89 -1.35 33.14
N PHE B 108 25.68 -1.48 33.65
CA PHE B 108 24.74 -2.39 33.00
C PHE B 108 24.15 -1.62 31.82
N PHE B 109 24.37 -0.31 31.82
CA PHE B 109 23.90 0.59 30.78
C PHE B 109 25.09 1.47 30.42
N ILE B 110 25.18 1.84 29.14
CA ILE B 110 26.26 2.68 28.65
C ILE B 110 25.79 3.49 27.46
N SER B 111 25.87 4.81 27.58
CA SER B 111 25.44 5.65 26.48
C SER B 111 26.55 6.57 26.04
N ASN B 112 26.91 6.47 24.78
CA ASN B 112 27.96 7.31 24.23
C ASN B 112 27.41 8.24 23.15
N GLU B 113 27.65 9.52 23.31
CA GLU B 113 27.17 10.47 22.33
C GLU B 113 28.03 10.26 21.09
N LEU B 114 27.41 10.33 19.91
CA LEU B 114 28.12 10.16 18.65
C LEU B 114 28.21 11.52 17.94
N ILE B 115 29.35 11.79 17.31
CA ILE B 115 29.52 13.05 16.59
C ILE B 115 30.32 12.84 15.32
N GLU B 116 30.25 13.80 14.41
CA GLU B 116 30.98 13.70 13.15
C GLU B 116 32.43 14.08 13.34
N ASP B 117 33.30 13.49 12.54
CA ASP B 117 34.73 13.74 12.63
C ASP B 117 35.24 14.33 11.29
N GLU B 118 36.55 14.52 11.19
CA GLU B 118 37.18 15.08 10.00
C GLU B 118 36.61 14.53 8.71
N ASN B 119 36.61 13.20 8.61
CA ASN B 119 36.10 12.54 7.41
C ASN B 119 34.58 12.53 7.43
N GLY B 120 33.99 13.15 8.45
CA GLY B 120 32.54 13.20 8.56
C GLY B 120 31.98 11.91 9.15
N GLU B 121 32.85 10.93 9.34
CA GLU B 121 32.50 9.64 9.90
C GLU B 121 32.15 9.69 11.38
N LEU B 122 30.95 9.21 11.71
CA LEU B 122 30.50 9.19 13.09
C LEU B 122 31.51 8.44 13.95
N THR B 123 31.67 8.89 15.19
CA THR B 123 32.59 8.27 16.15
C THR B 123 32.01 8.61 17.51
N GLU B 124 32.29 7.78 18.51
CA GLU B 124 31.80 8.01 19.87
C GLU B 124 32.72 8.93 20.63
N VAL B 125 32.20 9.54 21.69
CA VAL B 125 32.98 10.44 22.53
C VAL B 125 32.25 10.71 23.83
N GLU B 126 32.95 11.33 24.77
CA GLU B 126 32.35 11.72 26.05
C GLU B 126 32.68 13.20 26.12
N ARG B 127 31.66 14.03 26.32
CA ARG B 127 31.89 15.45 26.37
C ARG B 127 30.86 16.15 27.23
N GLU B 128 30.83 17.48 27.13
CA GLU B 128 29.88 18.29 27.90
C GLU B 128 28.47 18.05 27.40
N PRO B 129 27.59 17.57 28.28
CA PRO B 129 26.20 17.31 27.90
C PRO B 129 25.48 18.57 27.45
N GLY B 130 25.95 19.17 26.35
CA GLY B 130 25.29 20.35 25.86
C GLY B 130 26.08 21.22 24.91
N ALA B 131 27.16 20.70 24.34
CA ALA B 131 27.95 21.51 23.41
C ALA B 131 27.78 21.11 21.93
N ASN B 132 26.56 20.75 21.54
CA ASN B 132 26.26 20.35 20.18
C ASN B 132 26.15 21.55 19.22
N ALA B 133 26.92 21.53 18.14
CA ALA B 133 26.90 22.64 17.18
C ALA B 133 25.76 22.55 16.17
N ILE B 134 24.87 21.57 16.35
CA ILE B 134 23.76 21.37 15.44
C ILE B 134 22.51 20.99 16.23
N GLY B 135 21.35 20.97 15.57
CA GLY B 135 20.11 20.62 16.24
C GLY B 135 19.71 19.15 16.15
N VAL B 137 21.03 15.34 17.54
CA VAL B 137 21.93 14.65 18.48
C VAL B 137 21.77 13.13 18.37
N ALA B 138 22.85 12.40 18.64
CA ALA B 138 22.81 10.94 18.56
C ALA B 138 23.58 10.24 19.69
N PHE B 139 22.95 9.23 20.26
CA PHE B 139 23.56 8.46 21.33
C PHE B 139 23.63 7.00 20.92
N LYS B 140 24.66 6.30 21.39
CA LYS B 140 24.81 4.89 21.10
C LYS B 140 24.60 4.16 22.40
N ILE B 141 23.40 3.63 22.61
CA ILE B 141 23.10 2.89 23.82
C ILE B 141 23.59 1.44 23.72
N THR B 142 24.02 0.90 24.85
CA THR B 142 24.50 -0.48 24.96
C THR B 142 24.06 -0.89 26.35
N VAL B 143 23.06 -1.75 26.45
CA VAL B 143 22.57 -2.15 27.75
C VAL B 143 22.34 -3.66 27.83
N LYS B 144 22.43 -4.19 29.05
CA LYS B 144 22.23 -5.61 29.35
C LYS B 144 20.75 -5.75 29.72
N THR B 145 20.02 -6.55 28.96
CA THR B 145 18.60 -6.73 29.21
C THR B 145 18.26 -8.18 29.52
N PRO B 146 17.01 -8.45 29.97
CA PRO B 146 16.55 -9.81 30.31
C PRO B 146 16.61 -10.76 29.11
N GLU B 147 16.42 -10.25 27.90
CA GLU B 147 16.51 -11.08 26.73
C GLU B 147 17.95 -11.15 26.25
N TYR B 148 18.73 -10.14 26.61
CA TYR B 148 20.13 -10.10 26.23
C TYR B 148 20.98 -9.68 27.42
N PRO B 149 21.26 -10.63 28.34
CA PRO B 149 22.07 -10.41 29.54
C PRO B 149 23.46 -9.84 29.26
N ARG B 150 24.13 -10.35 28.23
CA ARG B 150 25.45 -9.85 27.90
C ARG B 150 25.34 -8.54 27.14
N GLY B 151 24.12 -8.01 27.07
CA GLY B 151 23.87 -6.73 26.39
C GLY B 151 23.36 -6.74 24.96
N ARG B 152 22.74 -5.61 24.57
CA ARG B 152 22.20 -5.41 23.21
C ARG B 152 22.47 -3.94 22.88
N GLN B 153 22.47 -3.59 21.60
CA GLN B 153 22.73 -2.20 21.23
C GLN B 153 21.69 -1.56 20.35
N PHE B 154 21.72 -0.24 20.32
CA PHE B 154 20.82 0.52 19.48
C PHE B 154 21.15 1.98 19.60
N VAL B 155 21.06 2.69 18.49
CA VAL B 155 21.34 4.10 18.50
C VAL B 155 20.05 4.86 18.69
N VAL B 156 20.17 6.10 19.12
CA VAL B 156 19.03 6.98 19.36
C VAL B 156 19.34 8.38 18.82
N VAL B 157 18.59 8.79 17.81
CA VAL B 157 18.80 10.10 17.22
C VAL B 157 17.66 10.98 17.66
N ALA B 158 17.97 12.26 17.87
CA ALA B 158 16.96 13.20 18.31
C ALA B 158 17.19 14.64 17.85
N ASN B 159 16.14 15.45 17.99
CA ASN B 159 16.19 16.86 17.65
C ASN B 159 16.49 17.63 18.91
N ASP B 160 17.40 18.58 18.82
CA ASP B 160 17.71 19.44 19.95
C ASP B 160 16.65 20.55 19.88
N ILE B 161 15.60 20.44 20.67
CA ILE B 161 14.51 21.42 20.65
C ILE B 161 14.90 22.85 21.03
N THR B 162 16.13 23.03 21.52
CA THR B 162 16.61 24.37 21.90
C THR B 162 17.54 24.98 20.86
N PHE B 163 17.86 24.22 19.81
CA PHE B 163 18.75 24.71 18.77
C PHE B 163 17.91 25.13 17.57
N LYS B 164 17.42 26.37 17.60
CA LYS B 164 16.59 26.87 16.51
C LYS B 164 15.32 26.03 16.38
N ILE B 165 14.65 25.87 17.53
CA ILE B 165 13.42 25.11 17.66
C ILE B 165 13.42 23.81 16.89
N GLY B 166 14.38 22.96 17.20
CA GLY B 166 14.47 21.69 16.51
C GLY B 166 14.23 21.79 15.02
N SER B 167 14.71 22.85 14.36
CA SER B 167 14.51 22.98 12.93
C SER B 167 15.45 22.03 12.16
N PHE B 168 15.13 21.75 10.90
CA PHE B 168 15.96 20.85 10.10
C PHE B 168 16.74 21.58 9.02
N GLY B 169 17.94 22.02 9.38
CA GLY B 169 18.78 22.70 8.42
C GLY B 169 19.51 21.60 7.68
N PRO B 170 20.15 21.91 6.56
CA PRO B 170 20.88 20.92 5.77
C PRO B 170 21.80 20.00 6.57
N GLN B 171 22.35 20.54 7.66
CA GLN B 171 23.28 19.77 8.48
C GLN B 171 22.57 18.86 9.45
N GLU B 172 21.49 19.34 10.04
CA GLU B 172 20.75 18.48 10.96
C GLU B 172 20.39 17.27 10.10
N ASP B 173 19.99 17.55 8.86
CA ASP B 173 19.60 16.51 7.93
C ASP B 173 20.70 15.50 7.61
N GLU B 174 21.81 15.96 7.04
CA GLU B 174 22.88 15.04 6.68
C GLU B 174 23.47 14.30 7.88
N PHE B 175 23.21 14.79 9.08
CA PHE B 175 23.70 14.11 10.27
C PHE B 175 22.75 12.93 10.52
N PHE B 176 21.45 13.24 10.55
CA PHE B 176 20.40 12.26 10.75
C PHE B 176 20.53 11.11 9.74
N ASN B 177 20.74 11.46 8.49
CA ASN B 177 20.89 10.47 7.45
C ASN B 177 22.10 9.62 7.80
N LYS B 178 23.17 10.29 8.19
CA LYS B 178 24.45 9.68 8.56
C LYS B 178 24.30 8.67 9.69
N VAL B 179 23.40 8.97 10.63
CA VAL B 179 23.17 8.11 11.77
C VAL B 179 22.40 6.88 11.36
N THR B 180 21.34 7.12 10.59
CA THR B 180 20.48 6.05 10.10
C THR B 180 21.31 5.00 9.39
N GLU B 181 22.23 5.42 8.54
CA GLU B 181 23.08 4.49 7.82
C GLU B 181 24.04 3.79 8.78
N TYR B 182 24.41 4.48 9.85
CA TYR B 182 25.30 3.89 10.83
C TYR B 182 24.54 2.70 11.44
N ALA B 183 23.28 2.91 11.80
CA ALA B 183 22.45 1.86 12.38
C ALA B 183 22.19 0.75 11.36
N ARG B 184 21.82 1.13 10.16
CA ARG B 184 21.53 0.16 9.11
C ARG B 184 22.70 -0.75 8.79
N LYS B 185 23.91 -0.20 8.79
CA LYS B 185 25.06 -1.04 8.48
C LYS B 185 25.36 -2.05 9.58
N ARG B 186 25.07 -1.71 10.83
CA ARG B 186 25.36 -2.61 11.94
C ARG B 186 24.15 -3.46 12.31
N GLY B 187 23.05 -3.24 11.58
CA GLY B 187 21.83 -3.97 11.81
C GLY B 187 21.12 -3.68 13.12
N ILE B 188 21.51 -2.62 13.81
CA ILE B 188 20.88 -2.33 15.09
C ILE B 188 19.70 -1.37 15.00
N PRO B 189 18.73 -1.51 15.91
CA PRO B 189 17.55 -0.65 15.92
C PRO B 189 17.93 0.83 15.86
N ARG B 190 17.00 1.64 15.39
CA ARG B 190 17.22 3.06 15.28
C ARG B 190 16.03 3.75 15.90
N ILE B 191 16.21 4.30 17.09
CA ILE B 191 15.13 5.01 17.75
C ILE B 191 15.21 6.49 17.39
N TYR B 192 14.06 7.14 17.31
CA TYR B 192 14.01 8.56 16.96
C TYR B 192 13.12 9.31 17.92
N LEU B 193 13.65 10.37 18.50
CA LEU B 193 12.87 11.19 19.42
C LEU B 193 12.53 12.44 18.62
N ALA B 194 11.24 12.64 18.34
CA ALA B 194 10.84 13.79 17.56
C ALA B 194 10.41 15.00 18.39
N ALA B 195 11.07 16.11 18.14
CA ALA B 195 10.80 17.40 18.80
C ALA B 195 11.41 18.44 17.87
N ASN B 196 10.59 18.98 16.97
CA ASN B 196 11.05 19.93 15.97
C ASN B 196 9.99 20.91 15.46
N SER B 197 10.44 21.80 14.58
CA SER B 197 9.57 22.83 14.00
C SER B 197 9.55 22.61 12.50
N GLY B 198 10.09 21.48 12.07
CA GLY B 198 10.11 21.18 10.65
C GLY B 198 11.33 21.77 9.97
N ALA B 199 11.21 21.99 8.67
CA ALA B 199 12.31 22.54 7.88
C ALA B 199 12.56 23.99 8.27
N ARG B 200 13.84 24.32 8.32
CA ARG B 200 14.28 25.66 8.69
C ARG B 200 13.97 26.67 7.61
N ILE B 201 13.57 27.86 8.04
CA ILE B 201 13.24 28.92 7.10
C ILE B 201 13.95 30.23 7.44
N GLY B 202 14.16 31.06 6.43
CA GLY B 202 14.80 32.33 6.62
C GLY B 202 14.91 33.10 5.33
N ALA B 204 17.26 36.27 3.20
CA ALA B 204 18.61 36.84 3.21
C ALA B 204 18.40 38.09 4.04
N GLU B 205 18.67 37.97 5.32
CA GLU B 205 18.48 39.05 6.25
C GLU B 205 19.39 40.26 5.96
N GLU B 206 20.51 40.03 5.30
CA GLU B 206 21.44 41.11 5.00
C GLU B 206 21.04 41.96 3.80
N ILE B 207 19.90 41.64 3.20
CA ILE B 207 19.47 42.41 2.05
C ILE B 207 18.29 43.28 2.43
N VAL B 208 17.78 43.10 3.64
CA VAL B 208 16.64 43.86 4.13
C VAL B 208 16.97 45.36 4.37
N PRO B 209 18.17 45.65 4.90
CA PRO B 209 18.42 47.08 5.09
C PRO B 209 19.11 47.72 3.88
N LEU B 210 19.42 46.92 2.87
CA LEU B 210 20.11 47.43 1.70
C LEU B 210 19.34 47.68 0.40
N PHE B 211 18.18 47.04 0.25
CA PHE B 211 17.39 47.14 -1.00
C PHE B 211 16.56 48.41 -1.23
N GLN B 212 16.41 48.79 -2.51
CA GLN B 212 15.66 49.97 -2.93
C GLN B 212 14.44 49.66 -3.81
N VAL B 213 13.43 50.52 -3.75
CA VAL B 213 12.22 50.35 -4.54
C VAL B 213 12.09 51.38 -5.68
N ALA B 214 12.12 50.89 -6.92
CA ALA B 214 11.99 51.77 -8.08
C ALA B 214 10.48 52.00 -8.31
N TRP B 215 9.91 52.95 -7.57
CA TRP B 215 8.48 53.24 -7.67
C TRP B 215 8.08 53.73 -9.06
N ASN B 216 6.78 53.69 -9.34
CA ASN B 216 6.26 54.17 -10.61
C ASN B 216 6.45 55.66 -10.53
N ASP B 217 6.19 56.17 -9.32
CA ASP B 217 6.28 57.58 -9.02
C ASP B 217 6.75 57.73 -7.57
N ALA B 218 8.01 58.13 -7.37
CA ALA B 218 8.54 58.28 -6.02
C ALA B 218 7.57 59.11 -5.21
N ALA B 219 6.80 59.94 -5.89
CA ALA B 219 5.78 60.74 -5.24
C ALA B 219 4.57 59.79 -5.29
N ASN B 220 3.76 59.72 -4.24
CA ASN B 220 2.63 58.79 -4.27
C ASN B 220 3.19 57.39 -4.56
N PRO B 221 3.94 56.82 -3.60
CA PRO B 221 4.55 55.49 -3.71
C PRO B 221 3.46 54.43 -3.68
N ASP B 222 2.30 54.83 -3.21
CA ASP B 222 1.17 53.92 -3.11
C ASP B 222 0.65 53.47 -4.47
N LYS B 223 1.17 54.04 -5.55
CA LYS B 223 0.72 53.66 -6.89
C LYS B 223 1.58 52.57 -7.53
N GLY B 224 2.28 51.78 -6.71
CA GLY B 224 3.07 50.70 -7.25
C GLY B 224 4.57 50.91 -7.28
N PHE B 225 5.28 49.88 -7.75
CA PHE B 225 6.74 49.92 -7.86
C PHE B 225 7.18 48.97 -8.95
N GLN B 226 8.33 49.24 -9.56
CA GLN B 226 8.75 48.39 -10.65
C GLN B 226 9.76 47.30 -10.36
N TYR B 227 10.52 47.42 -9.27
CA TYR B 227 11.53 46.39 -8.95
C TYR B 227 12.45 46.82 -7.85
N LEU B 228 13.10 45.84 -7.22
CA LEU B 228 14.04 46.10 -6.14
C LEU B 228 15.48 46.04 -6.63
N TYR B 229 16.31 46.96 -6.14
CA TYR B 229 17.71 46.99 -6.54
C TYR B 229 18.59 47.39 -5.38
N LEU B 230 19.88 47.37 -5.64
CA LEU B 230 20.86 47.74 -4.64
C LEU B 230 21.64 48.92 -5.21
N THR B 231 22.03 49.85 -4.34
CA THR B 231 22.79 51.02 -4.78
C THR B 231 24.19 50.58 -5.14
N SER B 232 25.02 51.55 -5.46
CA SER B 232 26.40 51.28 -5.79
C SER B 232 27.07 51.04 -4.44
N GLU B 233 26.50 51.65 -3.40
CA GLU B 233 27.02 51.49 -2.05
C GLU B 233 26.71 50.10 -1.50
N GLY B 234 25.43 49.82 -1.27
CA GLY B 234 25.03 48.52 -0.77
C GLY B 234 25.83 47.44 -1.45
N GLU B 236 28.79 47.55 -2.50
CA GLU B 236 30.11 47.52 -1.87
C GLU B 236 29.98 47.04 -0.44
N THR B 237 28.81 47.21 0.13
CA THR B 237 28.59 46.77 1.49
C THR B 237 28.71 45.25 1.55
N LEU B 238 28.37 44.59 0.45
CA LEU B 238 28.45 43.13 0.37
C LEU B 238 29.89 42.73 0.07
N LYS B 239 30.47 43.38 -0.93
CA LYS B 239 31.85 43.13 -1.33
C LYS B 239 32.68 43.08 -0.06
N LYS B 240 32.49 44.09 0.79
CA LYS B 240 33.23 44.20 2.04
C LYS B 240 33.10 42.99 2.92
N PHE B 241 31.89 42.72 3.38
CA PHE B 241 31.72 41.58 4.27
C PHE B 241 31.70 40.24 3.54
N ASP B 242 32.35 40.23 2.37
CA ASP B 242 32.49 39.02 1.57
C ASP B 242 31.15 38.31 1.46
N LYS B 243 30.20 38.98 0.81
CA LYS B 243 28.85 38.44 0.60
C LYS B 243 28.29 38.89 -0.75
N GLU B 244 29.19 39.27 -1.64
CA GLU B 244 28.83 39.72 -2.99
C GLU B 244 28.06 38.62 -3.72
N ASN B 245 27.95 37.46 -3.07
CA ASN B 245 27.25 36.34 -3.68
C ASN B 245 25.83 36.16 -3.10
N SER B 246 25.32 37.19 -2.45
CA SER B 246 23.98 37.11 -1.85
C SER B 246 22.84 37.40 -2.80
N VAL B 247 23.13 38.09 -3.90
CA VAL B 247 22.09 38.43 -4.85
C VAL B 247 22.60 38.36 -6.27
N LEU B 248 21.77 37.86 -7.19
CA LEU B 248 22.19 37.84 -8.59
C LEU B 248 21.55 39.14 -9.04
N THR B 249 22.34 39.99 -9.69
CA THR B 249 21.84 41.30 -10.13
C THR B 249 22.15 41.62 -11.58
N GLU B 250 21.70 42.80 -12.01
CA GLU B 250 21.95 43.29 -13.36
C GLU B 250 21.99 44.82 -13.37
N ARG B 251 23.15 45.38 -13.72
CA ARG B 251 23.32 46.84 -13.78
C ARG B 251 22.29 47.55 -14.66
N THR B 252 22.07 48.83 -14.37
CA THR B 252 21.12 49.64 -15.15
C THR B 252 21.58 51.07 -15.30
N VAL B 253 21.01 51.78 -16.28
CA VAL B 253 21.36 53.16 -16.54
C VAL B 253 20.19 54.14 -16.36
N ILE B 254 19.91 54.52 -15.11
CA ILE B 254 18.85 55.50 -14.85
C ILE B 254 19.45 56.89 -14.97
N ASN B 255 18.74 57.91 -14.51
CA ASN B 255 19.27 59.25 -14.61
C ASN B 255 20.67 59.34 -14.01
N GLY B 256 20.74 59.46 -12.69
CA GLY B 256 22.02 59.56 -12.01
C GLY B 256 22.94 58.37 -12.28
N GLU B 257 23.09 57.50 -11.29
CA GLU B 257 23.98 56.36 -11.44
C GLU B 257 23.26 55.05 -11.78
N GLU B 258 24.00 53.97 -11.64
CA GLU B 258 23.49 52.64 -11.92
C GLU B 258 22.85 52.00 -10.69
N ARG B 259 21.75 51.31 -10.94
CA ARG B 259 21.04 50.59 -9.89
C ARG B 259 21.10 49.09 -10.25
N PHE B 260 21.71 48.29 -9.38
CA PHE B 260 21.80 46.85 -9.62
C PHE B 260 20.41 46.25 -9.37
N VAL B 261 19.70 45.95 -10.46
CA VAL B 261 18.36 45.39 -10.36
C VAL B 261 18.38 43.96 -9.82
N ILE B 262 17.77 43.76 -8.66
CA ILE B 262 17.70 42.45 -8.04
C ILE B 262 16.86 41.47 -8.86
N LYS B 263 17.53 40.49 -9.48
CA LYS B 263 16.83 39.50 -10.28
C LYS B 263 16.45 38.28 -9.43
N THR B 264 17.21 38.02 -8.38
CA THR B 264 16.94 36.91 -7.47
C THR B 264 17.83 36.95 -6.23
N ILE B 265 17.23 36.74 -5.07
CA ILE B 265 17.95 36.77 -3.80
C ILE B 265 18.36 35.37 -3.33
N ILE B 266 19.58 35.26 -2.83
CA ILE B 266 20.11 33.98 -2.36
C ILE B 266 20.48 33.97 -0.89
N GLY B 267 21.20 35.00 -0.43
CA GLY B 267 21.60 35.05 0.98
C GLY B 267 22.99 34.49 1.19
N SER B 268 23.55 34.74 2.37
CA SER B 268 24.88 34.24 2.70
C SER B 268 24.72 33.05 3.65
N GLU B 269 23.67 33.11 4.47
CA GLU B 269 23.39 32.05 5.41
C GLU B 269 22.79 30.87 4.65
N ASP B 270 23.10 29.66 5.10
CA ASP B 270 22.61 28.46 4.46
C ASP B 270 21.40 27.97 5.24
N GLY B 271 20.51 27.28 4.56
CA GLY B 271 19.33 26.77 5.22
C GLY B 271 18.24 27.80 5.23
N LEU B 272 17.87 28.29 4.05
CA LEU B 272 16.81 29.28 3.96
C LEU B 272 15.57 28.72 3.27
N GLY B 273 15.78 27.77 2.36
CA GLY B 273 14.66 27.19 1.64
C GLY B 273 14.86 25.79 1.05
N VAL B 274 14.87 25.72 -0.27
CA VAL B 274 15.01 24.46 -0.98
C VAL B 274 16.11 23.55 -0.47
N GLU B 275 17.27 24.11 -0.18
CA GLU B 275 18.38 23.30 0.32
C GLU B 275 17.91 22.56 1.58
N CYS B 276 16.95 23.17 2.28
CA CYS B 276 16.39 22.59 3.48
C CYS B 276 15.46 21.45 3.12
N LEU B 277 14.74 21.65 2.02
CA LEU B 277 13.79 20.66 1.57
C LEU B 277 14.56 19.45 1.04
N ARG B 278 15.65 19.70 0.33
CA ARG B 278 16.47 18.61 -0.18
C ARG B 278 16.75 17.70 1.01
N GLY B 279 17.35 18.29 2.04
CA GLY B 279 17.67 17.54 3.24
C GLY B 279 16.48 16.79 3.78
N SER B 280 15.30 17.38 3.69
CA SER B 280 14.09 16.74 4.18
C SER B 280 13.84 15.46 3.38
N GLY B 281 13.97 15.57 2.06
CA GLY B 281 13.77 14.43 1.19
C GLY B 281 14.81 13.36 1.46
N LEU B 282 16.08 13.74 1.44
CA LEU B 282 17.16 12.79 1.68
C LEU B 282 16.85 11.87 2.86
N ILE B 283 16.34 12.43 3.95
CA ILE B 283 16.03 11.63 5.13
C ILE B 283 14.68 10.92 5.07
N ALA B 284 13.80 11.38 4.18
CA ALA B 284 12.49 10.75 4.05
C ALA B 284 12.72 9.39 3.40
N GLY B 285 13.62 9.37 2.41
CA GLY B 285 13.92 8.14 1.73
C GLY B 285 14.87 7.28 2.55
N ALA B 286 15.59 7.92 3.46
CA ALA B 286 16.53 7.21 4.31
C ALA B 286 15.77 6.40 5.33
N THR B 287 14.70 6.98 5.88
CA THR B 287 13.88 6.32 6.87
C THR B 287 13.02 5.25 6.22
N SER B 288 12.56 5.56 5.00
CA SER B 288 11.76 4.63 4.23
C SER B 288 12.56 3.36 4.06
N ARG B 289 13.82 3.54 3.70
CA ARG B 289 14.72 2.43 3.48
C ARG B 289 15.07 1.67 4.76
N ALA B 290 15.14 2.39 5.87
CA ALA B 290 15.50 1.79 7.14
C ALA B 290 14.42 0.88 7.69
N TYR B 291 13.16 1.22 7.45
CA TYR B 291 12.07 0.42 7.95
C TYR B 291 12.07 -1.01 7.40
N HIS B 292 12.63 -1.16 6.21
CA HIS B 292 12.73 -2.45 5.54
C HIS B 292 14.05 -3.12 5.85
N ASP B 293 14.88 -2.48 6.68
CA ASP B 293 16.20 -3.03 6.97
C ASP B 293 16.54 -3.26 8.45
N ILE B 294 16.04 -2.40 9.33
CA ILE B 294 16.29 -2.53 10.77
C ILE B 294 15.02 -2.20 11.51
N PHE B 295 14.94 -2.57 12.78
CA PHE B 295 13.76 -2.24 13.54
C PHE B 295 13.80 -0.73 13.71
N THR B 296 12.77 -0.03 13.23
CA THR B 296 12.73 1.41 13.37
C THR B 296 11.52 1.80 14.20
N ILE B 297 11.69 2.82 15.03
CA ILE B 297 10.62 3.29 15.89
C ILE B 297 10.88 4.74 16.29
N THR B 298 9.81 5.46 16.58
CA THR B 298 9.97 6.84 16.94
C THR B 298 8.96 7.27 17.97
N LEU B 299 9.44 8.07 18.92
CA LEU B 299 8.64 8.62 19.99
C LEU B 299 8.39 10.10 19.70
N VAL B 300 7.16 10.54 19.90
CA VAL B 300 6.79 11.93 19.65
C VAL B 300 6.77 12.58 21.02
N THR B 301 7.87 13.26 21.34
CA THR B 301 8.04 13.90 22.65
C THR B 301 7.60 15.33 22.84
N CYS B 302 7.57 16.14 21.78
CA CYS B 302 7.15 17.51 21.97
C CYS B 302 6.18 17.96 20.91
N ARG B 303 6.52 17.64 19.66
CA ARG B 303 5.70 18.00 18.53
C ARG B 303 6.53 17.66 17.32
N SER B 304 5.89 17.34 16.21
CA SER B 304 6.63 17.02 15.00
C SER B 304 5.88 17.66 13.86
N VAL B 305 6.58 18.52 13.14
CA VAL B 305 5.99 19.28 12.05
C VAL B 305 6.60 19.04 10.67
N GLY B 306 5.76 18.86 9.67
CA GLY B 306 6.28 18.65 8.33
C GLY B 306 7.12 17.40 8.15
N ILE B 307 8.37 17.58 7.74
CA ILE B 307 9.25 16.45 7.55
C ILE B 307 9.27 15.66 8.85
N GLY B 308 9.00 16.36 9.94
CA GLY B 308 8.99 15.72 11.24
C GLY B 308 7.85 14.72 11.31
N ALA B 309 6.68 15.12 10.79
CA ALA B 309 5.50 14.27 10.80
C ALA B 309 5.65 13.15 9.77
N TYR B 310 6.30 13.45 8.66
CA TYR B 310 6.50 12.43 7.65
C TYR B 310 7.51 11.42 8.16
N LEU B 311 8.39 11.89 9.03
CA LEU B 311 9.42 11.06 9.63
C LEU B 311 8.77 10.09 10.62
N VAL B 312 7.72 10.55 11.28
CA VAL B 312 7.03 9.70 12.24
C VAL B 312 6.37 8.54 11.50
N ARG B 313 5.77 8.82 10.34
CA ARG B 313 5.09 7.80 9.55
C ARG B 313 6.04 6.82 8.86
N LEU B 314 7.04 7.37 8.18
CA LEU B 314 8.01 6.56 7.47
C LEU B 314 8.73 5.57 8.39
N GLY B 315 8.74 5.86 9.68
CA GLY B 315 9.38 4.95 10.62
C GLY B 315 8.38 3.89 11.05
N GLN B 316 7.13 4.11 10.64
CA GLN B 316 6.02 3.24 10.94
C GLN B 316 5.66 3.15 12.40
N ARG B 317 6.55 2.59 13.19
CA ARG B 317 6.28 2.45 14.63
C ARG B 317 6.37 3.80 15.37
N ALA B 318 5.26 4.18 16.00
CA ALA B 318 5.23 5.45 16.70
C ALA B 318 4.42 5.47 17.98
N ILE B 319 5.02 5.99 19.05
CA ILE B 319 4.32 6.13 20.33
C ILE B 319 4.17 7.63 20.47
N GLN B 320 2.99 8.10 20.78
CA GLN B 320 2.76 9.53 20.90
C GLN B 320 2.44 9.98 22.30
N VAL B 321 3.22 10.94 22.80
CA VAL B 321 2.99 11.48 24.14
C VAL B 321 1.77 12.39 24.02
N GLU B 322 0.83 12.26 24.95
CA GLU B 322 -0.37 13.08 24.92
C GLU B 322 -0.04 14.57 24.70
N GLY B 323 -0.97 15.30 24.11
CA GLY B 323 -0.75 16.71 23.88
C GLY B 323 0.46 17.07 23.03
N GLN B 324 1.09 16.06 22.44
CA GLN B 324 2.26 16.27 21.57
C GLN B 324 1.79 16.01 20.15
N PRO B 325 1.29 17.06 19.48
CA PRO B 325 0.77 17.03 18.11
C PRO B 325 1.76 16.65 17.02
N ILE B 326 1.22 16.12 15.93
CA ILE B 326 2.01 15.75 14.77
C ILE B 326 1.25 16.38 13.64
N ILE B 327 1.82 17.38 12.99
CA ILE B 327 1.12 18.06 11.90
C ILE B 327 2.01 18.48 10.76
N LEU B 328 1.38 19.05 9.75
CA LEU B 328 2.08 19.52 8.56
C LEU B 328 1.99 21.03 8.44
N THR B 329 1.01 21.61 9.12
CA THR B 329 0.77 23.06 9.05
C THR B 329 0.02 23.35 10.32
N GLY B 330 0.34 24.47 10.96
CA GLY B 330 -0.32 24.82 12.20
C GLY B 330 -1.71 25.40 12.02
N ALA B 331 -2.49 25.38 13.09
CA ALA B 331 -3.85 25.93 13.02
C ALA B 331 -3.77 27.37 12.53
N PRO B 332 -2.85 28.17 13.09
CA PRO B 332 -2.71 29.57 12.67
C PRO B 332 -2.67 29.71 11.15
N ALA B 333 -1.63 29.13 10.55
CA ALA B 333 -1.47 29.19 9.10
C ALA B 333 -2.76 28.78 8.38
N ILE B 334 -3.44 27.78 8.89
CA ILE B 334 -4.67 27.34 8.24
C ILE B 334 -5.86 28.29 8.40
N ASN B 335 -6.12 28.78 9.61
CA ASN B 335 -7.23 29.74 9.78
C ASN B 335 -6.94 30.90 8.81
N LYS B 336 -5.70 31.34 8.84
CA LYS B 336 -5.21 32.42 7.99
C LYS B 336 -5.55 32.01 6.55
N LEU B 338 -7.81 30.15 5.57
CA LEU B 338 -9.26 30.15 5.34
C LEU B 338 -9.94 31.43 5.83
N GLY B 339 -9.17 32.51 5.96
CA GLY B 339 -9.75 33.76 6.41
C GLY B 339 -10.92 33.60 7.36
N ARG B 340 -10.73 32.82 8.41
CA ARG B 340 -11.76 32.60 9.44
C ARG B 340 -11.20 31.77 10.59
N GLU B 341 -11.67 32.02 11.80
CA GLU B 341 -11.18 31.30 12.98
C GLU B 341 -11.67 29.86 13.07
N VAL B 342 -11.16 28.99 12.21
CA VAL B 342 -11.60 27.60 12.26
C VAL B 342 -11.03 26.81 13.46
N TYR B 343 -9.73 26.54 13.44
CA TYR B 343 -9.13 25.72 14.49
C TYR B 343 -8.58 26.46 15.71
N THR B 344 -8.87 25.93 16.90
CA THR B 344 -8.44 26.56 18.14
C THR B 344 -7.07 26.02 18.57
N SER B 345 -6.85 24.74 18.34
CA SER B 345 -5.58 24.12 18.72
C SER B 345 -4.98 23.17 17.68
N ASN B 346 -3.65 23.06 17.71
CA ASN B 346 -2.93 22.17 16.84
C ASN B 346 -3.31 20.74 17.18
N LEU B 347 -3.83 20.55 18.39
CA LEU B 347 -4.22 19.24 18.81
C LEU B 347 -5.39 18.71 17.98
N GLN B 348 -6.16 19.62 17.40
CA GLN B 348 -7.30 19.19 16.61
C GLN B 348 -6.81 18.61 15.29
N LEU B 349 -5.62 19.04 14.88
CA LEU B 349 -5.02 18.61 13.62
C LEU B 349 -4.16 17.34 13.75
N GLY B 350 -3.43 17.22 14.86
CA GLY B 350 -2.58 16.05 15.03
C GLY B 350 -2.49 15.50 16.44
N GLY B 351 -3.53 15.71 17.24
CA GLY B 351 -3.51 15.19 18.61
C GLY B 351 -3.74 13.68 18.66
N THR B 352 -3.59 13.07 19.83
CA THR B 352 -3.79 11.62 19.92
C THR B 352 -5.20 11.21 19.50
N GLN B 353 -6.18 12.12 19.61
CA GLN B 353 -7.53 11.77 19.21
C GLN B 353 -7.60 11.72 17.68
N ILE B 354 -6.55 12.20 17.04
CA ILE B 354 -6.45 12.21 15.60
C ILE B 354 -5.50 11.12 15.11
N TYR B 356 -3.90 8.78 16.93
CA TYR B 356 -3.98 7.48 17.59
C TYR B 356 -5.19 6.73 17.04
N ASN B 357 -6.31 7.45 16.93
CA ASN B 357 -7.53 6.85 16.40
C ASN B 357 -7.32 6.38 14.97
N ASN B 358 -6.50 7.09 14.20
CA ASN B 358 -6.32 6.72 12.81
C ASN B 358 -5.23 5.73 12.50
N GLY B 359 -4.56 5.22 13.53
CA GLY B 359 -3.52 4.24 13.27
C GLY B 359 -2.12 4.74 12.98
N VAL B 360 -1.90 6.05 12.90
CA VAL B 360 -0.55 6.56 12.65
C VAL B 360 0.32 6.40 13.88
N SER B 361 -0.30 6.49 15.06
CA SER B 361 0.41 6.32 16.32
C SER B 361 -0.02 5.03 17.00
N HIS B 362 0.81 4.00 16.84
CA HIS B 362 0.53 2.70 17.43
C HIS B 362 0.19 2.80 18.91
N LEU B 363 0.83 3.73 19.61
CA LEU B 363 0.61 3.89 21.05
C LEU B 363 0.71 5.33 21.53
N THR B 364 0.27 5.55 22.76
CA THR B 364 0.32 6.86 23.40
C THR B 364 0.89 6.67 24.81
N ALA B 365 1.64 7.66 25.27
CA ALA B 365 2.23 7.66 26.61
C ALA B 365 1.79 8.91 27.37
N VAL B 366 1.67 8.79 28.69
CA VAL B 366 1.25 9.92 29.52
C VAL B 366 2.31 10.99 29.57
N ASP B 367 3.58 10.57 29.47
CA ASP B 367 4.70 11.48 29.51
C ASP B 367 5.94 10.80 28.97
N ASP B 368 7.01 11.58 28.79
CA ASP B 368 8.26 11.06 28.25
C ASP B 368 8.86 9.81 28.85
N LEU B 369 8.82 9.67 30.17
CA LEU B 369 9.40 8.46 30.78
C LEU B 369 8.59 7.26 30.37
N ALA B 370 7.27 7.40 30.49
CA ALA B 370 6.32 6.36 30.14
C ALA B 370 6.48 6.05 28.67
N GLY B 371 6.75 7.09 27.88
CA GLY B 371 6.93 6.91 26.47
C GLY B 371 8.13 6.05 26.16
N VAL B 372 9.23 6.31 26.86
CA VAL B 372 10.46 5.57 26.68
C VAL B 372 10.31 4.14 27.19
N GLU B 373 9.59 3.99 28.29
CA GLU B 373 9.38 2.66 28.83
C GLU B 373 8.77 1.79 27.75
N LYS B 374 7.68 2.28 27.14
CA LYS B 374 7.00 1.52 26.10
C LYS B 374 7.91 1.16 24.93
N ILE B 375 8.91 1.99 24.65
CA ILE B 375 9.82 1.66 23.57
C ILE B 375 10.70 0.50 23.99
N VAL B 376 11.10 0.49 25.26
CA VAL B 376 11.94 -0.58 25.79
C VAL B 376 11.16 -1.91 25.88
N GLU B 377 9.87 -1.81 26.22
CA GLU B 377 9.04 -3.00 26.31
C GLU B 377 8.80 -3.58 24.92
N TRP B 378 8.68 -2.69 23.93
CA TRP B 378 8.45 -3.11 22.56
C TRP B 378 9.69 -3.88 22.06
N SER B 380 11.80 -5.64 23.73
CA SER B 380 12.09 -6.91 24.35
C SER B 380 11.65 -8.10 23.49
N TYR B 381 10.90 -7.81 22.41
CA TYR B 381 10.43 -8.86 21.52
C TYR B 381 11.26 -8.98 20.25
N VAL B 382 11.96 -7.92 19.87
CA VAL B 382 12.73 -7.95 18.64
C VAL B 382 14.20 -8.29 18.85
N PRO B 383 14.84 -8.86 17.82
CA PRO B 383 16.25 -9.24 17.90
C PRO B 383 17.19 -8.10 18.26
N ALA B 384 18.42 -8.46 18.62
CA ALA B 384 19.43 -7.48 19.00
C ALA B 384 19.94 -6.73 17.78
N LYS B 385 20.13 -7.46 16.68
CA LYS B 385 20.58 -6.87 15.42
C LYS B 385 19.98 -7.69 14.29
N ARG B 386 19.85 -7.12 13.10
CA ARG B 386 19.26 -7.82 11.95
C ARG B 386 19.69 -9.28 11.78
N ASN B 387 18.70 -10.14 11.52
CA ASN B 387 18.94 -11.56 11.31
C ASN B 387 19.48 -12.32 12.52
N PRO B 389 18.67 -14.53 15.97
CA PRO B 389 17.57 -15.37 16.41
C PRO B 389 16.62 -14.55 17.26
N VAL B 390 15.33 -14.73 17.07
CA VAL B 390 14.38 -13.98 17.89
C VAL B 390 14.75 -14.26 19.35
N PRO B 391 14.72 -13.23 20.19
CA PRO B 391 15.06 -13.36 21.61
C PRO B 391 14.13 -14.19 22.48
N ILE B 392 14.50 -15.44 22.74
CA ILE B 392 13.71 -16.32 23.59
C ILE B 392 13.83 -15.84 25.02
N LEU B 393 12.72 -15.84 25.74
CA LEU B 393 12.69 -15.43 27.14
C LEU B 393 11.70 -16.30 27.93
N GLU B 394 12.12 -17.49 28.34
CA GLU B 394 11.21 -18.34 29.11
C GLU B 394 10.84 -17.56 30.36
N THR B 395 9.64 -17.80 30.87
CA THR B 395 9.16 -17.06 32.03
C THR B 395 8.50 -18.01 33.03
N LYS B 396 7.88 -17.48 34.08
CA LYS B 396 7.26 -18.35 35.06
C LYS B 396 6.26 -19.29 34.41
N ASP B 397 5.36 -18.74 33.60
CA ASP B 397 4.34 -19.56 32.91
C ASP B 397 4.95 -20.49 31.87
N THR B 398 5.22 -21.72 32.28
CA THR B 398 5.83 -22.74 31.43
C THR B 398 4.89 -23.13 30.27
N TRP B 399 5.46 -23.76 29.26
CA TRP B 399 4.70 -24.17 28.09
C TRP B 399 3.80 -25.37 28.30
N ASP B 400 4.26 -26.33 29.11
CA ASP B 400 3.49 -27.55 29.34
C ASP B 400 2.30 -27.41 30.27
N ARG B 401 1.17 -26.93 29.74
CA ARG B 401 -0.03 -26.78 30.53
C ARG B 401 -1.19 -26.65 29.58
N PRO B 402 -2.42 -26.87 30.05
CA PRO B 402 -3.59 -26.76 29.18
C PRO B 402 -3.92 -25.28 29.04
N VAL B 403 -4.74 -24.95 28.07
CA VAL B 403 -5.16 -23.58 27.88
C VAL B 403 -6.50 -23.53 28.59
N ASP B 404 -6.64 -22.62 29.54
CA ASP B 404 -7.87 -22.53 30.31
C ASP B 404 -9.07 -21.86 29.68
N PHE B 405 -8.98 -20.56 29.43
CA PHE B 405 -10.11 -19.86 28.85
C PHE B 405 -10.61 -20.47 27.57
N THR B 406 -11.92 -20.62 27.50
CA THR B 406 -12.54 -21.20 26.34
C THR B 406 -13.77 -20.40 25.95
N PRO B 407 -13.92 -20.10 24.66
CA PRO B 407 -15.07 -19.34 24.15
C PRO B 407 -16.29 -20.24 24.07
N THR B 408 -17.48 -19.65 24.12
CA THR B 408 -18.74 -20.38 24.04
C THR B 408 -19.74 -19.67 23.13
N ASN B 409 -20.12 -20.31 22.05
CA ASN B 409 -21.08 -19.72 21.12
C ASN B 409 -22.22 -18.98 21.82
N ASP B 410 -22.54 -19.37 23.04
CA ASP B 410 -23.62 -18.70 23.74
C ASP B 410 -23.24 -17.24 23.93
N GLU B 411 -22.68 -16.93 25.10
CA GLU B 411 -22.31 -15.56 25.46
C GLU B 411 -21.10 -14.97 24.72
N THR B 412 -20.94 -13.66 24.88
CA THR B 412 -19.87 -12.92 24.23
C THR B 412 -18.54 -12.98 24.97
N TYR B 413 -17.46 -12.75 24.23
CA TYR B 413 -16.13 -12.78 24.85
C TYR B 413 -15.19 -11.75 24.26
N ASP B 414 -14.01 -11.65 24.86
CA ASP B 414 -12.98 -10.73 24.41
C ASP B 414 -11.78 -11.58 24.01
N VAL B 415 -11.51 -11.60 22.71
CA VAL B 415 -10.42 -12.35 22.11
C VAL B 415 -9.10 -12.22 22.89
N ARG B 416 -9.00 -11.20 23.73
CA ARG B 416 -7.79 -11.01 24.52
C ARG B 416 -7.68 -12.11 25.58
N TRP B 417 -8.81 -12.46 26.18
CA TRP B 417 -8.84 -13.51 27.18
C TRP B 417 -8.27 -14.78 26.56
N ILE B 419 -6.11 -14.93 24.15
CA ILE B 419 -4.70 -14.67 23.93
C ILE B 419 -3.86 -14.62 25.20
N GLU B 420 -4.25 -13.76 26.14
CA GLU B 420 -3.48 -13.55 27.38
C GLU B 420 -4.09 -14.08 28.68
N GLY B 421 -5.24 -14.74 28.59
CA GLY B 421 -5.88 -15.24 29.79
C GLY B 421 -6.59 -14.10 30.50
N ARG B 422 -7.52 -14.44 31.38
CA ARG B 422 -8.29 -13.44 32.10
C ARG B 422 -8.39 -13.83 33.56
N GLU B 423 -8.36 -12.82 34.44
CA GLU B 423 -8.48 -13.07 35.87
C GLU B 423 -9.97 -13.25 36.14
N THR B 424 -10.30 -14.32 36.88
CA THR B 424 -11.69 -14.61 37.23
C THR B 424 -11.84 -14.59 38.76
N GLU B 425 -13.07 -14.43 39.25
CA GLU B 425 -13.30 -14.41 40.70
C GLU B 425 -13.08 -15.82 41.27
N SER B 426 -12.03 -16.49 40.80
CA SER B 426 -11.71 -17.84 41.25
C SER B 426 -10.21 -18.10 41.08
N GLY B 427 -9.64 -17.48 40.07
CA GLY B 427 -8.23 -17.65 39.81
C GLY B 427 -7.92 -17.13 38.41
N PHE B 428 -6.66 -17.24 38.01
CA PHE B 428 -6.27 -16.77 36.69
C PHE B 428 -6.41 -17.85 35.65
N GLU B 429 -7.35 -17.67 34.75
CA GLU B 429 -7.63 -18.58 33.65
C GLU B 429 -6.54 -18.32 32.61
N TYR B 430 -5.60 -19.25 32.46
CA TYR B 430 -4.55 -19.03 31.47
C TYR B 430 -5.03 -19.06 30.03
N GLY B 431 -4.42 -18.21 29.21
CA GLY B 431 -4.78 -18.15 27.82
C GLY B 431 -3.79 -18.98 27.04
N LEU B 432 -3.79 -18.81 25.73
CA LEU B 432 -2.90 -19.54 24.86
C LEU B 432 -1.44 -19.11 25.01
N PHE B 433 -1.20 -17.82 25.25
CA PHE B 433 0.17 -17.35 25.40
C PHE B 433 0.60 -17.03 26.83
N ASP B 434 1.92 -16.92 27.03
CA ASP B 434 2.53 -16.64 28.33
C ASP B 434 1.83 -15.52 29.09
N LYS B 435 1.45 -15.81 30.33
CA LYS B 435 0.77 -14.85 31.18
C LYS B 435 1.55 -13.54 31.22
N GLY B 436 0.83 -12.45 30.96
CA GLY B 436 1.45 -11.14 30.96
C GLY B 436 2.34 -10.77 29.80
N SER B 437 2.51 -11.64 28.80
CA SER B 437 3.39 -11.30 27.68
C SER B 437 2.74 -10.56 26.52
N PHE B 438 1.43 -10.31 26.57
CA PHE B 438 0.77 -9.63 25.46
C PHE B 438 1.10 -8.14 25.51
N PHE B 439 1.49 -7.59 24.37
CA PHE B 439 1.84 -6.18 24.21
C PHE B 439 1.09 -5.70 23.00
N GLU B 440 -0.14 -5.23 23.21
CA GLU B 440 -0.97 -4.78 22.11
C GLU B 440 -0.51 -3.46 21.55
N THR B 441 -0.64 -3.30 20.23
CA THR B 441 -0.28 -2.05 19.56
C THR B 441 -1.38 -1.59 18.57
N LEU B 442 -1.36 -0.32 18.18
CA LEU B 442 -2.37 0.22 17.27
C LEU B 442 -3.77 -0.03 17.83
N SER B 443 -3.88 0.03 19.15
CA SER B 443 -5.16 -0.23 19.81
C SER B 443 -6.21 0.87 19.74
N GLY B 444 -5.88 1.99 19.10
CA GLY B 444 -6.85 3.06 19.01
C GLY B 444 -7.46 3.16 17.62
N TRP B 445 -7.03 2.27 16.74
CA TRP B 445 -7.49 2.26 15.36
C TRP B 445 -8.05 0.91 14.92
N ALA B 446 -9.11 0.93 14.12
CA ALA B 446 -9.73 -0.29 13.59
C ALA B 446 -9.77 -1.43 14.64
N LYS B 447 -10.58 -1.23 15.66
CA LYS B 447 -10.71 -2.19 16.74
C LYS B 447 -11.39 -3.52 16.39
N GLY B 448 -11.69 -3.72 15.11
CA GLY B 448 -12.28 -4.97 14.68
C GLY B 448 -11.23 -6.06 14.80
N VAL B 449 -9.97 -5.67 14.61
CA VAL B 449 -8.85 -6.59 14.72
C VAL B 449 -8.03 -6.25 15.97
N VAL B 450 -7.39 -7.27 16.54
CA VAL B 450 -6.55 -7.08 17.72
C VAL B 450 -5.16 -7.57 17.35
N VAL B 451 -4.26 -6.60 17.21
CA VAL B 451 -2.87 -6.82 16.83
C VAL B 451 -1.96 -6.71 18.04
N GLY B 452 -0.89 -7.49 18.07
CA GLY B 452 0.01 -7.39 19.20
C GLY B 452 1.20 -8.33 19.18
N ARG B 453 1.92 -8.34 20.28
CA ARG B 453 3.07 -9.22 20.39
C ARG B 453 2.96 -9.92 21.72
N ALA B 454 3.40 -11.17 21.74
CA ALA B 454 3.36 -11.96 22.96
C ALA B 454 4.41 -13.05 22.88
N ARG B 455 4.46 -13.87 23.92
CA ARG B 455 5.40 -14.96 23.95
C ARG B 455 4.65 -16.27 24.14
N LEU B 456 5.13 -17.30 23.45
CA LEU B 456 4.57 -18.64 23.52
C LEU B 456 5.68 -19.47 24.14
N GLY B 457 5.56 -19.73 25.44
CA GLY B 457 6.58 -20.48 26.15
C GLY B 457 7.92 -19.81 26.00
N GLY B 458 7.90 -18.48 25.96
CA GLY B 458 9.12 -17.72 25.83
C GLY B 458 9.44 -17.29 24.41
N ILE B 459 8.86 -17.97 23.41
CA ILE B 459 9.11 -17.62 22.02
C ILE B 459 8.28 -16.38 21.72
N PRO B 460 8.92 -15.32 21.22
CA PRO B 460 8.22 -14.08 20.89
C PRO B 460 7.57 -14.24 19.54
N LEU B 461 6.51 -13.51 19.29
CA LEU B 461 5.83 -13.62 18.01
C LEU B 461 4.71 -12.62 17.90
N GLY B 462 4.42 -12.22 16.67
CA GLY B 462 3.34 -11.29 16.46
C GLY B 462 2.06 -12.09 16.49
N VAL B 463 1.00 -11.51 17.00
CA VAL B 463 -0.26 -12.23 17.04
C VAL B 463 -1.43 -11.34 16.65
N ILE B 464 -2.27 -11.84 15.76
CA ILE B 464 -3.45 -11.12 15.30
C ILE B 464 -4.71 -11.90 15.62
N GLY B 465 -5.62 -11.30 16.39
CA GLY B 465 -6.86 -11.96 16.75
C GLY B 465 -8.04 -11.20 16.15
N VAL B 466 -9.27 -11.61 16.47
CA VAL B 466 -10.45 -10.94 15.92
C VAL B 466 -11.47 -10.56 16.99
N GLU B 467 -11.86 -9.28 17.04
CA GLU B 467 -12.87 -8.81 18.01
C GLU B 467 -14.21 -9.35 17.60
N THR B 468 -14.92 -10.00 18.52
CA THR B 468 -16.22 -10.54 18.17
C THR B 468 -17.34 -9.56 18.56
N ARG B 469 -16.98 -8.58 19.39
CA ARG B 469 -17.93 -7.59 19.85
C ARG B 469 -17.98 -6.39 18.91
N THR B 470 -19.19 -5.89 18.64
CA THR B 470 -19.34 -4.75 17.73
C THR B 470 -18.51 -3.55 18.19
N VAL B 471 -17.94 -2.84 17.24
CA VAL B 471 -17.13 -1.67 17.55
C VAL B 471 -17.96 -0.43 17.26
N GLU B 472 -18.04 0.47 18.23
CA GLU B 472 -18.79 1.72 18.05
C GLU B 472 -17.79 2.83 17.66
N ASN B 473 -17.41 2.87 16.39
CA ASN B 473 -16.47 3.86 15.88
C ASN B 473 -17.11 5.25 15.89
N LEU B 474 -16.59 6.13 16.74
CA LEU B 474 -17.08 7.49 16.87
C LEU B 474 -16.24 8.43 16.03
N ILE B 475 -16.87 9.29 15.25
CA ILE B 475 -16.12 10.21 14.40
C ILE B 475 -16.50 11.67 14.63
N PRO B 476 -15.52 12.48 15.06
CA PRO B 476 -15.70 13.92 15.35
C PRO B 476 -16.13 14.68 14.12
N ALA B 477 -16.92 15.72 14.32
CA ALA B 477 -17.41 16.53 13.21
C ALA B 477 -16.23 17.27 12.60
N ASP B 478 -16.44 17.81 11.40
CA ASP B 478 -15.38 18.55 10.71
C ASP B 478 -15.57 20.03 11.01
N PRO B 479 -14.63 20.61 11.78
CA PRO B 479 -14.70 22.04 12.14
C PRO B 479 -14.84 22.99 10.94
N ALA B 480 -14.13 22.68 9.86
CA ALA B 480 -14.18 23.52 8.65
C ALA B 480 -15.42 23.31 7.77
N ASN B 481 -16.40 22.56 8.26
CA ASN B 481 -17.64 22.34 7.50
C ASN B 481 -18.69 22.51 8.55
N PRO B 482 -19.25 23.72 8.66
CA PRO B 482 -20.29 24.03 9.64
C PRO B 482 -21.54 23.17 9.65
N ASN B 483 -21.66 22.25 8.70
CA ASN B 483 -22.82 21.35 8.67
C ASN B 483 -22.37 19.93 9.01
N SER B 484 -21.15 19.79 9.49
CA SER B 484 -20.63 18.48 9.83
C SER B 484 -21.29 18.02 11.12
N ALA B 485 -21.37 16.71 11.29
CA ALA B 485 -21.97 16.14 12.50
C ALA B 485 -21.20 14.92 12.96
N GLU B 486 -21.06 14.79 14.27
CA GLU B 486 -20.37 13.66 14.86
C GLU B 486 -21.13 12.45 14.31
N THR B 487 -20.42 11.52 13.68
CA THR B 487 -21.08 10.34 13.14
C THR B 487 -20.56 9.06 13.79
N LEU B 488 -21.47 8.17 14.13
CA LEU B 488 -21.14 6.90 14.78
C LEU B 488 -21.32 5.70 13.87
N ILE B 489 -20.21 5.21 13.32
CA ILE B 489 -20.22 4.06 12.44
C ILE B 489 -19.97 2.76 13.22
N GLN B 490 -20.92 1.85 13.15
CA GLN B 490 -20.80 0.56 13.83
C GLN B 490 -20.10 -0.46 12.96
N GLU B 491 -19.05 -1.06 13.50
CA GLU B 491 -18.28 -2.05 12.77
C GLU B 491 -18.49 -3.45 13.39
N PRO B 492 -19.30 -4.29 12.72
CA PRO B 492 -19.63 -5.67 13.14
C PRO B 492 -18.41 -6.57 13.34
N GLY B 493 -18.55 -7.54 14.24
CA GLY B 493 -17.45 -8.45 14.52
C GLY B 493 -17.23 -9.54 13.45
N GLN B 494 -16.05 -10.14 13.51
CA GLN B 494 -15.65 -11.22 12.62
C GLN B 494 -15.83 -10.89 11.14
N VAL B 495 -15.66 -9.62 10.80
CA VAL B 495 -15.76 -9.17 9.41
C VAL B 495 -14.83 -8.00 9.14
N TRP B 496 -14.00 -8.14 8.11
CA TRP B 496 -13.07 -7.11 7.72
C TRP B 496 -13.78 -5.92 7.09
N HIS B 497 -13.25 -4.74 7.39
CA HIS B 497 -13.75 -3.48 6.87
C HIS B 497 -12.50 -2.88 6.32
N PRO B 498 -12.59 -1.77 5.59
CA PRO B 498 -11.34 -1.22 5.06
C PRO B 498 -10.27 -0.95 6.12
N ASN B 499 -10.66 -0.37 7.25
CA ASN B 499 -9.67 -0.06 8.28
C ASN B 499 -9.04 -1.30 8.89
N SER B 500 -9.86 -2.30 9.20
CA SER B 500 -9.35 -3.52 9.81
C SER B 500 -8.54 -4.37 8.85
N ALA B 501 -8.89 -4.35 7.57
CA ALA B 501 -8.13 -5.12 6.61
C ALA B 501 -6.77 -4.47 6.47
N PHE B 502 -6.77 -3.14 6.50
CA PHE B 502 -5.57 -2.34 6.37
C PHE B 502 -4.69 -2.56 7.62
N LYS B 503 -5.31 -2.56 8.78
CA LYS B 503 -4.58 -2.76 10.01
C LYS B 503 -3.95 -4.14 9.99
N THR B 504 -4.66 -5.08 9.38
CA THR B 504 -4.17 -6.43 9.32
C THR B 504 -2.91 -6.51 8.49
N ALA B 505 -2.88 -5.83 7.36
CA ALA B 505 -1.70 -5.87 6.51
C ALA B 505 -0.54 -5.13 7.12
N GLN B 506 -0.84 -4.04 7.83
CA GLN B 506 0.19 -3.22 8.46
C GLN B 506 0.91 -4.04 9.51
N ALA B 507 0.14 -4.74 10.32
CA ALA B 507 0.66 -5.59 11.37
C ALA B 507 1.57 -6.65 10.75
N ILE B 508 1.06 -7.38 9.75
CA ILE B 508 1.89 -8.38 9.11
C ILE B 508 3.15 -7.73 8.57
N ASN B 509 3.04 -6.53 8.03
CA ASN B 509 4.22 -5.86 7.51
C ASN B 509 5.18 -5.44 8.60
N ASP B 510 4.65 -4.97 9.73
CA ASP B 510 5.51 -4.53 10.83
C ASP B 510 6.16 -5.68 11.57
N PHE B 511 5.47 -6.83 11.64
CA PHE B 511 5.99 -8.02 12.29
C PHE B 511 7.13 -8.62 11.48
N ASN B 512 7.14 -8.33 10.18
CA ASN B 512 8.14 -8.90 9.29
C ASN B 512 9.35 -8.03 8.97
N ASN B 513 9.15 -6.74 8.81
CA ASN B 513 10.26 -5.89 8.43
C ASN B 513 11.44 -5.68 9.35
N GLY B 514 11.23 -5.17 10.55
CA GLY B 514 12.39 -4.95 11.40
C GLY B 514 12.40 -5.90 12.55
N GLU B 515 11.19 -6.21 12.99
CA GLU B 515 10.99 -7.13 14.07
C GLU B 515 11.44 -8.55 13.67
N GLN B 516 11.18 -8.91 12.41
CA GLN B 516 11.55 -10.23 11.90
C GLN B 516 11.01 -11.34 12.78
N LEU B 517 9.72 -11.26 13.10
CA LEU B 517 9.07 -12.24 13.98
C LEU B 517 8.21 -13.30 13.32
N PRO B 518 8.00 -14.43 14.01
CA PRO B 518 7.15 -15.48 13.45
C PRO B 518 5.77 -14.90 13.68
N ILE B 521 -1.92 -16.09 13.30
CA ILE B 521 -3.15 -15.37 13.08
C ILE B 521 -4.29 -16.30 13.46
N LEU B 522 -5.05 -15.92 14.49
CA LEU B 522 -6.20 -16.73 14.90
C LEU B 522 -7.39 -16.35 14.03
N ALA B 523 -7.32 -16.74 12.76
CA ALA B 523 -8.36 -16.45 11.77
C ALA B 523 -9.79 -16.75 12.20
N ASN B 524 -10.63 -15.73 12.18
CA ASN B 524 -12.03 -15.84 12.57
C ASN B 524 -12.83 -14.73 11.88
N TRP B 525 -12.97 -14.86 10.55
CA TRP B 525 -13.67 -13.88 9.72
C TRP B 525 -14.76 -14.46 8.80
N ARG B 526 -15.93 -13.84 8.84
CA ARG B 526 -17.07 -14.23 8.00
C ARG B 526 -16.80 -13.80 6.56
N GLY B 527 -15.78 -12.97 6.41
CA GLY B 527 -15.40 -12.45 5.11
C GLY B 527 -15.27 -10.94 5.17
N PHE B 528 -15.23 -10.29 4.02
CA PHE B 528 -15.11 -8.84 3.97
C PHE B 528 -16.48 -8.21 3.89
N SER B 529 -16.56 -6.89 4.03
CA SER B 529 -17.85 -6.22 3.95
C SER B 529 -18.15 -6.01 2.48
N GLY B 530 -19.34 -6.44 2.06
CA GLY B 530 -19.73 -6.32 0.66
C GLY B 530 -20.68 -5.18 0.40
N GLY B 531 -21.07 -4.49 1.46
CA GLY B 531 -21.97 -3.35 1.34
C GLY B 531 -21.43 -2.27 0.43
N GLN B 532 -22.28 -1.29 0.10
CA GLN B 532 -21.90 -0.22 -0.81
C GLN B 532 -20.80 0.66 -0.26
N ARG B 533 -21.01 1.12 0.96
CA ARG B 533 -20.08 1.99 1.64
C ARG B 533 -18.69 1.37 1.75
N ASP B 534 -18.59 0.21 2.39
CA ASP B 534 -17.28 -0.42 2.52
C ASP B 534 -16.62 -0.77 1.19
N PHE B 536 -17.32 1.11 -1.64
CA PHE B 536 -17.02 2.40 -2.19
C PHE B 536 -15.70 2.85 -1.57
N ASN B 537 -15.53 2.56 -0.28
CA ASN B 537 -14.32 2.96 0.43
C ASN B 537 -13.11 2.05 0.22
N GLU B 538 -13.11 1.33 -0.89
CA GLU B 538 -11.96 0.51 -1.24
C GLU B 538 -11.57 -0.73 -0.40
N VAL B 539 -12.52 -1.39 0.26
CA VAL B 539 -12.14 -2.56 1.07
C VAL B 539 -11.36 -3.59 0.23
N LEU B 540 -11.59 -3.57 -1.07
CA LEU B 540 -10.96 -4.47 -2.03
C LEU B 540 -9.47 -4.21 -2.19
N LYS B 541 -9.05 -2.98 -1.91
CA LYS B 541 -7.65 -2.60 -1.99
C LYS B 541 -6.87 -3.02 -0.76
N TYR B 542 -7.46 -2.83 0.42
CA TYR B 542 -6.80 -3.19 1.67
C TYR B 542 -6.74 -4.71 1.87
N GLY B 543 -7.72 -5.45 1.37
CA GLY B 543 -7.68 -6.88 1.51
C GLY B 543 -6.51 -7.41 0.71
N SER B 544 -6.34 -6.91 -0.50
CA SER B 544 -5.22 -7.35 -1.33
C SER B 544 -3.89 -7.03 -0.67
N PHE B 545 -3.83 -5.93 0.08
CA PHE B 545 -2.60 -5.56 0.78
C PHE B 545 -2.16 -6.74 1.62
N ILE B 546 -3.15 -7.37 2.27
CA ILE B 546 -2.85 -8.51 3.11
C ILE B 546 -2.07 -9.56 2.33
N VAL B 547 -2.58 -9.94 1.15
CA VAL B 547 -1.90 -10.95 0.35
C VAL B 547 -0.45 -10.58 0.09
N ASP B 548 -0.22 -9.32 -0.29
CA ASP B 548 1.13 -8.86 -0.58
C ASP B 548 2.03 -8.99 0.65
N ALA B 549 1.47 -8.69 1.82
CA ALA B 549 2.23 -8.78 3.06
C ALA B 549 2.63 -10.23 3.36
N LEU B 550 1.72 -11.18 3.14
CA LEU B 550 2.01 -12.58 3.39
C LEU B 550 3.04 -13.10 2.41
N VAL B 551 2.95 -12.68 1.17
CA VAL B 551 3.90 -13.11 0.17
C VAL B 551 5.30 -12.74 0.63
N ASP B 552 5.42 -11.51 1.14
CA ASP B 552 6.69 -10.99 1.59
C ASP B 552 7.24 -11.54 2.89
N TYR B 553 6.37 -12.17 3.69
CA TYR B 553 6.78 -12.73 4.97
C TYR B 553 7.99 -13.64 4.85
N LYS B 554 8.90 -13.48 5.80
CA LYS B 554 10.15 -14.24 5.80
C LYS B 554 10.30 -15.16 6.98
N GLN B 555 9.36 -15.12 7.91
CA GLN B 555 9.39 -15.97 9.08
C GLN B 555 8.23 -16.96 9.08
N PRO B 556 8.24 -17.92 10.00
CA PRO B 556 7.18 -18.91 10.05
C PRO B 556 5.81 -18.33 10.41
N ILE B 557 4.79 -18.65 9.62
CA ILE B 557 3.44 -18.17 9.89
C ILE B 557 2.55 -19.32 10.35
N ILE B 558 1.57 -19.03 11.20
CA ILE B 558 0.64 -20.05 11.65
C ILE B 558 -0.77 -19.46 11.66
N ILE B 559 -1.64 -20.03 10.84
CA ILE B 559 -3.02 -19.58 10.78
C ILE B 559 -3.84 -20.62 11.54
N TYR B 560 -4.56 -20.19 12.56
CA TYR B 560 -5.34 -21.13 13.34
C TYR B 560 -6.78 -20.68 13.54
N ILE B 561 -7.72 -21.40 12.95
CA ILE B 561 -9.13 -21.06 13.12
C ILE B 561 -9.46 -21.53 14.53
N PRO B 562 -9.62 -20.58 15.46
CA PRO B 562 -9.92 -20.90 16.85
C PRO B 562 -11.28 -21.56 17.02
N PRO B 563 -11.56 -22.11 18.23
CA PRO B 563 -12.82 -22.77 18.55
C PRO B 563 -14.03 -22.11 17.89
N THR B 564 -14.94 -21.49 18.63
CA THR B 564 -16.13 -20.89 18.00
C THR B 564 -15.88 -20.06 16.74
N GLY B 565 -14.75 -20.26 16.08
CA GLY B 565 -14.43 -19.49 14.91
C GLY B 565 -14.85 -20.08 13.59
N GLU B 566 -14.54 -19.35 12.53
CA GLU B 566 -14.88 -19.73 11.16
C GLU B 566 -14.09 -18.88 10.16
N LEU B 567 -14.08 -19.31 8.91
CA LEU B 567 -13.38 -18.60 7.86
C LEU B 567 -14.13 -18.91 6.56
N ARG B 568 -14.71 -17.90 5.92
CA ARG B 568 -15.49 -18.13 4.69
C ARG B 568 -14.92 -17.67 3.35
N GLY B 569 -15.79 -17.72 2.35
CA GLY B 569 -15.44 -17.35 0.99
C GLY B 569 -14.39 -16.27 0.78
N GLY B 570 -14.71 -15.04 1.12
CA GLY B 570 -13.76 -13.95 0.91
C GLY B 570 -12.63 -13.91 1.91
N SER B 571 -12.94 -14.22 3.15
CA SER B 571 -11.95 -14.21 4.20
C SER B 571 -10.87 -15.25 4.01
N TRP B 572 -11.24 -16.50 3.74
CA TRP B 572 -10.27 -17.59 3.57
C TRP B 572 -9.21 -17.36 2.49
N VAL B 573 -9.61 -16.73 1.39
CA VAL B 573 -8.67 -16.52 0.31
C VAL B 573 -7.45 -15.66 0.61
N VAL B 574 -7.53 -14.76 1.58
CA VAL B 574 -6.36 -13.94 1.85
C VAL B 574 -5.45 -14.46 2.97
N VAL B 575 -5.62 -15.70 3.39
CA VAL B 575 -4.78 -16.25 4.43
C VAL B 575 -4.57 -17.73 4.22
N ASP B 576 -4.65 -18.16 2.98
CA ASP B 576 -4.44 -19.56 2.66
C ASP B 576 -2.94 -19.82 2.63
N PRO B 577 -2.51 -21.00 3.06
CA PRO B 577 -1.07 -21.31 3.05
C PRO B 577 -0.42 -21.32 1.67
N THR B 578 -1.20 -21.53 0.61
CA THR B 578 -0.60 -21.58 -0.71
C THR B 578 -0.09 -20.21 -1.15
N ILE B 579 -0.54 -19.16 -0.49
CA ILE B 579 -0.11 -17.79 -0.78
C ILE B 579 1.39 -17.71 -0.55
N ASN B 580 1.87 -18.36 0.50
CA ASN B 580 3.29 -18.41 0.83
C ASN B 580 3.65 -19.77 1.45
N ALA B 581 3.66 -20.79 0.61
CA ALA B 581 3.96 -22.16 1.02
C ALA B 581 5.25 -22.29 1.82
N ASP B 582 6.20 -21.39 1.58
CA ASP B 582 7.45 -21.48 2.31
C ASP B 582 7.36 -21.13 3.79
N GLN B 583 6.45 -20.24 4.18
CA GLN B 583 6.32 -19.83 5.57
C GLN B 583 5.03 -20.18 6.31
N GLU B 585 1.27 -22.23 7.34
CA GLU B 585 0.67 -23.51 7.70
C GLU B 585 -0.67 -23.19 8.32
N TYR B 587 -4.17 -24.55 10.53
CA TYR B 587 -4.72 -25.54 11.45
C TYR B 587 -6.11 -25.09 11.86
N ALA B 588 -7.03 -26.03 12.05
CA ALA B 588 -8.38 -25.67 12.45
C ALA B 588 -8.80 -26.44 13.69
N ASP B 589 -9.43 -25.75 14.63
CA ASP B 589 -9.90 -26.41 15.83
C ASP B 589 -10.99 -27.39 15.41
N VAL B 590 -11.21 -28.39 16.24
CA VAL B 590 -12.23 -29.39 15.93
C VAL B 590 -13.61 -28.79 16.14
N ASN B 591 -13.63 -27.62 16.79
CA ASN B 591 -14.86 -26.90 17.05
C ASN B 591 -14.94 -25.58 16.25
N ALA B 592 -14.31 -25.59 15.07
CA ALA B 592 -14.32 -24.43 14.18
C ALA B 592 -15.11 -24.79 12.93
N ARG B 593 -15.36 -23.79 12.07
CA ARG B 593 -16.11 -23.99 10.84
C ARG B 593 -15.44 -23.33 9.64
N ALA B 594 -15.75 -23.80 8.45
CA ALA B 594 -15.16 -23.24 7.24
C ALA B 594 -15.94 -23.67 5.99
N GLY B 595 -16.06 -22.76 5.03
CA GLY B 595 -16.77 -23.06 3.80
C GLY B 595 -16.94 -21.78 3.02
N VAL B 596 -17.11 -21.90 1.71
CA VAL B 596 -17.27 -20.72 0.87
C VAL B 596 -18.46 -19.88 1.33
N LEU B 597 -19.52 -20.54 1.76
CA LEU B 597 -20.73 -19.86 2.24
C LEU B 597 -21.14 -20.32 3.64
N GLU B 598 -21.85 -19.48 4.37
CA GLU B 598 -22.32 -19.81 5.72
C GLU B 598 -23.60 -20.58 5.45
N PRO B 599 -23.97 -21.53 6.31
CA PRO B 599 -25.20 -22.28 6.06
C PRO B 599 -26.39 -21.49 5.48
N GLN B 600 -26.77 -20.41 6.14
CA GLN B 600 -27.89 -19.63 5.64
C GLN B 600 -27.68 -19.39 4.15
N GLY B 601 -26.46 -19.05 3.75
CA GLY B 601 -26.19 -18.83 2.35
C GLY B 601 -26.24 -20.06 1.47
N VAL B 603 -27.96 -23.06 1.93
CA VAL B 603 -29.31 -23.57 1.67
C VAL B 603 -30.01 -22.61 0.74
N GLY B 604 -29.67 -21.34 0.87
CA GLY B 604 -30.28 -20.31 0.06
C GLY B 604 -30.18 -20.61 -1.42
N ILE B 605 -29.17 -21.37 -1.80
CA ILE B 605 -28.95 -21.70 -3.20
C ILE B 605 -29.17 -23.17 -3.50
N LYS B 606 -28.60 -24.03 -2.66
CA LYS B 606 -28.63 -25.47 -2.86
C LYS B 606 -29.63 -26.28 -2.05
N PHE B 607 -30.56 -25.64 -1.36
CA PHE B 607 -31.56 -26.38 -0.60
C PHE B 607 -32.77 -25.48 -0.35
N ARG B 608 -33.38 -25.11 -1.47
CA ARG B 608 -34.53 -24.22 -1.50
C ARG B 608 -35.85 -24.89 -1.20
N ARG B 609 -36.91 -24.09 -1.17
CA ARG B 609 -38.28 -24.55 -0.90
C ARG B 609 -38.52 -25.92 -1.53
N GLU B 610 -38.37 -26.01 -2.84
CA GLU B 610 -38.60 -27.27 -3.54
C GLU B 610 -37.89 -28.44 -2.87
N LYS B 611 -36.58 -28.51 -3.00
CA LYS B 611 -35.80 -29.60 -2.41
C LYS B 611 -36.20 -29.88 -0.95
N LEU B 612 -36.71 -28.86 -0.25
CA LEU B 612 -37.12 -29.04 1.13
C LEU B 612 -38.36 -29.94 1.13
N LEU B 613 -39.28 -29.61 0.23
CA LEU B 613 -40.53 -30.35 0.09
C LEU B 613 -40.22 -31.80 -0.28
N ASP B 614 -39.24 -31.96 -1.17
CA ASP B 614 -38.84 -33.27 -1.60
C ASP B 614 -38.33 -34.08 -0.40
N THR B 615 -37.82 -33.37 0.61
CA THR B 615 -37.31 -34.02 1.81
C THR B 615 -38.45 -34.33 2.79
N ASN B 617 -41.50 -35.00 1.72
CA ASN B 617 -42.15 -36.08 0.99
C ASN B 617 -41.38 -37.40 1.13
N ARG B 618 -40.26 -37.36 1.84
CA ARG B 618 -39.45 -38.56 2.04
C ARG B 618 -39.28 -38.97 3.51
N LEU B 619 -39.44 -38.01 4.42
CA LEU B 619 -39.25 -38.30 5.83
C LEU B 619 -40.48 -38.07 6.69
N ASP B 620 -41.54 -37.52 6.08
CA ASP B 620 -42.78 -37.23 6.79
C ASP B 620 -43.95 -38.03 6.19
N ASP B 621 -44.37 -39.08 6.90
CA ASP B 621 -45.45 -39.94 6.44
C ASP B 621 -46.74 -39.26 5.96
N LYS B 622 -47.33 -38.41 6.80
CA LYS B 622 -48.59 -37.79 6.37
C LYS B 622 -48.46 -36.86 5.19
N TYR B 623 -47.31 -36.22 5.05
CA TYR B 623 -47.14 -35.33 3.91
C TYR B 623 -47.11 -36.16 2.64
N ARG B 624 -46.44 -37.31 2.69
CA ARG B 624 -46.38 -38.17 1.51
C ARG B 624 -47.75 -38.78 1.25
N GLU B 625 -48.50 -39.02 2.33
CA GLU B 625 -49.85 -39.56 2.23
C GLU B 625 -50.62 -38.60 1.32
N LEU B 626 -50.59 -37.32 1.71
CA LEU B 626 -51.27 -36.25 0.99
C LEU B 626 -50.74 -36.09 -0.43
N ARG B 627 -49.43 -36.11 -0.56
CA ARG B 627 -48.81 -35.96 -1.87
C ARG B 627 -49.31 -37.09 -2.80
N SER B 628 -49.32 -38.31 -2.26
CA SER B 628 -49.77 -39.49 -2.98
C SER B 628 -51.21 -39.33 -3.51
N GLN B 629 -52.15 -39.02 -2.63
CA GLN B 629 -53.55 -38.85 -3.03
C GLN B 629 -53.74 -37.91 -4.22
N LEU B 630 -52.93 -36.86 -4.30
CA LEU B 630 -53.05 -35.91 -5.38
C LEU B 630 -52.33 -36.38 -6.64
N SER B 631 -51.87 -37.61 -6.66
CA SER B 631 -51.18 -38.06 -7.85
C SER B 631 -51.28 -39.55 -8.11
N ASN B 632 -52.18 -40.25 -7.41
CA ASN B 632 -52.29 -41.68 -7.63
C ASN B 632 -53.72 -42.20 -7.80
N LYS B 633 -54.62 -41.32 -8.24
CA LYS B 633 -56.01 -41.74 -8.44
C LYS B 633 -56.94 -40.78 -9.19
N SER B 634 -56.59 -39.49 -9.29
CA SER B 634 -57.46 -38.55 -10.02
C SER B 634 -58.85 -38.34 -9.38
N LEU B 635 -58.95 -37.37 -8.47
CA LEU B 635 -60.19 -37.09 -7.75
C LEU B 635 -61.06 -35.99 -8.30
N ALA B 636 -62.21 -35.80 -7.67
CA ALA B 636 -63.16 -34.77 -8.06
C ALA B 636 -62.68 -33.38 -7.64
N PRO B 637 -63.07 -32.33 -8.40
CA PRO B 637 -62.67 -30.96 -8.08
C PRO B 637 -62.64 -30.61 -6.57
N GLU B 638 -63.79 -30.70 -5.92
CA GLU B 638 -63.85 -30.39 -4.50
C GLU B 638 -62.89 -31.25 -3.70
N VAL B 639 -62.69 -32.49 -4.14
CA VAL B 639 -61.80 -33.39 -3.43
C VAL B 639 -60.34 -32.92 -3.58
N HIS B 640 -59.96 -32.58 -4.80
CA HIS B 640 -58.61 -32.13 -5.10
C HIS B 640 -58.33 -30.82 -4.41
N GLN B 641 -59.39 -30.04 -4.18
CA GLN B 641 -59.21 -28.77 -3.52
C GLN B 641 -58.93 -29.01 -2.04
N GLN B 642 -59.83 -29.75 -1.41
CA GLN B 642 -59.69 -30.05 0.00
C GLN B 642 -58.29 -30.58 0.32
N ILE B 643 -57.86 -31.60 -0.41
CA ILE B 643 -56.54 -32.20 -0.20
C ILE B 643 -55.41 -31.21 -0.39
N SER B 644 -55.49 -30.43 -1.46
CA SER B 644 -54.46 -29.45 -1.74
C SER B 644 -54.33 -28.45 -0.59
N LYS B 645 -55.46 -28.15 0.05
CA LYS B 645 -55.45 -27.21 1.15
C LYS B 645 -54.62 -27.81 2.28
N GLN B 646 -54.93 -29.05 2.64
CA GLN B 646 -54.22 -29.77 3.70
C GLN B 646 -52.75 -30.03 3.38
N LEU B 647 -52.37 -29.87 2.11
CA LEU B 647 -51.00 -30.07 1.71
C LEU B 647 -50.25 -28.83 2.16
N ALA B 648 -50.90 -27.69 1.92
CA ALA B 648 -50.37 -26.41 2.29
C ALA B 648 -50.23 -26.33 3.81
N ASP B 649 -51.31 -26.61 4.53
CA ASP B 649 -51.25 -26.56 5.99
C ASP B 649 -50.07 -27.40 6.50
N ARG B 650 -49.77 -28.50 5.81
CA ARG B 650 -48.68 -29.35 6.23
C ARG B 650 -47.31 -28.71 5.95
N GLU B 651 -47.19 -28.03 4.83
CA GLU B 651 -45.93 -27.37 4.44
C GLU B 651 -45.65 -26.17 5.37
N ARG B 652 -46.71 -25.52 5.81
CA ARG B 652 -46.55 -24.37 6.68
C ARG B 652 -46.44 -24.82 8.14
N GLU B 653 -46.17 -26.10 8.36
CA GLU B 653 -46.02 -26.61 9.72
C GLU B 653 -44.61 -27.11 9.89
N LEU B 654 -44.17 -27.90 8.92
CA LEU B 654 -42.84 -28.49 8.94
C LEU B 654 -41.76 -27.61 8.32
N LEU B 655 -42.14 -26.74 7.39
CA LEU B 655 -41.13 -25.90 6.75
C LEU B 655 -40.10 -25.37 7.73
N PRO B 656 -40.55 -24.74 8.82
CA PRO B 656 -39.56 -24.23 9.78
C PRO B 656 -38.54 -25.32 10.16
N ILE B 657 -38.93 -26.23 11.04
CA ILE B 657 -38.01 -27.28 11.47
C ILE B 657 -37.25 -27.97 10.31
N TYR B 658 -37.86 -28.02 9.13
CA TYR B 658 -37.18 -28.65 8.00
C TYR B 658 -36.09 -27.74 7.47
N GLY B 659 -36.29 -26.44 7.62
CA GLY B 659 -35.28 -25.50 7.19
C GLY B 659 -34.11 -25.68 8.14
N GLN B 660 -34.45 -26.02 9.38
CA GLN B 660 -33.45 -26.26 10.41
C GLN B 660 -32.54 -27.39 9.97
N ILE B 661 -33.17 -28.44 9.45
CA ILE B 661 -32.47 -29.63 8.96
C ILE B 661 -31.51 -29.27 7.82
N SER B 662 -31.99 -28.49 6.86
CA SER B 662 -31.13 -28.11 5.74
C SER B 662 -29.90 -27.39 6.29
N LEU B 663 -30.08 -26.59 7.33
CA LEU B 663 -28.96 -25.87 7.94
C LEU B 663 -27.97 -26.87 8.53
N GLN B 664 -28.47 -27.73 9.41
CA GLN B 664 -27.62 -28.75 10.01
C GLN B 664 -26.94 -29.55 8.91
N PHE B 665 -27.69 -29.85 7.85
CA PHE B 665 -27.13 -30.61 6.76
C PHE B 665 -25.93 -29.87 6.15
N ALA B 666 -26.05 -28.56 6.00
CA ALA B 666 -25.00 -27.72 5.41
C ALA B 666 -23.80 -27.61 6.33
N ASP B 667 -24.09 -27.43 7.63
CA ASP B 667 -23.06 -27.29 8.65
C ASP B 667 -22.12 -28.48 8.74
N LEU B 668 -22.64 -29.68 8.47
CA LEU B 668 -21.85 -30.92 8.53
C LEU B 668 -20.81 -30.99 7.43
N HIS B 669 -20.78 -29.99 6.57
CA HIS B 669 -19.82 -29.95 5.47
C HIS B 669 -18.67 -29.02 5.83
N ASP B 670 -18.94 -28.13 6.78
CA ASP B 670 -17.98 -27.12 7.21
C ASP B 670 -17.21 -27.54 8.45
N ARG B 671 -16.71 -28.77 8.44
CA ARG B 671 -16.01 -29.25 9.59
C ARG B 671 -14.54 -29.44 9.28
N SER B 672 -13.72 -29.45 10.32
CA SER B 672 -12.29 -29.61 10.15
C SER B 672 -11.98 -30.96 9.54
N SER B 673 -12.82 -31.97 9.84
CA SER B 673 -12.61 -33.30 9.28
C SER B 673 -12.61 -33.27 7.76
N ARG B 674 -13.45 -32.42 7.20
CA ARG B 674 -13.48 -32.31 5.75
C ARG B 674 -12.20 -31.57 5.36
N VAL B 676 -9.40 -31.79 6.70
CA VAL B 676 -8.32 -32.78 6.71
C VAL B 676 -8.49 -33.65 5.47
N ALA B 677 -9.71 -34.16 5.28
CA ALA B 677 -10.04 -35.00 4.14
C ALA B 677 -9.59 -34.37 2.83
N LYS B 678 -9.78 -33.06 2.72
CA LYS B 678 -9.40 -32.32 1.51
C LYS B 678 -7.94 -31.95 1.47
N GLY B 679 -7.25 -32.08 2.61
CA GLY B 679 -5.86 -31.73 2.68
C GLY B 679 -5.59 -30.25 2.49
N VAL B 680 -6.46 -29.41 3.08
CA VAL B 680 -6.32 -27.97 2.98
C VAL B 680 -5.72 -27.39 4.25
N ILE B 681 -5.64 -28.20 5.30
CA ILE B 681 -5.03 -27.79 6.56
C ILE B 681 -3.98 -28.83 6.94
N SER B 682 -3.24 -28.57 8.00
CA SER B 682 -2.22 -29.50 8.42
C SER B 682 -2.71 -30.53 9.42
N LYS B 683 -3.55 -30.09 10.35
CA LYS B 683 -4.12 -30.97 11.37
C LYS B 683 -5.27 -30.24 12.03
N GLU B 684 -6.21 -30.99 12.59
CA GLU B 684 -7.29 -30.37 13.35
C GLU B 684 -6.70 -30.46 14.75
N LEU B 685 -7.00 -29.50 15.61
CA LEU B 685 -6.41 -29.52 16.93
C LEU B 685 -7.44 -29.24 17.99
N GLU B 686 -7.04 -29.42 19.25
CA GLU B 686 -7.93 -29.14 20.38
C GLU B 686 -7.45 -27.92 21.15
N TRP B 687 -8.30 -26.92 21.26
CA TRP B 687 -7.95 -25.68 21.96
C TRP B 687 -7.14 -25.85 23.24
N THR B 688 -7.75 -26.44 24.26
CA THR B 688 -7.07 -26.65 25.53
C THR B 688 -5.64 -27.15 25.32
N GLU B 689 -5.44 -27.95 24.29
CA GLU B 689 -4.13 -28.55 23.98
C GLU B 689 -3.30 -27.82 22.90
N ALA B 690 -3.74 -26.64 22.48
CA ALA B 690 -3.03 -25.87 21.44
C ALA B 690 -1.68 -25.29 21.86
N ARG B 691 -1.63 -24.72 23.07
CA ARG B 691 -0.40 -24.13 23.61
C ARG B 691 0.73 -25.14 23.52
N ARG B 692 0.45 -26.37 23.93
CA ARG B 692 1.42 -27.45 23.91
C ARG B 692 1.84 -27.78 22.48
N PHE B 693 0.87 -27.92 21.59
CA PHE B 693 1.19 -28.23 20.21
C PHE B 693 2.01 -27.14 19.54
N PHE B 694 1.54 -25.91 19.62
CA PHE B 694 2.25 -24.81 18.96
C PHE B 694 3.64 -24.52 19.48
N PHE B 695 3.85 -24.67 20.78
CA PHE B 695 5.16 -24.41 21.33
C PHE B 695 6.23 -25.24 20.63
N TRP B 696 5.98 -26.54 20.45
CA TRP B 696 6.97 -27.38 19.79
C TRP B 696 6.96 -27.29 18.26
N ARG B 697 5.82 -26.92 17.68
CA ARG B 697 5.78 -26.81 16.23
C ARG B 697 6.60 -25.59 15.84
N LEU B 698 6.47 -24.52 16.61
CA LEU B 698 7.21 -23.29 16.33
C LEU B 698 8.70 -23.49 16.56
N ARG B 699 9.03 -24.02 17.73
CA ARG B 699 10.41 -24.27 18.12
C ARG B 699 11.09 -25.14 17.07
N ARG B 700 10.35 -26.16 16.65
CA ARG B 700 10.80 -27.09 15.65
C ARG B 700 11.10 -26.37 14.34
N ARG B 701 10.13 -25.61 13.86
CA ARG B 701 10.30 -24.88 12.60
C ARG B 701 11.37 -23.80 12.68
N LEU B 702 11.50 -23.17 13.84
CA LEU B 702 12.54 -22.16 14.03
C LEU B 702 13.87 -22.85 13.77
N ASN B 703 14.01 -24.06 14.31
CA ASN B 703 15.23 -24.83 14.16
C ASN B 703 15.52 -25.31 12.75
N GLU B 704 14.48 -25.65 12.00
CA GLU B 704 14.69 -26.10 10.64
C GLU B 704 15.01 -24.93 9.73
N GLU B 705 14.38 -23.79 10.01
CA GLU B 705 14.62 -22.59 9.24
C GLU B 705 16.08 -22.19 9.45
N TYR B 706 16.54 -22.28 10.69
CA TYR B 706 17.92 -21.94 10.99
C TYR B 706 18.80 -22.83 10.11
N LEU B 707 18.47 -24.11 10.07
CA LEU B 707 19.23 -25.04 9.27
C LEU B 707 19.06 -24.79 7.78
N ILE B 708 17.90 -24.27 7.38
CA ILE B 708 17.64 -23.98 5.98
C ILE B 708 18.54 -22.86 5.47
N LYS B 709 18.75 -21.86 6.30
CA LYS B 709 19.61 -20.75 5.92
C LYS B 709 21.09 -21.15 5.92
N ARG B 710 21.60 -21.67 7.04
CA ARG B 710 23.00 -22.10 7.12
C ARG B 710 23.30 -22.97 5.91
N LEU B 711 22.27 -23.66 5.44
CA LEU B 711 22.43 -24.53 4.29
C LEU B 711 22.50 -23.64 3.08
N SER B 712 21.33 -23.21 2.57
CA SER B 712 21.27 -22.36 1.38
C SER B 712 22.59 -21.63 1.13
N HIS B 713 23.12 -21.01 2.19
CA HIS B 713 24.37 -20.28 2.12
C HIS B 713 25.57 -21.14 1.73
N GLN B 714 25.63 -21.46 0.44
CA GLN B 714 26.73 -22.23 -0.18
C GLN B 714 26.70 -22.09 -1.73
N VAL B 715 27.74 -22.61 -2.38
CA VAL B 715 27.88 -22.50 -3.84
C VAL B 715 26.93 -23.35 -4.74
N GLY B 716 25.66 -23.45 -4.36
CA GLY B 716 24.69 -24.21 -5.15
C GLY B 716 23.23 -24.05 -4.73
N GLU B 717 22.91 -22.98 -4.00
CA GLU B 717 21.54 -22.71 -3.54
C GLU B 717 20.44 -23.35 -4.40
N ALA B 718 19.70 -24.27 -3.79
CA ALA B 718 18.60 -24.98 -4.46
C ALA B 718 17.27 -24.42 -3.97
N SER B 719 16.21 -25.21 -4.10
CA SER B 719 14.88 -24.76 -3.67
C SER B 719 14.42 -25.32 -2.32
N ARG B 720 13.58 -24.57 -1.63
CA ARG B 720 13.05 -25.02 -0.34
C ARG B 720 12.96 -26.53 -0.30
N LEU B 721 11.92 -27.06 -0.95
CA LEU B 721 11.69 -28.49 -1.00
C LEU B 721 13.02 -29.23 -0.87
N GLU B 722 13.98 -28.87 -1.73
CA GLU B 722 15.29 -29.51 -1.71
C GLU B 722 16.07 -29.28 -0.42
N LYS B 723 16.30 -28.02 -0.06
CA LYS B 723 17.03 -27.72 1.17
C LYS B 723 16.40 -28.48 2.34
N ILE B 724 15.09 -28.32 2.52
CA ILE B 724 14.40 -28.99 3.62
C ILE B 724 14.50 -30.51 3.55
N ALA B 725 14.84 -31.04 2.38
CA ALA B 725 14.93 -32.48 2.19
C ALA B 725 16.36 -33.03 2.39
N ARG B 726 17.37 -32.23 2.08
CA ARG B 726 18.74 -32.69 2.29
C ARG B 726 18.95 -32.61 3.80
N ILE B 727 18.28 -31.67 4.45
CA ILE B 727 18.40 -31.53 5.90
C ILE B 727 17.75 -32.70 6.63
N ARG B 728 16.46 -32.90 6.36
CA ARG B 728 15.69 -33.97 7.01
C ARG B 728 16.26 -35.36 6.73
N SER B 729 17.10 -35.47 5.69
CA SER B 729 17.72 -36.75 5.38
C SER B 729 18.92 -36.95 6.26
N TRP B 730 19.24 -35.97 7.10
CA TRP B 730 20.39 -36.05 7.98
C TRP B 730 20.00 -36.64 9.32
N TYR B 731 18.73 -36.47 9.68
CA TYR B 731 18.20 -36.98 10.94
C TYR B 731 18.41 -38.49 11.04
N PRO B 732 18.38 -39.04 12.26
CA PRO B 732 18.54 -40.49 12.45
C PRO B 732 17.31 -41.14 11.82
N ALA B 733 17.51 -42.28 11.15
CA ALA B 733 16.38 -42.95 10.52
C ALA B 733 15.24 -43.24 11.50
N SER B 734 15.56 -43.24 12.79
CA SER B 734 14.56 -43.51 13.79
C SER B 734 13.78 -42.28 14.26
N VAL B 735 14.08 -41.12 13.71
CA VAL B 735 13.37 -39.91 14.09
C VAL B 735 12.11 -39.78 13.24
N ASP B 736 11.01 -39.35 13.86
CA ASP B 736 9.73 -39.17 13.18
C ASP B 736 9.57 -37.73 12.68
N HIS B 737 9.90 -37.48 11.42
CA HIS B 737 9.78 -36.14 10.83
C HIS B 737 8.44 -35.48 11.15
N GLU B 738 7.55 -36.22 11.77
CA GLU B 738 6.23 -35.71 12.10
C GLU B 738 6.16 -35.30 13.55
N ASP B 739 7.13 -35.72 14.36
CA ASP B 739 7.14 -35.35 15.77
C ASP B 739 7.96 -34.08 15.96
N ASP B 740 7.29 -33.00 16.32
CA ASP B 740 7.95 -31.70 16.52
C ASP B 740 8.97 -31.63 17.65
N ARG B 741 8.58 -32.10 18.83
CA ARG B 741 9.45 -32.09 20.01
C ARG B 741 10.70 -32.93 19.79
N GLN B 742 10.52 -34.09 19.18
CA GLN B 742 11.64 -34.98 18.94
C GLN B 742 12.63 -34.39 17.95
N VAL B 743 12.13 -33.78 16.87
CA VAL B 743 13.00 -33.20 15.86
C VAL B 743 13.73 -31.96 16.38
N ALA B 744 13.04 -31.15 17.18
CA ALA B 744 13.66 -29.97 17.74
C ALA B 744 14.76 -30.50 18.64
N THR B 745 14.38 -31.39 19.56
CA THR B 745 15.31 -32.00 20.48
C THR B 745 16.57 -32.52 19.81
N TRP B 746 16.44 -33.20 18.69
CA TRP B 746 17.61 -33.73 18.02
C TRP B 746 18.49 -32.66 17.43
N ILE B 747 17.88 -31.74 16.69
CA ILE B 747 18.62 -30.65 16.08
C ILE B 747 19.44 -29.87 17.10
N GLU B 748 18.81 -29.53 18.22
CA GLU B 748 19.47 -28.79 19.30
C GLU B 748 20.61 -29.59 19.92
N GLU B 749 20.45 -30.90 19.99
CA GLU B 749 21.50 -31.77 20.53
C GLU B 749 22.61 -31.98 19.48
N ASN B 750 22.47 -31.40 18.30
CA ASN B 750 23.48 -31.59 17.26
C ASN B 750 23.86 -30.39 16.41
N TYR B 751 23.66 -29.19 16.93
CA TYR B 751 24.01 -27.97 16.20
C TYR B 751 25.43 -28.01 15.67
N LYS B 752 26.37 -28.58 16.44
CA LYS B 752 27.75 -28.66 16.00
C LYS B 752 27.93 -29.82 15.04
N THR B 753 27.34 -30.96 15.39
CA THR B 753 27.43 -32.14 14.54
C THR B 753 26.84 -31.74 13.18
N LEU B 754 25.72 -31.01 13.22
CA LEU B 754 25.07 -30.52 12.01
C LEU B 754 26.02 -29.53 11.35
N ASP B 755 26.60 -28.66 12.16
CA ASP B 755 27.53 -27.66 11.66
C ASP B 755 28.69 -28.32 10.95
N ASP B 756 29.29 -29.33 11.57
CA ASP B 756 30.40 -30.03 10.93
C ASP B 756 30.01 -30.48 9.53
N LYS B 757 28.90 -31.19 9.43
CA LYS B 757 28.42 -31.71 8.16
C LYS B 757 28.31 -30.63 7.08
N LEU B 758 27.84 -29.46 7.49
CA LEU B 758 27.68 -28.34 6.55
C LEU B 758 29.02 -27.96 5.95
N LYS B 759 29.94 -27.53 6.81
CA LYS B 759 31.27 -27.16 6.37
C LYS B 759 31.87 -28.33 5.58
N GLY B 760 31.36 -29.53 5.84
CA GLY B 760 31.85 -30.71 5.14
C GLY B 760 31.40 -30.76 3.68
N LEU B 761 30.99 -29.60 3.15
CA LEU B 761 30.52 -29.48 1.78
C LEU B 761 31.15 -28.25 1.10
N LYS B 762 30.99 -27.13 1.65
#